data_9DIP
#
_entry.id   9DIP
#
_cell.length_a   103.539
_cell.length_b   74.760
_cell.length_c   131.101
_cell.angle_alpha   90.00
_cell.angle_beta   96.21
_cell.angle_gamma   90.00
#
_symmetry.space_group_name_H-M   'P 1 21 1'
#
loop_
_entity.id
_entity.type
_entity.pdbx_description
1 polymer 'Hemagglutinin HA1'
2 polymer 'Hemagglutinin HA2'
3 branched 'N-acetyl-alpha-neuraminic acid-(2-3)-beta-D-galactopyranose-(1-3)-2-acetamido-2-deoxy-beta-D-glucopyranose-(1-3)-beta-D-galactopyranose'
4 branched 'N-acetyl-alpha-neuraminic acid-(2-3)-beta-D-galactopyranose-(1-3)-2-acetamido-2-deoxy-beta-D-glucopyranose-(1-3)-beta-D-galactopyranose-(1-4)-alpha-D-glucopyranose'
5 branched 2-acetamido-2-deoxy-beta-D-glucopyranose-(1-4)-2-acetamido-2-deoxy-beta-D-glucopyranose
6 non-polymer 2-acetamido-2-deoxy-beta-D-glucopyranose
7 water water
#
loop_
_entity_poly.entity_id
_entity_poly.type
_entity_poly.pdbx_seq_one_letter_code
_entity_poly.pdbx_strand_id
1 'polypeptide(L)'
;ADPGDQICIGYHANNSTEQVDTIMEKNVTVTHAQDILEKTHNGKLCDLNGVKPLILKDCSVAGWLLGNPMCDEFIRVPEW
SYIVERANPANDLCYPGSLNDYEELKHMLSRINHFEKIQIIPKSSWPNHETSLGVSAACPYQGAPSFFRNVVWLIKKNDA
YPTIKISYNNTNREDLLILWGIHHSNNAEEQTNLYKNPITYISVGTSTLNQRLAPKIATRSQVNGQRGRMDFFWTILKPN
DAIHFESNGNFIAPEYAYKIVKKGDSTIMKSGVEYGHCNTKCQTPVGAINSSMPFHNIHPLTIGECPKYVKSNKLVLATG
LRNSP
;
A,C,I
2 'polypeptide(L)'
;GLFGAIAGFIEGGWQGMVDGWYGYHHSNEQGSGYAADKESTQKAIDGVTNKVNSIIDKMNTQFEAVGREFNNLERRIENL
NKKMEDGFLDVWTYNAELLVLMENERTLDFHDSNVKNLYDKVRLQLRDNAKELGNGCFEFYHKCDNECMESVRNGTYDYP
QYSEEARLKREEISSG
;
B,D,J
#
loop_
_chem_comp.id
_chem_comp.type
_chem_comp.name
_chem_comp.formula
GAL D-saccharide, beta linking beta-D-galactopyranose 'C6 H12 O6'
GLC D-saccharide, alpha linking alpha-D-glucopyranose 'C6 H12 O6'
NAG D-saccharide, beta linking 2-acetamido-2-deoxy-beta-D-glucopyranose 'C8 H15 N O6'
SIA D-saccharide, alpha linking 'N-acetyl-alpha-neuraminic acid' 'C11 H19 N O9'
#
# COMPACT_ATOMS: atom_id res chain seq x y z
N GLY A 4 -35.25 36.61 -43.39
CA GLY A 4 -35.95 36.89 -42.15
C GLY A 4 -35.03 37.08 -40.97
N ASP A 5 -35.59 36.99 -39.76
CA ASP A 5 -34.84 37.15 -38.53
C ASP A 5 -34.25 35.82 -38.09
N GLN A 6 -33.15 35.90 -37.33
CA GLN A 6 -32.39 34.72 -36.94
C GLN A 6 -32.05 34.74 -35.45
N ILE A 7 -32.12 33.58 -34.82
CA ILE A 7 -31.61 33.35 -33.47
C ILE A 7 -30.73 32.10 -33.51
N CYS A 8 -29.64 32.12 -32.74
CA CYS A 8 -28.62 31.09 -32.86
C CYS A 8 -28.22 30.58 -31.48
N ILE A 9 -27.61 29.39 -31.47
CA ILE A 9 -27.09 28.75 -30.27
C ILE A 9 -25.59 28.60 -30.41
N GLY A 10 -24.85 29.05 -29.40
CA GLY A 10 -23.40 29.01 -29.43
C GLY A 10 -22.82 28.98 -28.03
N TYR A 11 -21.49 28.95 -27.96
CA TYR A 11 -20.80 28.82 -26.69
C TYR A 11 -19.56 29.72 -26.68
N HIS A 12 -19.03 29.90 -25.47
CA HIS A 12 -17.96 30.86 -25.22
C HIS A 12 -16.65 30.46 -25.89
N ALA A 13 -15.88 31.47 -26.28
CA ALA A 13 -14.50 31.30 -26.73
C ALA A 13 -13.69 32.50 -26.29
N ASN A 14 -12.39 32.31 -26.07
CA ASN A 14 -11.54 33.36 -25.53
C ASN A 14 -10.12 33.19 -26.07
N ASN A 15 -9.18 33.94 -25.48
CA ASN A 15 -7.78 33.93 -25.89
C ASN A 15 -7.02 32.82 -25.15
N SER A 16 -7.43 31.59 -25.41
CA SER A 16 -7.07 30.45 -24.57
C SER A 16 -6.16 29.50 -25.33
N THR A 17 -4.98 29.24 -24.76
CA THR A 17 -3.98 28.33 -25.31
C THR A 17 -3.77 27.11 -24.43
N GLU A 18 -4.70 26.83 -23.52
CA GLU A 18 -4.48 25.92 -22.40
C GLU A 18 -5.06 24.55 -22.73
N GLN A 19 -4.23 23.53 -22.60
CA GLN A 19 -4.54 22.20 -23.12
C GLN A 19 -4.69 21.21 -21.98
N VAL A 20 -5.79 20.48 -21.99
CA VAL A 20 -5.96 19.32 -21.12
C VAL A 20 -5.99 18.08 -22.01
N ASP A 21 -5.87 16.92 -21.38
CA ASP A 21 -6.01 15.65 -22.07
C ASP A 21 -7.22 14.90 -21.51
N THR A 22 -7.88 14.16 -22.38
CA THR A 22 -8.98 13.29 -22.01
C THR A 22 -8.58 11.84 -22.23
N ILE A 23 -9.48 10.93 -21.87
CA ILE A 23 -9.19 9.52 -22.07
C ILE A 23 -9.15 9.18 -23.55
N MET A 24 -9.91 9.90 -24.38
CA MET A 24 -9.99 9.62 -25.81
C MET A 24 -9.27 10.65 -26.67
N GLU A 25 -8.88 11.80 -26.11
CA GLU A 25 -8.21 12.83 -26.88
C GLU A 25 -7.12 13.49 -26.05
N LYS A 26 -6.12 14.04 -26.74
CA LYS A 26 -4.98 14.69 -26.11
C LYS A 26 -4.75 16.05 -26.75
N ASN A 27 -4.13 16.94 -25.99
CA ASN A 27 -3.82 18.31 -26.43
C ASN A 27 -5.08 19.05 -26.88
N VAL A 28 -6.14 18.94 -26.08
CA VAL A 28 -7.40 19.60 -26.35
C VAL A 28 -7.40 20.96 -25.67
N THR A 29 -7.47 22.02 -26.46
CA THR A 29 -7.47 23.38 -25.93
C THR A 29 -8.84 23.72 -25.35
N VAL A 30 -8.85 24.30 -24.15
CA VAL A 30 -10.07 24.65 -23.45
C VAL A 30 -9.98 26.11 -23.02
N THR A 31 -11.12 26.65 -22.57
CA THR A 31 -11.18 28.05 -22.17
C THR A 31 -10.64 28.24 -20.75
N HIS A 32 -11.08 27.40 -19.81
CA HIS A 32 -10.67 27.50 -18.42
C HIS A 32 -10.17 26.14 -17.94
N ALA A 33 -9.14 26.15 -17.10
CA ALA A 33 -8.57 24.92 -16.59
C ALA A 33 -7.94 25.17 -15.23
N GLN A 34 -7.67 24.09 -14.50
CA GLN A 34 -7.09 24.19 -13.18
C GLN A 34 -6.18 22.99 -12.92
N ASP A 35 -5.01 23.26 -12.36
CA ASP A 35 -4.06 22.22 -11.98
C ASP A 35 -4.26 21.85 -10.51
N ILE A 36 -4.29 20.56 -10.22
CA ILE A 36 -4.46 20.07 -8.86
C ILE A 36 -3.18 19.46 -8.30
N LEU A 37 -2.05 19.68 -8.97
CA LEU A 37 -0.76 19.14 -8.55
C LEU A 37 0.09 20.26 -7.97
N GLU A 38 0.41 20.16 -6.68
CA GLU A 38 1.24 21.15 -6.02
C GLU A 38 2.70 20.96 -6.43
N LYS A 39 3.34 22.05 -6.87
CA LYS A 39 4.72 22.01 -7.29
C LYS A 39 5.62 23.02 -6.58
N THR A 40 5.06 23.87 -5.74
CA THR A 40 5.77 25.03 -5.22
C THR A 40 5.94 24.92 -3.70
N HIS A 41 7.13 25.28 -3.23
CA HIS A 41 7.46 25.29 -1.82
C HIS A 41 8.26 26.55 -1.52
N ASN A 42 8.26 26.95 -0.24
CA ASN A 42 8.94 28.19 0.14
C ASN A 42 10.46 28.04 0.21
N GLY A 43 10.99 26.83 0.10
CA GLY A 43 12.43 26.63 0.09
C GLY A 43 13.10 26.74 1.44
N LYS A 44 12.35 26.69 2.54
CA LYS A 44 12.89 26.85 3.88
C LYS A 44 12.42 25.72 4.79
N LEU A 45 13.13 25.58 5.91
CA LEU A 45 12.68 24.71 7.00
C LEU A 45 11.91 25.57 8.00
N CYS A 46 10.69 25.13 8.33
CA CYS A 46 9.80 25.92 9.16
C CYS A 46 9.42 25.14 10.42
N ASP A 47 8.74 25.83 11.34
CA ASP A 47 8.12 25.16 12.47
C ASP A 47 7.01 24.23 11.98
N LEU A 48 6.74 23.20 12.75
CA LEU A 48 5.69 22.24 12.44
C LEU A 48 4.56 22.44 13.45
N ASN A 49 3.48 23.10 13.00
CA ASN A 49 2.32 23.38 13.84
C ASN A 49 2.71 24.14 15.10
N GLY A 50 3.56 25.15 14.92
CA GLY A 50 3.93 26.05 15.99
C GLY A 50 5.15 25.65 16.80
N VAL A 51 5.74 24.48 16.53
CA VAL A 51 6.86 23.98 17.30
C VAL A 51 8.11 23.97 16.40
N LYS A 52 9.18 24.58 16.91
CA LYS A 52 10.42 24.70 16.16
C LYS A 52 11.11 23.34 16.05
N PRO A 53 11.79 23.07 14.94
CA PRO A 53 12.62 21.87 14.87
C PRO A 53 13.90 22.03 15.68
N LEU A 54 14.45 20.90 16.10
CA LEU A 54 15.77 20.85 16.70
C LEU A 54 16.79 20.72 15.57
N ILE A 55 17.48 21.82 15.27
CA ILE A 55 18.42 21.86 14.15
C ILE A 55 19.81 21.64 14.73
N LEU A 56 20.33 20.43 14.55
CA LEU A 56 21.74 20.16 14.80
C LEU A 56 22.52 20.55 13.55
N LYS A 57 23.52 21.41 13.72
CA LYS A 57 24.17 22.01 12.56
C LYS A 57 25.02 21.00 11.81
N ASP A 58 26.09 20.52 12.46
CA ASP A 58 26.95 19.49 11.90
C ASP A 58 27.19 18.37 12.91
N CYS A 59 26.34 18.29 13.92
CA CYS A 59 26.45 17.31 15.00
C CYS A 59 25.39 16.23 14.79
N SER A 60 25.76 14.98 15.04
CA SER A 60 24.77 13.92 15.06
C SER A 60 24.02 13.94 16.39
N VAL A 61 23.00 13.08 16.48
CA VAL A 61 22.27 12.96 17.74
C VAL A 61 23.17 12.44 18.84
N ALA A 62 24.03 11.46 18.52
CA ALA A 62 24.92 10.87 19.52
C ALA A 62 25.89 11.90 20.09
N GLY A 63 26.50 12.70 19.21
CA GLY A 63 27.43 13.72 19.69
C GLY A 63 26.75 14.80 20.51
N TRP A 64 25.52 15.15 20.15
CA TRP A 64 24.76 16.13 20.90
C TRP A 64 24.39 15.62 22.28
N LEU A 65 23.97 14.36 22.38
CA LEU A 65 23.55 13.81 23.67
C LEU A 65 24.74 13.65 24.62
N LEU A 66 25.82 13.04 24.12
CA LEU A 66 26.97 12.76 24.98
C LEU A 66 27.78 14.00 25.32
N GLY A 67 27.64 15.07 24.53
CA GLY A 67 28.40 16.28 24.78
C GLY A 67 29.71 16.34 24.03
N ASN A 68 29.67 16.06 22.73
CA ASN A 68 30.87 16.15 21.91
C ASN A 68 31.43 17.58 22.02
N PRO A 69 32.73 17.73 22.28
CA PRO A 69 33.27 19.09 22.55
C PRO A 69 33.03 20.08 21.43
N MET A 70 32.99 19.63 20.17
CA MET A 70 32.73 20.53 19.05
C MET A 70 31.24 20.76 18.81
N CYS A 71 30.37 20.34 19.71
CA CYS A 71 28.94 20.59 19.60
C CYS A 71 28.48 21.49 20.74
N ASP A 72 27.36 22.18 20.50
CA ASP A 72 26.88 23.17 21.45
C ASP A 72 26.57 22.55 22.81
N GLU A 73 26.93 23.28 23.87
CA GLU A 73 26.91 22.74 25.23
C GLU A 73 25.61 23.00 25.98
N PHE A 74 24.76 23.90 25.48
CA PHE A 74 23.57 24.32 26.22
C PHE A 74 22.32 24.03 25.41
N ILE A 75 21.36 23.34 26.02
CA ILE A 75 20.09 23.14 25.34
C ILE A 75 19.32 24.46 25.36
N ARG A 76 19.04 24.99 24.17
CA ARG A 76 18.27 26.22 24.04
C ARG A 76 16.80 25.95 23.80
N VAL A 77 16.45 24.72 23.44
CA VAL A 77 15.08 24.37 23.04
C VAL A 77 14.57 23.25 23.95
N PRO A 78 13.56 23.51 24.77
CA PRO A 78 12.99 22.43 25.60
C PRO A 78 12.01 21.54 24.86
N GLU A 79 11.62 21.88 23.62
CA GLU A 79 10.65 21.09 22.90
C GLU A 79 10.85 21.30 21.40
N TRP A 80 10.83 20.21 20.65
CA TRP A 80 10.95 20.30 19.19
C TRP A 80 9.98 19.32 18.54
N SER A 81 9.62 19.64 17.29
CA SER A 81 8.68 18.84 16.52
C SER A 81 9.37 17.81 15.64
N TYR A 82 10.57 18.11 15.16
CA TYR A 82 11.37 17.14 14.42
C TYR A 82 12.82 17.56 14.51
N ILE A 83 13.71 16.64 14.15
CA ILE A 83 15.15 16.85 14.23
C ILE A 83 15.69 16.98 12.81
N VAL A 84 16.56 17.96 12.60
CA VAL A 84 17.24 18.15 11.32
C VAL A 84 18.72 17.79 11.52
N GLU A 85 19.19 16.83 10.73
CA GLU A 85 20.59 16.45 10.68
C GLU A 85 21.09 16.65 9.25
N ARG A 86 22.38 16.90 9.12
CA ARG A 86 22.98 16.85 7.80
C ARG A 86 23.19 15.40 7.39
N ALA A 87 23.41 15.18 6.09
CA ALA A 87 23.48 13.82 5.56
C ALA A 87 24.58 13.02 6.26
N ASN A 88 25.76 13.60 6.42
CA ASN A 88 26.87 12.97 7.12
C ASN A 88 27.44 13.96 8.13
N PRO A 89 26.88 13.99 9.34
CA PRO A 89 27.38 14.94 10.36
C PRO A 89 28.86 14.71 10.66
N ALA A 90 29.58 15.82 10.85
CA ALA A 90 31.01 15.74 11.10
C ALA A 90 31.35 15.31 12.53
N ASN A 91 30.53 15.67 13.50
CA ASN A 91 30.83 15.45 14.91
C ASN A 91 29.83 14.43 15.47
N ASP A 92 30.16 13.14 15.34
CA ASP A 92 29.29 12.10 15.85
C ASP A 92 29.79 11.49 17.16
N LEU A 93 30.97 10.88 17.13
CA LEU A 93 31.57 10.23 18.30
C LEU A 93 33.06 10.46 18.17
N CYS A 94 33.55 11.53 18.80
CA CYS A 94 34.96 11.90 18.66
C CYS A 94 35.87 10.76 19.07
N TYR A 95 35.60 10.17 20.23
CA TYR A 95 36.29 8.93 20.60
C TYR A 95 35.57 7.76 19.93
N PRO A 96 36.26 6.94 19.14
CA PRO A 96 35.57 5.92 18.35
C PRO A 96 34.87 4.89 19.22
N GLY A 97 33.78 4.35 18.69
CA GLY A 97 32.99 3.36 19.41
C GLY A 97 31.60 3.21 18.85
N SER A 98 30.60 3.11 19.73
CA SER A 98 29.23 2.93 19.28
C SER A 98 28.28 3.38 20.39
N LEU A 99 27.06 3.67 19.98
CA LEU A 99 25.95 3.96 20.90
C LEU A 99 24.88 2.91 20.67
N ASN A 100 24.52 2.20 21.73
CA ASN A 100 23.63 1.05 21.60
C ASN A 100 22.20 1.48 21.29
N ASP A 101 21.53 0.73 20.42
CA ASP A 101 20.15 1.00 20.02
C ASP A 101 20.00 2.42 19.52
N TYR A 102 20.94 2.85 18.68
CA TYR A 102 21.03 4.24 18.27
C TYR A 102 19.81 4.69 17.48
N GLU A 103 19.35 3.86 16.54
CA GLU A 103 18.24 4.27 15.67
C GLU A 103 16.93 4.37 16.45
N GLU A 104 16.71 3.46 17.41
CA GLU A 104 15.50 3.56 18.23
C GLU A 104 15.58 4.77 19.14
N LEU A 105 16.76 5.10 19.66
CA LEU A 105 16.92 6.29 20.47
C LEU A 105 16.64 7.55 19.66
N LYS A 106 17.13 7.60 18.41
CA LYS A 106 16.89 8.76 17.56
C LYS A 106 15.40 8.92 17.26
N HIS A 107 14.71 7.81 17.00
CA HIS A 107 13.27 7.88 16.71
C HIS A 107 12.50 8.42 17.91
N MET A 108 12.86 7.97 19.11
CA MET A 108 12.17 8.44 20.31
C MET A 108 12.37 9.95 20.50
N LEU A 109 13.58 10.44 20.23
CA LEU A 109 13.89 11.85 20.42
C LEU A 109 13.46 12.73 19.26
N SER A 110 12.79 12.17 18.24
CA SER A 110 12.44 12.95 17.05
C SER A 110 11.49 14.08 17.39
N ARG A 111 10.49 13.81 18.24
CA ARG A 111 9.59 14.85 18.74
C ARG A 111 9.49 14.72 20.25
N ILE A 112 9.95 15.75 20.96
CA ILE A 112 10.03 15.73 22.42
C ILE A 112 9.24 16.90 22.97
N ASN A 113 8.33 16.62 23.91
CA ASN A 113 7.52 17.66 24.51
C ASN A 113 8.29 18.48 25.53
N HIS A 114 9.17 17.85 26.30
CA HIS A 114 10.00 18.56 27.27
C HIS A 114 11.34 17.86 27.41
N PHE A 115 12.41 18.65 27.36
CA PHE A 115 13.78 18.16 27.44
C PHE A 115 14.57 19.10 28.33
N GLU A 116 15.35 18.54 29.27
CA GLU A 116 16.09 19.38 30.21
C GLU A 116 17.26 18.59 30.77
N LYS A 117 18.48 19.10 30.56
CA LYS A 117 19.66 18.46 31.11
C LYS A 117 19.82 18.81 32.59
N ILE A 118 20.00 17.78 33.41
CA ILE A 118 20.23 17.97 34.84
C ILE A 118 21.45 17.15 35.24
N GLN A 119 22.09 17.58 36.33
CA GLN A 119 23.23 16.87 36.89
C GLN A 119 22.75 15.87 37.93
N ILE A 120 23.07 14.60 37.73
CA ILE A 120 22.64 13.53 38.64
C ILE A 120 23.80 13.03 39.49
N ILE A 121 25.01 12.99 38.93
CA ILE A 121 26.19 12.52 39.65
C ILE A 121 27.30 13.54 39.51
N PRO A 122 27.48 14.45 40.46
CA PRO A 122 28.56 15.44 40.36
C PRO A 122 29.93 14.78 40.46
N LYS A 123 30.93 15.49 39.95
CA LYS A 123 32.29 14.97 39.96
C LYS A 123 32.83 14.81 41.38
N SER A 124 32.21 15.45 42.37
CA SER A 124 32.61 15.25 43.76
C SER A 124 32.23 13.89 44.30
N SER A 125 31.43 13.11 43.55
CA SER A 125 30.98 11.80 43.99
C SER A 125 32.02 10.71 43.78
N TRP A 126 33.17 11.03 43.19
CA TRP A 126 34.24 10.06 42.94
C TRP A 126 35.50 10.47 43.69
N PRO A 127 35.48 10.40 45.02
CA PRO A 127 36.65 10.86 45.77
C PRO A 127 37.88 9.97 45.62
N ASN A 128 37.69 8.68 45.40
CA ASN A 128 38.80 7.73 45.31
C ASN A 128 39.22 7.45 43.88
N HIS A 129 38.74 8.21 42.91
CA HIS A 129 39.09 8.02 41.51
C HIS A 129 39.45 9.35 40.88
N GLU A 130 40.35 9.29 39.89
CA GLU A 130 40.75 10.48 39.15
C GLU A 130 39.65 10.88 38.17
N THR A 131 39.27 12.16 38.20
CA THR A 131 38.16 12.65 37.39
C THR A 131 38.57 13.77 36.44
N SER A 132 39.88 13.99 36.23
CA SER A 132 40.34 15.03 35.34
C SER A 132 41.37 14.57 34.32
N LEU A 133 41.74 13.30 34.33
CA LEU A 133 42.67 12.75 33.34
C LEU A 133 41.98 12.05 32.19
N GLY A 134 40.65 11.93 32.22
CA GLY A 134 39.92 11.25 31.17
C GLY A 134 39.72 12.08 29.93
N VAL A 135 40.79 12.30 29.17
CA VAL A 135 40.77 13.11 27.96
C VAL A 135 41.44 12.34 26.84
N SER A 136 41.21 12.81 25.61
CA SER A 136 41.76 12.14 24.44
C SER A 136 42.00 13.17 23.34
N ALA A 137 43.04 12.92 22.54
CA ALA A 137 43.28 13.72 21.36
C ALA A 137 42.23 13.47 20.28
N ALA A 138 41.48 12.37 20.39
CA ALA A 138 40.37 12.12 19.47
C ALA A 138 39.23 13.10 19.68
N CYS A 139 39.14 13.72 20.86
CA CYS A 139 38.11 14.72 21.18
C CYS A 139 38.81 16.04 21.46
N PRO A 140 39.26 16.74 20.42
CA PRO A 140 39.96 18.01 20.63
C PRO A 140 39.01 19.10 21.09
N TYR A 141 39.58 20.10 21.77
CA TYR A 141 38.82 21.31 22.08
C TYR A 141 39.81 22.44 22.31
N GLN A 142 39.80 23.43 21.42
CA GLN A 142 40.67 24.60 21.51
C GLN A 142 42.13 24.19 21.66
N GLY A 143 42.57 23.29 20.78
CA GLY A 143 43.95 22.84 20.76
C GLY A 143 44.38 22.06 21.98
N ALA A 144 43.51 21.20 22.51
CA ALA A 144 43.86 20.42 23.68
C ALA A 144 43.00 19.17 23.73
N PRO A 145 43.54 18.03 24.19
CA PRO A 145 42.69 16.84 24.36
C PRO A 145 41.56 17.10 25.34
N SER A 146 40.40 16.53 25.04
CA SER A 146 39.19 16.73 25.84
C SER A 146 38.36 15.45 25.75
N PHE A 147 37.09 15.55 26.11
CA PHE A 147 36.22 14.38 26.16
C PHE A 147 34.77 14.84 26.11
N PHE A 148 33.86 13.88 25.95
CA PHE A 148 32.44 14.17 26.02
C PHE A 148 32.11 14.87 27.32
N ARG A 149 31.29 15.92 27.23
CA ARG A 149 31.03 16.77 28.39
C ARG A 149 30.04 16.14 29.37
N ASN A 150 29.12 15.30 28.90
CA ASN A 150 28.04 14.80 29.74
C ASN A 150 28.38 13.49 30.45
N VAL A 151 29.56 12.91 30.20
CA VAL A 151 30.02 11.72 30.90
C VAL A 151 31.46 11.95 31.34
N VAL A 152 31.87 11.22 32.38
CA VAL A 152 33.19 11.38 32.97
C VAL A 152 33.95 10.06 32.84
N TRP A 153 35.15 10.14 32.29
CA TRP A 153 36.02 8.98 32.09
C TRP A 153 36.86 8.80 33.35
N LEU A 154 36.43 7.89 34.22
CA LEU A 154 37.12 7.69 35.49
C LEU A 154 38.41 6.90 35.30
N ILE A 155 39.43 7.28 36.07
CA ILE A 155 40.76 6.70 35.99
C ILE A 155 41.23 6.39 37.42
N LYS A 156 42.13 5.41 37.53
CA LYS A 156 42.68 5.04 38.82
C LYS A 156 43.37 6.24 39.49
N LYS A 157 43.37 6.24 40.81
CA LYS A 157 44.06 7.26 41.59
C LYS A 157 44.96 6.56 42.60
N ASN A 158 46.23 6.99 42.66
CA ASN A 158 47.22 6.39 43.55
C ASN A 158 47.37 4.89 43.28
N ASP A 159 47.42 4.52 42.01
CA ASP A 159 47.59 3.13 41.58
C ASP A 159 46.52 2.23 42.19
N ALA A 160 45.30 2.75 42.31
CA ALA A 160 44.20 2.00 42.89
C ALA A 160 42.90 2.42 42.22
N TYR A 161 42.04 1.45 41.94
CA TYR A 161 40.70 1.69 41.41
C TYR A 161 39.73 0.95 42.32
N PRO A 162 39.29 1.58 43.41
CA PRO A 162 38.32 0.93 44.30
C PRO A 162 37.02 0.63 43.56
N THR A 163 36.34 -0.42 43.99
CA THR A 163 35.08 -0.80 43.37
C THR A 163 34.04 0.29 43.58
N ILE A 164 33.43 0.72 42.48
CA ILE A 164 32.40 1.75 42.52
C ILE A 164 31.07 1.11 42.86
N LYS A 165 30.35 1.70 43.82
CA LYS A 165 29.00 1.27 44.18
C LYS A 165 28.19 2.54 44.45
N ILE A 166 27.50 3.02 43.42
CA ILE A 166 26.75 4.27 43.49
C ILE A 166 25.36 4.06 42.92
N SER A 167 24.37 4.71 43.52
CA SER A 167 23.00 4.63 43.07
C SER A 167 22.43 6.03 42.93
N TYR A 168 21.46 6.16 42.04
CA TYR A 168 20.74 7.41 41.88
C TYR A 168 19.25 7.12 41.78
N ASN A 169 18.45 7.84 42.57
CA ASN A 169 17.00 7.70 42.59
C ASN A 169 16.39 8.85 41.81
N ASN A 170 15.45 8.53 40.93
CA ASN A 170 14.80 9.56 40.11
C ASN A 170 13.68 10.20 40.94
N THR A 171 14.04 11.27 41.65
CA THR A 171 13.07 12.01 42.46
C THR A 171 12.28 13.01 41.65
N ASN A 172 12.60 13.18 40.37
CA ASN A 172 11.84 14.07 39.50
C ASN A 172 10.52 13.41 39.10
N ARG A 173 9.59 14.23 38.61
CA ARG A 173 8.31 13.72 38.15
C ARG A 173 8.35 13.21 36.71
N GLU A 174 9.45 13.39 36.01
CA GLU A 174 9.58 13.00 34.61
C GLU A 174 10.60 11.90 34.44
N ASP A 175 10.46 11.16 33.34
CA ASP A 175 11.42 10.12 32.98
C ASP A 175 12.80 10.75 32.75
N LEU A 176 13.83 9.97 33.06
CA LEU A 176 15.21 10.39 32.85
C LEU A 176 15.87 9.51 31.78
N LEU A 177 16.44 10.15 30.77
CA LEU A 177 17.31 9.49 29.81
C LEU A 177 18.74 9.53 30.35
N ILE A 178 19.32 8.37 30.62
CA ILE A 178 20.64 8.25 31.23
C ILE A 178 21.54 7.48 30.28
N LEU A 179 22.75 7.99 30.07
CA LEU A 179 23.74 7.33 29.22
C LEU A 179 25.00 7.04 30.02
N TRP A 180 25.62 5.90 29.73
CA TRP A 180 26.89 5.51 30.34
C TRP A 180 27.69 4.73 29.30
N GLY A 181 28.87 4.30 29.69
CA GLY A 181 29.73 3.62 28.73
C GLY A 181 30.72 2.69 29.38
N ILE A 182 31.37 1.90 28.53
CA ILE A 182 32.49 1.06 28.91
C ILE A 182 33.64 1.33 27.94
N HIS A 183 34.86 1.33 28.45
CA HIS A 183 36.03 1.58 27.62
C HIS A 183 36.76 0.27 27.36
N HIS A 184 37.00 -0.03 26.08
CA HIS A 184 37.74 -1.22 25.68
C HIS A 184 39.21 -0.87 25.51
N SER A 185 40.06 -1.46 26.35
CA SER A 185 41.49 -1.19 26.31
C SER A 185 42.12 -1.79 25.05
N ASN A 186 43.39 -1.44 24.84
CA ASN A 186 44.15 -1.94 23.70
C ASN A 186 45.05 -3.11 24.03
N ASN A 187 45.55 -3.18 25.26
CA ASN A 187 46.44 -4.26 25.67
C ASN A 187 46.43 -4.34 27.19
N ALA A 188 47.09 -5.38 27.72
CA ALA A 188 47.14 -5.59 29.15
C ALA A 188 47.85 -4.45 29.86
N GLU A 189 48.95 -3.96 29.29
CA GLU A 189 49.70 -2.88 29.93
C GLU A 189 48.87 -1.61 30.04
N GLU A 190 48.13 -1.27 28.97
CA GLU A 190 47.28 -0.09 29.02
C GLU A 190 46.15 -0.26 30.04
N GLN A 191 45.61 -1.48 30.17
CA GLN A 191 44.54 -1.73 31.12
C GLN A 191 44.99 -1.46 32.55
N THR A 192 46.19 -1.93 32.93
CA THR A 192 46.68 -1.69 34.28
C THR A 192 47.18 -0.27 34.46
N ASN A 193 47.65 0.37 33.39
CA ASN A 193 48.07 1.78 33.50
C ASN A 193 46.90 2.70 33.79
N LEU A 194 45.70 2.36 33.30
CA LEU A 194 44.54 3.23 33.48
C LEU A 194 43.71 2.84 34.69
N TYR A 195 43.54 1.54 34.96
CA TYR A 195 42.62 1.08 35.98
C TYR A 195 43.23 0.17 37.03
N LYS A 196 44.43 -0.37 36.81
CA LYS A 196 45.20 -1.14 37.77
C LYS A 196 44.56 -2.51 38.03
N ASN A 197 43.34 -2.71 37.56
CA ASN A 197 42.65 -3.97 37.76
C ASN A 197 42.65 -4.74 36.46
N PRO A 198 43.25 -5.94 36.41
CA PRO A 198 43.37 -6.62 35.11
C PRO A 198 42.05 -7.12 34.56
N ILE A 199 41.18 -7.68 35.40
CA ILE A 199 39.89 -8.19 34.97
C ILE A 199 38.81 -7.33 35.62
N THR A 200 38.03 -6.64 34.79
CA THR A 200 37.07 -5.65 35.27
C THR A 200 35.68 -5.96 34.72
N TYR A 201 34.70 -5.24 35.24
CA TYR A 201 33.30 -5.44 34.86
C TYR A 201 32.53 -4.15 35.10
N ILE A 202 31.35 -4.06 34.50
CA ILE A 202 30.40 -3.00 34.76
C ILE A 202 29.02 -3.64 34.94
N SER A 203 28.38 -3.36 36.08
CA SER A 203 27.02 -3.79 36.34
C SER A 203 26.13 -2.56 36.44
N VAL A 204 25.00 -2.58 35.73
CA VAL A 204 24.00 -1.52 35.79
C VAL A 204 22.64 -2.17 36.00
N GLY A 205 21.93 -1.71 37.03
CA GLY A 205 20.66 -2.31 37.37
C GLY A 205 19.56 -1.32 37.72
N THR A 206 18.39 -1.51 37.12
CA THR A 206 17.19 -0.76 37.47
C THR A 206 16.11 -1.79 37.73
N SER A 207 14.85 -1.34 37.81
CA SER A 207 13.73 -2.26 37.92
C SER A 207 13.57 -3.13 36.67
N THR A 208 14.03 -2.66 35.52
CA THR A 208 13.95 -3.43 34.28
C THR A 208 15.30 -3.71 33.64
N LEU A 209 16.31 -2.87 33.88
CA LEU A 209 17.62 -3.06 33.28
C LEU A 209 18.45 -4.02 34.12
N ASN A 210 19.16 -4.94 33.44
CA ASN A 210 20.04 -5.89 34.10
C ASN A 210 21.20 -6.17 33.15
N GLN A 211 22.28 -5.42 33.32
CA GLN A 211 23.41 -5.44 32.39
C GLN A 211 24.71 -5.72 33.15
N ARG A 212 25.53 -6.62 32.61
CA ARG A 212 26.89 -6.81 33.08
C ARG A 212 27.81 -6.89 31.86
N LEU A 213 28.83 -6.05 31.84
CA LEU A 213 29.74 -5.95 30.70
C LEU A 213 31.18 -6.15 31.17
N ALA A 214 32.00 -6.72 30.28
CA ALA A 214 33.42 -6.83 30.48
C ALA A 214 34.14 -6.24 29.27
N PRO A 215 35.26 -5.57 29.49
CA PRO A 215 35.98 -4.95 28.36
C PRO A 215 36.54 -6.01 27.42
N LYS A 216 36.59 -5.65 26.14
CA LYS A 216 37.14 -6.51 25.11
C LYS A 216 38.52 -5.96 24.73
N ILE A 217 39.55 -6.46 25.42
CA ILE A 217 40.92 -6.02 25.22
C ILE A 217 41.46 -6.70 23.97
N ALA A 218 41.62 -5.94 22.88
CA ALA A 218 42.05 -6.53 21.62
C ALA A 218 42.64 -5.45 20.74
N THR A 219 43.35 -5.90 19.70
CA THR A 219 43.96 -5.00 18.72
C THR A 219 42.93 -4.57 17.69
N ARG A 220 42.87 -3.26 17.43
CA ARG A 220 41.91 -2.69 16.51
C ARG A 220 42.58 -1.62 15.66
N SER A 221 41.93 -1.26 14.56
CA SER A 221 42.43 -0.23 13.68
C SER A 221 42.25 1.15 14.31
N GLN A 222 43.12 2.07 13.92
CA GLN A 222 43.03 3.44 14.43
C GLN A 222 41.85 4.17 13.79
N VAL A 223 41.01 4.77 14.63
CA VAL A 223 39.92 5.64 14.19
C VAL A 223 40.04 6.93 14.99
N ASN A 224 40.13 8.06 14.29
CA ASN A 224 40.42 9.35 14.91
C ASN A 224 41.69 9.27 15.76
N GLY A 225 42.65 8.49 15.29
CA GLY A 225 43.94 8.37 15.94
C GLY A 225 44.00 7.41 17.11
N GLN A 226 42.90 6.73 17.44
CA GLN A 226 42.85 5.86 18.60
C GLN A 226 42.46 4.45 18.20
N ARG A 227 43.11 3.45 18.83
CA ARG A 227 42.75 2.06 18.63
C ARG A 227 41.73 1.57 19.66
N GLY A 228 41.57 2.27 20.78
CA GLY A 228 40.58 1.90 21.75
C GLY A 228 39.18 2.26 21.30
N ARG A 229 38.20 1.75 22.04
CA ARG A 229 36.80 1.97 21.72
C ARG A 229 36.02 2.21 23.00
N MET A 230 34.87 2.88 22.84
CA MET A 230 33.92 3.06 23.94
C MET A 230 32.53 2.72 23.43
N ASP A 231 31.86 1.80 24.13
CA ASP A 231 30.47 1.46 23.82
C ASP A 231 29.58 2.17 24.83
N PHE A 232 28.64 2.97 24.32
CA PHE A 232 27.72 3.70 25.15
C PHE A 232 26.34 3.06 25.12
N PHE A 233 25.64 3.13 26.24
CA PHE A 233 24.32 2.55 26.39
C PHE A 233 23.41 3.57 27.03
N TRP A 234 22.11 3.34 26.94
CA TRP A 234 21.14 4.27 27.50
C TRP A 234 19.95 3.50 28.06
N THR A 235 19.23 4.15 28.98
CA THR A 235 17.99 3.62 29.49
C THR A 235 17.11 4.79 29.93
N ILE A 236 15.83 4.50 30.13
CA ILE A 236 14.86 5.47 30.63
C ILE A 236 14.56 5.08 32.07
N LEU A 237 14.95 5.93 33.01
CA LEU A 237 14.69 5.69 34.43
C LEU A 237 13.36 6.35 34.79
N LYS A 238 12.35 5.54 35.07
CA LYS A 238 11.02 6.07 35.37
C LYS A 238 11.02 6.73 36.75
N PRO A 239 10.08 7.64 37.01
CA PRO A 239 10.04 8.31 38.31
C PRO A 239 9.93 7.33 39.46
N ASN A 240 10.68 7.62 40.53
CA ASN A 240 10.79 6.84 41.76
C ASN A 240 11.53 5.52 41.58
N ASP A 241 12.09 5.26 40.41
CA ASP A 241 12.98 4.13 40.20
C ASP A 241 14.42 4.58 40.38
N ALA A 242 15.28 3.63 40.72
CA ALA A 242 16.70 3.91 40.94
C ALA A 242 17.56 3.12 39.98
N ILE A 243 18.72 3.67 39.64
CA ILE A 243 19.72 3.00 38.82
C ILE A 243 20.93 2.76 39.70
N HIS A 244 21.47 1.54 39.65
CA HIS A 244 22.58 1.12 40.50
C HIS A 244 23.77 0.77 39.63
N PHE A 245 24.90 1.43 39.88
CA PHE A 245 26.12 1.20 39.12
C PHE A 245 27.15 0.48 39.99
N GLU A 246 27.85 -0.48 39.39
CA GLU A 246 28.96 -1.14 40.03
C GLU A 246 30.03 -1.44 38.98
N SER A 247 31.28 -1.12 39.31
CA SER A 247 32.38 -1.32 38.38
C SER A 247 33.69 -1.24 39.13
N ASN A 248 34.70 -1.94 38.61
CA ASN A 248 36.06 -1.84 39.12
C ASN A 248 37.03 -1.45 38.00
N GLY A 249 36.52 -0.76 36.99
CA GLY A 249 37.37 -0.26 35.92
C GLY A 249 36.59 -0.12 34.64
N ASN A 250 37.20 0.62 33.69
CA ASN A 250 36.70 0.80 32.33
C ASN A 250 35.31 1.44 32.29
N PHE A 251 34.95 2.19 33.32
CA PHE A 251 33.59 2.71 33.47
C PHE A 251 33.55 4.17 33.03
N ILE A 252 32.71 4.46 32.04
CA ILE A 252 32.46 5.83 31.58
C ILE A 252 31.18 6.28 32.28
N ALA A 253 31.34 6.93 33.43
CA ALA A 253 30.22 7.22 34.32
C ALA A 253 29.40 8.39 33.82
N PRO A 254 28.10 8.41 34.13
CA PRO A 254 27.29 9.59 33.80
C PRO A 254 27.46 10.70 34.82
N GLU A 255 27.46 11.93 34.33
CA GLU A 255 27.34 13.10 35.17
C GLU A 255 26.04 13.85 34.96
N TYR A 256 25.63 14.03 33.72
CA TYR A 256 24.39 14.71 33.38
C TYR A 256 23.40 13.72 32.76
N ALA A 257 22.14 13.87 33.11
CA ALA A 257 21.03 13.14 32.50
C ALA A 257 20.03 14.13 31.94
N TYR A 258 18.96 13.63 31.34
CA TYR A 258 17.96 14.47 30.70
C TYR A 258 16.57 14.11 31.20
N LYS A 259 15.86 15.09 31.74
CA LYS A 259 14.43 14.94 31.95
C LYS A 259 13.74 14.96 30.59
N ILE A 260 12.92 13.95 30.32
CA ILE A 260 12.35 13.77 28.99
C ILE A 260 10.86 13.49 29.11
N VAL A 261 10.06 14.22 28.35
CA VAL A 261 8.63 13.98 28.21
C VAL A 261 8.34 13.84 26.73
N LYS A 262 7.72 12.72 26.35
CA LYS A 262 7.38 12.46 24.96
C LYS A 262 5.87 12.25 24.85
N LYS A 263 5.23 13.01 23.96
CA LYS A 263 3.80 12.90 23.75
C LYS A 263 3.42 12.66 22.30
N GLY A 264 4.36 12.71 21.36
CA GLY A 264 4.07 12.48 19.96
C GLY A 264 5.31 11.98 19.23
N ASP A 265 5.09 11.51 18.00
CA ASP A 265 6.13 10.88 17.21
C ASP A 265 6.43 11.70 15.96
N SER A 266 7.67 11.58 15.51
CA SER A 266 8.16 12.27 14.30
C SER A 266 9.26 11.40 13.71
N THR A 267 10.11 12.00 12.87
CA THR A 267 11.32 11.33 12.40
C THR A 267 12.43 12.35 12.26
N ILE A 268 13.61 11.88 11.87
CA ILE A 268 14.75 12.74 11.61
C ILE A 268 14.77 13.09 10.14
N MET A 269 14.95 14.38 9.84
CA MET A 269 15.02 14.86 8.46
C MET A 269 16.46 15.18 8.10
N LYS A 270 16.91 14.66 6.95
CA LYS A 270 18.23 14.97 6.42
C LYS A 270 18.09 16.15 5.46
N SER A 271 18.63 17.30 5.85
CA SER A 271 18.49 18.51 5.03
C SER A 271 19.59 19.49 5.40
N GLY A 272 20.04 20.22 4.38
CA GLY A 272 21.01 21.29 4.58
C GLY A 272 20.35 22.65 4.45
N VAL A 273 19.05 22.66 4.22
CA VAL A 273 18.30 23.91 4.11
C VAL A 273 18.32 24.62 5.46
N GLU A 274 18.28 25.95 5.41
CA GLU A 274 18.38 26.82 6.56
C GLU A 274 16.99 27.16 7.11
N TYR A 275 16.95 27.46 8.41
CA TYR A 275 15.69 27.81 9.05
C TYR A 275 15.17 29.14 8.53
N GLY A 276 13.85 29.25 8.42
CA GLY A 276 13.26 30.40 7.76
C GLY A 276 12.28 31.22 8.59
N HIS A 277 12.15 30.91 9.88
CA HIS A 277 11.25 31.62 10.78
C HIS A 277 9.83 31.64 10.24
N CYS A 278 9.36 30.46 9.84
CA CYS A 278 8.04 30.27 9.25
C CYS A 278 7.33 29.14 9.96
N ASN A 279 6.04 28.97 9.66
CA ASN A 279 5.26 27.88 10.20
C ASN A 279 4.55 27.14 9.08
N THR A 280 4.41 25.83 9.27
CA THR A 280 3.76 24.98 8.27
C THR A 280 3.23 23.74 8.97
N LYS A 281 2.29 23.06 8.30
CA LYS A 281 1.83 21.74 8.73
C LYS A 281 2.36 20.64 7.83
N CYS A 282 3.25 20.96 6.90
CA CYS A 282 3.83 19.96 6.00
C CYS A 282 5.23 20.44 5.61
N GLN A 283 6.25 19.71 6.03
CA GLN A 283 7.63 20.07 5.78
C GLN A 283 8.30 19.02 4.88
N THR A 284 9.15 19.49 3.98
CA THR A 284 9.96 18.64 3.12
C THR A 284 11.41 19.08 3.26
N PRO A 285 12.37 18.20 2.92
CA PRO A 285 13.79 18.58 3.03
C PRO A 285 14.17 19.76 2.16
N VAL A 286 13.39 20.09 1.13
CA VAL A 286 13.72 21.21 0.24
C VAL A 286 12.89 22.45 0.52
N GLY A 287 11.82 22.33 1.30
CA GLY A 287 11.01 23.48 1.65
C GLY A 287 9.67 23.07 2.19
N ALA A 288 9.02 24.03 2.84
CA ALA A 288 7.70 23.81 3.41
C ALA A 288 6.63 23.96 2.33
N ILE A 289 5.46 23.38 2.60
CA ILE A 289 4.35 23.33 1.65
C ILE A 289 3.13 23.96 2.29
N ASN A 290 2.55 24.94 1.61
CA ASN A 290 1.32 25.61 2.05
C ASN A 290 0.31 25.44 0.91
N SER A 291 -0.59 24.47 1.06
CA SER A 291 -1.45 24.06 -0.04
C SER A 291 -2.64 23.30 0.50
N SER A 292 -3.65 23.15 -0.36
CA SER A 292 -4.79 22.28 -0.11
C SER A 292 -4.93 21.21 -1.18
N MET A 293 -4.02 21.16 -2.14
CA MET A 293 -4.14 20.23 -3.25
C MET A 293 -4.01 18.79 -2.77
N PRO A 294 -4.69 17.85 -3.44
CA PRO A 294 -4.58 16.45 -3.04
C PRO A 294 -3.27 15.79 -3.43
N PHE A 295 -2.50 16.37 -4.35
CA PHE A 295 -1.29 15.74 -4.87
C PHE A 295 -0.15 16.75 -4.91
N HIS A 296 1.07 16.21 -4.93
CA HIS A 296 2.27 17.01 -5.07
C HIS A 296 3.37 16.12 -5.66
N ASN A 297 4.44 16.77 -6.14
CA ASN A 297 5.56 16.06 -6.74
C ASN A 297 6.89 16.62 -6.26
N ILE A 298 6.92 17.16 -5.04
CA ILE A 298 8.09 17.91 -4.59
C ILE A 298 9.15 16.97 -4.01
N HIS A 299 8.76 16.16 -3.02
CA HIS A 299 9.71 15.27 -2.34
C HIS A 299 8.96 14.18 -1.56
N PRO A 300 9.48 12.94 -1.54
CA PRO A 300 8.78 11.87 -0.82
C PRO A 300 8.99 11.88 0.69
N LEU A 301 10.05 12.52 1.19
CA LEU A 301 10.40 12.42 2.62
C LEU A 301 9.76 13.57 3.39
N THR A 302 8.44 13.51 3.53
CA THR A 302 7.67 14.59 4.12
C THR A 302 7.33 14.30 5.58
N ILE A 303 7.25 15.36 6.37
CA ILE A 303 6.79 15.30 7.75
C ILE A 303 5.61 16.25 7.90
N GLY A 304 4.44 15.70 8.24
CA GLY A 304 3.26 16.47 8.51
C GLY A 304 2.07 15.96 7.71
N GLU A 305 1.03 16.78 7.65
CA GLU A 305 -0.15 16.51 6.84
C GLU A 305 0.12 17.05 5.44
N CYS A 306 0.37 16.16 4.49
CA CYS A 306 0.87 16.54 3.18
C CYS A 306 0.01 15.91 2.09
N PRO A 307 0.01 16.49 0.89
CA PRO A 307 -0.65 15.84 -0.24
C PRO A 307 0.06 14.56 -0.63
N LYS A 308 -0.68 13.69 -1.32
CA LYS A 308 -0.11 12.42 -1.75
C LYS A 308 0.93 12.65 -2.84
N TYR A 309 2.10 12.02 -2.67
CA TYR A 309 3.23 12.22 -3.57
C TYR A 309 3.06 11.36 -4.82
N VAL A 310 3.10 11.99 -6.00
CA VAL A 310 2.90 11.30 -7.26
C VAL A 310 4.04 11.66 -8.22
N LYS A 311 4.20 10.81 -9.24
CA LYS A 311 5.17 11.05 -10.30
C LYS A 311 4.47 11.68 -11.50
N SER A 312 4.10 12.95 -11.32
CA SER A 312 3.44 13.72 -12.36
C SER A 312 4.04 15.11 -12.42
N ASN A 313 4.08 15.67 -13.63
CA ASN A 313 4.44 17.07 -13.82
C ASN A 313 3.23 17.98 -13.90
N LYS A 314 2.08 17.45 -14.34
CA LYS A 314 0.85 18.23 -14.47
C LYS A 314 -0.34 17.33 -14.20
N LEU A 315 -1.30 17.85 -13.44
CA LEU A 315 -2.63 17.25 -13.31
C LEU A 315 -3.64 18.38 -13.51
N VAL A 316 -3.95 18.68 -14.77
CA VAL A 316 -4.78 19.82 -15.12
C VAL A 316 -6.18 19.35 -15.45
N LEU A 317 -7.15 19.88 -14.72
CA LEU A 317 -8.56 19.53 -14.90
C LEU A 317 -9.23 20.57 -15.79
N ALA A 318 -9.99 20.09 -16.79
CA ALA A 318 -10.77 20.99 -17.62
C ALA A 318 -11.97 21.49 -16.85
N THR A 319 -12.14 22.80 -16.80
CA THR A 319 -13.32 23.42 -16.21
C THR A 319 -14.18 24.16 -17.23
N GLY A 320 -13.55 24.87 -18.17
CA GLY A 320 -14.26 25.58 -19.21
C GLY A 320 -14.58 24.70 -20.40
N LEU A 321 -15.11 25.34 -21.44
CA LEU A 321 -15.54 24.64 -22.64
C LEU A 321 -14.39 24.45 -23.61
N ARG A 322 -14.63 23.64 -24.64
CA ARG A 322 -13.69 23.52 -25.74
C ARG A 322 -13.52 24.87 -26.42
N ASN A 323 -12.28 25.23 -26.71
CA ASN A 323 -11.94 26.51 -27.31
C ASN A 323 -11.28 26.28 -28.66
N SER A 324 -11.72 27.04 -29.67
CA SER A 324 -11.15 26.95 -31.00
C SER A 324 -10.75 28.33 -31.49
N PRO A 325 -9.64 28.45 -32.22
CA PRO A 325 -9.19 29.75 -32.74
C PRO A 325 -10.05 30.27 -33.88
N GLY B 1 -17.92 14.56 -30.99
CA GLY B 1 -18.53 14.73 -29.68
C GLY B 1 -19.63 13.73 -29.40
N LEU B 2 -19.86 13.44 -28.12
CA LEU B 2 -20.91 12.49 -27.76
C LEU B 2 -22.28 13.02 -28.16
N PHE B 3 -22.59 14.25 -27.79
CA PHE B 3 -23.90 14.82 -28.06
C PHE B 3 -23.95 15.63 -29.35
N GLY B 4 -22.83 15.72 -30.08
CA GLY B 4 -22.81 16.36 -31.37
C GLY B 4 -23.26 17.81 -31.33
N ALA B 5 -22.77 18.57 -30.36
CA ALA B 5 -23.17 19.96 -30.21
C ALA B 5 -22.00 20.91 -30.43
N ILE B 6 -20.90 20.77 -29.68
CA ILE B 6 -19.79 21.71 -29.82
C ILE B 6 -19.15 21.58 -31.20
N ALA B 7 -18.94 20.34 -31.67
CA ALA B 7 -18.42 20.10 -33.01
C ALA B 7 -19.44 19.37 -33.88
N GLY B 8 -20.70 19.33 -33.47
CA GLY B 8 -21.72 18.66 -34.23
C GLY B 8 -22.49 19.61 -35.12
N PHE B 9 -23.73 19.93 -34.76
CA PHE B 9 -24.45 20.92 -35.56
C PHE B 9 -24.00 22.34 -35.28
N ILE B 10 -23.36 22.62 -34.14
CA ILE B 10 -22.59 23.85 -33.97
C ILE B 10 -21.13 23.54 -34.25
N GLU B 11 -20.46 24.47 -34.93
CA GLU B 11 -19.13 24.20 -35.47
C GLU B 11 -18.16 25.34 -35.22
N GLY B 12 -18.46 26.23 -34.26
CA GLY B 12 -17.58 27.37 -34.00
C GLY B 12 -17.37 27.69 -32.54
N GLY B 13 -17.63 28.94 -32.19
CA GLY B 13 -17.43 29.46 -30.85
C GLY B 13 -17.45 30.97 -30.88
N TRP B 14 -18.10 31.60 -29.91
CA TRP B 14 -18.39 33.03 -29.97
C TRP B 14 -17.39 33.81 -29.12
N GLN B 15 -16.39 34.39 -29.78
CA GLN B 15 -15.46 35.29 -29.10
C GLN B 15 -16.16 36.54 -28.60
N GLY B 16 -17.22 36.98 -29.27
CA GLY B 16 -17.94 38.19 -28.90
C GLY B 16 -18.85 38.05 -27.70
N MET B 17 -19.11 36.83 -27.24
CA MET B 17 -19.93 36.61 -26.06
C MET B 17 -19.01 36.52 -24.85
N VAL B 18 -19.07 37.54 -23.98
CA VAL B 18 -18.12 37.70 -22.89
C VAL B 18 -18.80 37.66 -21.53
N ASP B 19 -20.07 37.24 -21.47
CA ASP B 19 -20.85 37.30 -20.24
C ASP B 19 -21.39 35.93 -19.81
N GLY B 20 -20.95 34.85 -20.45
CA GLY B 20 -21.43 33.53 -20.08
C GLY B 20 -20.73 32.47 -20.91
N TRP B 21 -21.13 31.22 -20.64
CA TRP B 21 -20.59 30.07 -21.36
C TRP B 21 -21.49 29.62 -22.50
N TYR B 22 -22.81 29.57 -22.28
CA TYR B 22 -23.77 29.28 -23.34
C TYR B 22 -24.67 30.51 -23.51
N GLY B 23 -25.10 30.74 -24.73
CA GLY B 23 -25.90 31.93 -24.97
C GLY B 23 -26.55 31.92 -26.34
N TYR B 24 -27.06 33.11 -26.71
CA TYR B 24 -27.81 33.30 -27.95
C TYR B 24 -27.20 34.45 -28.73
N HIS B 25 -27.33 34.37 -30.06
CA HIS B 25 -27.00 35.47 -30.96
C HIS B 25 -28.22 35.74 -31.83
N HIS B 26 -28.75 36.95 -31.73
CA HIS B 26 -29.94 37.31 -32.50
C HIS B 26 -29.56 38.18 -33.69
N SER B 27 -30.46 38.22 -34.68
CA SER B 27 -30.30 39.11 -35.83
C SER B 27 -31.70 39.42 -36.35
N ASN B 28 -32.19 40.61 -36.00
CA ASN B 28 -33.52 41.03 -36.44
C ASN B 28 -33.44 42.41 -37.09
N GLU B 29 -34.60 43.02 -37.35
CA GLU B 29 -34.62 44.33 -38.00
C GLU B 29 -33.95 45.40 -37.15
N GLN B 30 -33.82 45.19 -35.85
CA GLN B 30 -33.24 46.19 -34.96
C GLN B 30 -31.73 46.04 -34.78
N GLY B 31 -31.11 44.97 -35.32
CA GLY B 31 -29.68 44.78 -35.24
C GLY B 31 -29.35 43.37 -34.80
N SER B 32 -28.10 43.20 -34.37
CA SER B 32 -27.59 41.91 -33.90
C SER B 32 -26.88 42.10 -32.57
N GLY B 33 -26.62 40.99 -31.90
CA GLY B 33 -25.95 41.03 -30.62
C GLY B 33 -25.91 39.66 -29.98
N TYR B 34 -25.26 39.61 -28.82
CA TYR B 34 -25.10 38.38 -28.05
C TYR B 34 -25.80 38.50 -26.71
N ALA B 35 -26.33 37.37 -26.23
CA ALA B 35 -26.96 37.31 -24.92
C ALA B 35 -26.79 35.90 -24.38
N ALA B 36 -26.41 35.80 -23.11
CA ALA B 36 -26.12 34.52 -22.48
C ALA B 36 -27.26 34.09 -21.57
N ASP B 37 -27.60 32.80 -21.64
CA ASP B 37 -28.60 32.24 -20.74
C ASP B 37 -28.01 32.15 -19.34
N LYS B 38 -28.50 33.00 -18.43
CA LYS B 38 -27.93 33.09 -17.10
C LYS B 38 -28.10 31.80 -16.30
N GLU B 39 -29.23 31.12 -16.47
CA GLU B 39 -29.51 29.97 -15.62
C GLU B 39 -28.70 28.74 -16.00
N SER B 40 -28.75 28.32 -17.26
CA SER B 40 -28.02 27.15 -17.68
C SER B 40 -26.51 27.35 -17.57
N THR B 41 -26.04 28.58 -17.72
CA THR B 41 -24.60 28.83 -17.58
C THR B 41 -24.17 28.80 -16.12
N GLN B 42 -25.05 29.19 -15.19
CA GLN B 42 -24.72 29.09 -13.77
C GLN B 42 -24.83 27.66 -13.27
N LYS B 43 -25.77 26.89 -13.80
CA LYS B 43 -25.83 25.47 -13.51
C LYS B 43 -24.54 24.77 -13.92
N ALA B 44 -23.92 25.23 -15.01
CA ALA B 44 -22.65 24.65 -15.43
C ALA B 44 -21.51 25.05 -14.51
N ILE B 45 -21.43 26.34 -14.15
CA ILE B 45 -20.31 26.82 -13.34
C ILE B 45 -20.29 26.13 -11.97
N ASP B 46 -21.46 26.08 -11.31
CA ASP B 46 -21.51 25.45 -9.99
C ASP B 46 -21.25 23.95 -10.08
N GLY B 47 -21.51 23.34 -11.24
CA GLY B 47 -21.19 21.94 -11.44
C GLY B 47 -19.70 21.69 -11.41
N VAL B 48 -18.97 22.28 -12.37
CA VAL B 48 -17.53 22.06 -12.44
C VAL B 48 -16.82 22.62 -11.21
N THR B 49 -17.39 23.67 -10.60
CA THR B 49 -16.86 24.13 -9.32
C THR B 49 -16.98 23.03 -8.26
N ASN B 50 -18.13 22.36 -8.22
CA ASN B 50 -18.30 21.25 -7.28
C ASN B 50 -17.40 20.07 -7.64
N LYS B 51 -17.24 19.79 -8.93
CA LYS B 51 -16.39 18.68 -9.35
C LYS B 51 -14.94 18.90 -8.92
N VAL B 52 -14.43 20.11 -9.11
CA VAL B 52 -13.07 20.42 -8.66
C VAL B 52 -12.96 20.29 -7.15
N ASN B 53 -13.95 20.81 -6.43
CA ASN B 53 -13.90 20.75 -4.97
C ASN B 53 -14.10 19.34 -4.44
N SER B 54 -14.91 18.52 -5.13
CA SER B 54 -15.07 17.14 -4.71
C SER B 54 -13.77 16.35 -4.85
N ILE B 55 -13.06 16.56 -5.96
CA ILE B 55 -11.78 15.88 -6.17
C ILE B 55 -10.76 16.34 -5.14
N ILE B 56 -10.84 17.58 -4.67
CA ILE B 56 -9.87 18.11 -3.72
C ILE B 56 -10.23 17.69 -2.30
N ASP B 57 -11.47 17.95 -1.88
CA ASP B 57 -11.83 17.85 -0.47
C ASP B 57 -12.18 16.43 -0.02
N LYS B 58 -12.31 15.48 -0.94
CA LYS B 58 -12.51 14.09 -0.55
C LYS B 58 -11.20 13.38 -0.23
N MET B 59 -10.06 14.04 -0.42
CA MET B 59 -8.77 13.45 -0.11
C MET B 59 -8.55 13.51 1.40
N ASN B 60 -8.33 12.34 2.01
CA ASN B 60 -8.06 12.26 3.43
C ASN B 60 -6.54 12.33 3.65
N THR B 61 -6.10 13.28 4.47
CA THR B 61 -4.69 13.44 4.79
C THR B 61 -4.49 13.34 6.28
N GLN B 62 -3.44 12.61 6.67
CA GLN B 62 -3.10 12.42 8.08
C GLN B 62 -1.64 12.81 8.28
N PHE B 63 -1.30 13.07 9.54
CA PHE B 63 0.09 13.34 9.89
C PHE B 63 0.93 12.09 9.65
N GLU B 64 2.05 12.25 8.95
CA GLU B 64 3.02 11.17 8.78
C GLU B 64 4.41 11.76 8.81
N ALA B 65 5.36 10.96 9.30
CA ALA B 65 6.77 11.31 9.35
C ALA B 65 7.54 10.32 8.50
N VAL B 66 8.06 10.77 7.37
CA VAL B 66 8.75 9.90 6.42
C VAL B 66 10.25 10.19 6.51
N GLY B 67 11.01 9.20 6.96
CA GLY B 67 12.46 9.31 7.02
C GLY B 67 13.14 8.01 6.63
N ARG B 68 14.44 7.93 6.86
CA ARG B 68 15.24 6.74 6.58
C ARG B 68 15.92 6.34 7.90
N GLU B 69 15.25 5.49 8.67
CA GLU B 69 15.64 5.21 10.04
C GLU B 69 16.25 3.84 10.25
N PHE B 70 16.64 3.14 9.18
CA PHE B 70 17.21 1.81 9.27
C PHE B 70 18.66 1.82 8.81
N ASN B 71 19.52 1.14 9.58
CA ASN B 71 20.95 1.17 9.33
C ASN B 71 21.33 0.14 8.26
N ASN B 72 22.63 -0.08 8.07
CA ASN B 72 23.12 -0.90 6.97
C ASN B 72 22.99 -2.40 7.22
N LEU B 73 22.65 -2.81 8.44
CA LEU B 73 22.30 -4.20 8.70
C LEU B 73 20.80 -4.40 8.80
N GLU B 74 20.01 -3.43 8.34
CA GLU B 74 18.56 -3.53 8.29
C GLU B 74 18.05 -3.19 6.89
N ARG B 75 18.84 -3.53 5.87
CA ARG B 75 18.48 -3.18 4.50
C ARG B 75 17.25 -3.93 4.01
N ARG B 76 16.98 -5.13 4.56
CA ARG B 76 15.77 -5.85 4.19
C ARG B 76 14.51 -5.11 4.62
N ILE B 77 14.49 -4.58 5.84
CA ILE B 77 13.36 -3.77 6.29
C ILE B 77 13.31 -2.47 5.49
N GLU B 78 14.47 -1.87 5.23
CA GLU B 78 14.51 -0.68 4.39
C GLU B 78 13.96 -0.97 3.01
N ASN B 79 14.31 -2.13 2.44
CA ASN B 79 13.74 -2.52 1.16
C ASN B 79 12.23 -2.72 1.27
N LEU B 80 11.77 -3.27 2.39
CA LEU B 80 10.33 -3.40 2.61
C LEU B 80 9.65 -2.05 2.61
N ASN B 81 10.26 -1.06 3.27
CA ASN B 81 9.71 0.30 3.23
C ASN B 81 9.77 0.86 1.81
N LYS B 82 10.84 0.56 1.08
CA LYS B 82 10.96 1.05 -0.30
C LYS B 82 9.84 0.51 -1.18
N LYS B 83 9.53 -0.78 -1.06
CA LYS B 83 8.43 -1.34 -1.83
C LYS B 83 7.09 -0.73 -1.42
N MET B 84 6.95 -0.34 -0.16
CA MET B 84 5.71 0.30 0.27
C MET B 84 5.56 1.69 -0.31
N GLU B 85 6.62 2.51 -0.20
CA GLU B 85 6.54 3.87 -0.73
C GLU B 85 6.36 3.87 -2.24
N ASP B 86 7.09 3.01 -2.95
CA ASP B 86 6.95 2.91 -4.40
C ASP B 86 5.56 2.42 -4.78
N GLY B 87 5.02 1.47 -4.01
CA GLY B 87 3.69 0.96 -4.33
C GLY B 87 2.61 2.03 -4.22
N PHE B 88 2.67 2.83 -3.16
CA PHE B 88 1.68 3.91 -3.01
C PHE B 88 1.90 5.00 -4.05
N LEU B 89 3.15 5.27 -4.44
CA LEU B 89 3.39 6.22 -5.52
C LEU B 89 2.74 5.75 -6.82
N ASP B 90 2.88 4.45 -7.13
CA ASP B 90 2.28 3.92 -8.35
C ASP B 90 0.75 3.96 -8.28
N VAL B 91 0.18 3.63 -7.12
CA VAL B 91 -1.27 3.68 -6.97
C VAL B 91 -1.79 5.11 -7.17
N TRP B 92 -1.19 6.05 -6.45
CA TRP B 92 -1.67 7.43 -6.52
C TRP B 92 -1.43 8.05 -7.89
N THR B 93 -0.28 7.75 -8.52
CA THR B 93 0.00 8.30 -9.84
C THR B 93 -1.00 7.79 -10.87
N TYR B 94 -1.25 6.48 -10.88
CA TYR B 94 -2.18 5.92 -11.86
C TYR B 94 -3.60 6.42 -11.63
N ASN B 95 -4.04 6.46 -10.37
CA ASN B 95 -5.40 6.91 -10.08
C ASN B 95 -5.57 8.40 -10.39
N ALA B 96 -4.56 9.22 -10.10
CA ALA B 96 -4.67 10.64 -10.36
C ALA B 96 -4.69 10.93 -11.86
N GLU B 97 -3.80 10.28 -12.63
CA GLU B 97 -3.74 10.53 -14.06
C GLU B 97 -5.03 10.12 -14.75
N LEU B 98 -5.57 8.95 -14.39
CA LEU B 98 -6.79 8.47 -15.04
C LEU B 98 -8.02 9.24 -14.58
N LEU B 99 -8.04 9.70 -13.32
CA LEU B 99 -9.13 10.55 -12.86
C LEU B 99 -9.19 11.84 -13.66
N VAL B 100 -8.02 12.42 -13.96
CA VAL B 100 -7.97 13.62 -14.78
C VAL B 100 -8.50 13.34 -16.18
N LEU B 101 -8.05 12.25 -16.79
CA LEU B 101 -8.49 11.93 -18.14
C LEU B 101 -9.98 11.63 -18.20
N MET B 102 -10.47 10.82 -17.26
CA MET B 102 -11.87 10.41 -17.30
C MET B 102 -12.81 11.59 -17.02
N GLU B 103 -12.48 12.41 -16.02
CA GLU B 103 -13.36 13.52 -15.68
C GLU B 103 -13.28 14.66 -16.69
N ASN B 104 -12.11 14.88 -17.30
CA ASN B 104 -12.02 15.88 -18.36
C ASN B 104 -12.91 15.52 -19.53
N GLU B 105 -12.93 14.24 -19.92
CA GLU B 105 -13.83 13.81 -20.99
C GLU B 105 -15.28 13.99 -20.60
N ARG B 106 -15.64 13.63 -19.37
CA ARG B 106 -17.00 13.88 -18.88
C ARG B 106 -17.29 15.37 -18.82
N THR B 107 -16.28 16.19 -18.47
CA THR B 107 -16.49 17.63 -18.41
C THR B 107 -16.80 18.22 -19.78
N LEU B 108 -16.07 17.79 -20.81
CA LEU B 108 -16.29 18.35 -22.14
C LEU B 108 -17.61 17.85 -22.74
N ASP B 109 -17.97 16.59 -22.46
CA ASP B 109 -19.27 16.09 -22.87
C ASP B 109 -20.40 16.70 -22.06
N PHE B 110 -20.11 17.20 -20.85
CA PHE B 110 -21.10 17.94 -20.08
C PHE B 110 -21.51 19.22 -20.81
N HIS B 111 -20.56 19.92 -21.40
CA HIS B 111 -20.86 21.14 -22.13
C HIS B 111 -21.62 20.84 -23.42
N ASP B 112 -21.30 19.73 -24.08
CA ASP B 112 -22.03 19.35 -25.29
C ASP B 112 -23.51 19.16 -25.01
N SER B 113 -23.84 18.46 -23.93
CA SER B 113 -25.23 18.21 -23.60
C SER B 113 -25.96 19.51 -23.26
N ASN B 114 -25.31 20.38 -22.48
CA ASN B 114 -25.95 21.65 -22.11
C ASN B 114 -26.21 22.51 -23.33
N VAL B 115 -25.26 22.56 -24.26
CA VAL B 115 -25.45 23.31 -25.49
C VAL B 115 -26.57 22.68 -26.31
N LYS B 116 -26.57 21.36 -26.44
CA LYS B 116 -27.63 20.70 -27.18
C LYS B 116 -28.97 20.78 -26.47
N ASN B 117 -28.95 20.90 -25.14
CA ASN B 117 -30.20 21.09 -24.40
C ASN B 117 -30.78 22.47 -24.64
N LEU B 118 -29.92 23.48 -24.78
CA LEU B 118 -30.41 24.84 -25.01
C LEU B 118 -30.99 24.97 -26.42
N TYR B 119 -30.40 24.28 -27.39
CA TYR B 119 -30.94 24.29 -28.75
C TYR B 119 -32.32 23.64 -28.80
N ASP B 120 -32.49 22.53 -28.09
CA ASP B 120 -33.78 21.84 -28.09
C ASP B 120 -34.86 22.67 -27.42
N LYS B 121 -34.50 23.43 -26.37
CA LYS B 121 -35.48 24.29 -25.72
C LYS B 121 -36.01 25.33 -26.68
N VAL B 122 -35.13 25.94 -27.49
CA VAL B 122 -35.58 26.90 -28.49
C VAL B 122 -36.34 26.21 -29.60
N ARG B 123 -35.91 25.01 -30.00
CA ARG B 123 -36.60 24.26 -31.04
C ARG B 123 -38.03 23.93 -30.63
N LEU B 124 -38.22 23.57 -29.37
CA LEU B 124 -39.56 23.22 -28.88
C LEU B 124 -40.49 24.43 -28.90
N GLN B 125 -39.98 25.60 -28.53
CA GLN B 125 -40.84 26.78 -28.47
C GLN B 125 -41.26 27.27 -29.86
N LEU B 126 -40.30 27.39 -30.78
CA LEU B 126 -40.59 28.01 -32.06
C LEU B 126 -41.46 27.13 -32.93
N ARG B 127 -41.19 25.82 -32.97
CA ARG B 127 -41.95 24.84 -33.77
C ARG B 127 -41.90 25.27 -35.23
N ASP B 128 -43.02 25.26 -35.96
CA ASP B 128 -43.05 25.58 -37.37
C ASP B 128 -42.87 27.08 -37.65
N ASN B 129 -42.90 27.92 -36.62
CA ASN B 129 -42.76 29.36 -36.84
C ASN B 129 -41.36 29.76 -37.30
N ALA B 130 -40.39 28.86 -37.23
CA ALA B 130 -39.04 29.15 -37.68
C ALA B 130 -38.46 27.89 -38.32
N LYS B 131 -37.43 28.08 -39.13
CA LYS B 131 -36.79 27.00 -39.87
C LYS B 131 -35.39 26.77 -39.31
N GLU B 132 -35.07 25.50 -39.03
CA GLU B 132 -33.76 25.14 -38.53
C GLU B 132 -32.78 25.14 -39.70
N LEU B 133 -31.83 26.10 -39.69
CA LEU B 133 -30.86 26.18 -40.77
C LEU B 133 -29.98 24.92 -40.82
N GLY B 134 -29.52 24.45 -39.66
CA GLY B 134 -28.67 23.29 -39.61
C GLY B 134 -27.41 23.53 -38.79
N ASN B 135 -26.94 24.77 -38.75
CA ASN B 135 -25.74 25.09 -37.99
C ASN B 135 -26.04 25.45 -36.55
N GLY B 136 -27.31 25.45 -36.15
CA GLY B 136 -27.69 25.84 -34.81
C GLY B 136 -28.48 27.14 -34.74
N CYS B 137 -28.82 27.72 -35.89
CA CYS B 137 -29.62 28.93 -35.96
C CYS B 137 -31.03 28.60 -36.42
N PHE B 138 -31.95 29.52 -36.11
CA PHE B 138 -33.33 29.42 -36.56
C PHE B 138 -33.66 30.65 -37.39
N GLU B 139 -34.18 30.44 -38.60
CA GLU B 139 -34.63 31.53 -39.45
C GLU B 139 -36.11 31.76 -39.20
N PHE B 140 -36.44 32.87 -38.55
CA PHE B 140 -37.83 33.17 -38.22
C PHE B 140 -38.63 33.47 -39.49
N TYR B 141 -39.83 32.92 -39.54
CA TYR B 141 -40.77 33.19 -40.61
C TYR B 141 -41.60 34.45 -40.36
N HIS B 142 -41.43 35.09 -39.22
CA HIS B 142 -42.19 36.29 -38.86
C HIS B 142 -41.22 37.36 -38.37
N LYS B 143 -41.79 38.49 -37.97
CA LYS B 143 -41.01 39.60 -37.43
C LYS B 143 -40.88 39.44 -35.93
N CYS B 144 -39.64 39.36 -35.45
CA CYS B 144 -39.35 39.12 -34.04
C CYS B 144 -38.62 40.35 -33.49
N ASP B 145 -39.32 41.14 -32.69
CA ASP B 145 -38.70 42.32 -32.08
C ASP B 145 -37.71 41.88 -31.00
N ASN B 146 -37.11 42.85 -30.34
CA ASN B 146 -36.17 42.52 -29.27
C ASN B 146 -36.85 41.86 -28.09
N GLU B 147 -38.17 42.03 -27.94
CA GLU B 147 -38.87 41.37 -26.85
C GLU B 147 -39.55 40.08 -27.26
N CYS B 148 -39.67 39.82 -28.56
CA CYS B 148 -39.88 38.45 -29.01
C CYS B 148 -38.60 37.64 -28.87
N MET B 149 -37.45 38.27 -29.15
CA MET B 149 -36.17 37.61 -28.93
C MET B 149 -35.95 37.29 -27.46
N GLU B 150 -36.24 38.25 -26.58
CA GLU B 150 -36.14 37.99 -25.14
C GLU B 150 -37.17 36.97 -24.69
N SER B 151 -38.35 36.96 -25.33
CA SER B 151 -39.36 35.96 -25.02
C SER B 151 -38.83 34.55 -25.28
N VAL B 152 -37.99 34.39 -26.30
CA VAL B 152 -37.36 33.10 -26.54
C VAL B 152 -36.31 32.81 -25.47
N ARG B 153 -35.55 33.83 -25.05
CA ARG B 153 -34.46 33.61 -24.13
C ARG B 153 -34.95 33.30 -22.72
N ASN B 154 -36.04 33.94 -22.28
CA ASN B 154 -36.61 33.66 -20.97
C ASN B 154 -37.69 32.58 -21.01
N GLY B 155 -37.89 31.94 -22.16
CA GLY B 155 -38.80 30.82 -22.28
C GLY B 155 -40.27 31.15 -22.09
N THR B 156 -40.74 32.25 -22.67
CA THR B 156 -42.14 32.64 -22.63
C THR B 156 -42.65 32.92 -24.04
N TYR B 157 -42.34 32.03 -24.98
CA TYR B 157 -42.68 32.26 -26.38
C TYR B 157 -44.17 32.02 -26.61
N ASP B 158 -44.83 32.97 -27.26
CA ASP B 158 -46.26 32.87 -27.58
C ASP B 158 -46.39 32.37 -29.02
N TYR B 159 -46.64 31.05 -29.17
CA TYR B 159 -46.90 30.43 -30.46
C TYR B 159 -48.23 30.87 -31.10
N PRO B 160 -49.34 30.98 -30.37
CA PRO B 160 -50.58 31.39 -31.03
C PRO B 160 -50.48 32.76 -31.65
N GLN B 161 -49.66 33.63 -31.07
CA GLN B 161 -49.52 34.98 -31.60
C GLN B 161 -49.02 34.97 -33.04
N TYR B 162 -47.92 34.27 -33.30
CA TYR B 162 -47.31 34.24 -34.62
C TYR B 162 -47.65 32.96 -35.39
N SER B 163 -48.62 32.17 -34.90
CA SER B 163 -48.95 30.92 -35.55
C SER B 163 -49.48 31.14 -36.97
N GLU B 164 -50.36 32.13 -37.14
CA GLU B 164 -50.91 32.40 -38.46
C GLU B 164 -49.93 33.15 -39.35
N GLU B 165 -49.15 34.08 -38.77
CA GLU B 165 -48.21 34.87 -39.57
C GLU B 165 -47.13 33.99 -40.17
N ALA B 166 -46.63 33.01 -39.41
CA ALA B 166 -45.61 32.11 -39.94
C ALA B 166 -46.16 31.27 -41.08
N ARG B 167 -47.45 30.97 -41.05
CA ARG B 167 -48.08 30.29 -42.18
C ARG B 167 -48.09 31.17 -43.43
N LEU B 168 -48.19 32.50 -43.25
CA LEU B 168 -48.21 33.41 -44.39
C LEU B 168 -46.87 33.46 -45.10
N LYS B 169 -45.76 33.23 -44.40
CA LYS B 169 -44.45 33.17 -45.03
C LYS B 169 -44.01 31.75 -45.37
N ARG B 170 -44.74 30.74 -44.88
CA ARG B 170 -44.34 29.35 -45.11
C ARG B 170 -44.85 28.84 -46.46
N GLU B 171 -46.17 28.80 -46.63
CA GLU B 171 -46.77 28.21 -47.81
C GLU B 171 -47.04 29.23 -48.92
N GLU B 172 -47.19 30.51 -48.58
CA GLU B 172 -47.45 31.52 -49.59
C GLU B 172 -46.19 31.94 -50.34
N ILE B 173 -45.02 31.48 -49.91
CA ILE B 173 -43.76 31.71 -50.62
C ILE B 173 -43.43 30.40 -51.33
N SER B 174 -43.62 30.39 -52.65
CA SER B 174 -43.36 29.20 -53.45
C SER B 174 -42.34 29.49 -54.55
N GLY C 4 -57.75 17.21 -29.46
CA GLY C 4 -57.40 15.83 -29.74
C GLY C 4 -56.96 15.06 -28.51
N ASP C 5 -56.65 13.78 -28.70
CA ASP C 5 -56.21 12.94 -27.59
C ASP C 5 -54.75 13.23 -27.24
N GLN C 6 -54.31 12.71 -26.10
CA GLN C 6 -53.02 13.09 -25.54
C GLN C 6 -52.35 11.88 -24.91
N ILE C 7 -51.02 11.86 -25.01
CA ILE C 7 -50.16 10.86 -24.36
C ILE C 7 -48.90 11.56 -23.89
N CYS C 8 -48.44 11.21 -22.70
CA CYS C 8 -47.31 11.89 -22.06
C CYS C 8 -46.20 10.90 -21.73
N ILE C 9 -45.08 11.45 -21.27
CA ILE C 9 -43.94 10.68 -20.79
C ILE C 9 -43.53 11.25 -19.42
N GLY C 10 -43.30 10.36 -18.46
CA GLY C 10 -42.94 10.79 -17.13
C GLY C 10 -42.25 9.68 -16.37
N TYR C 11 -41.86 9.98 -15.13
CA TYR C 11 -41.05 9.08 -14.33
C TYR C 11 -41.53 9.05 -12.89
N HIS C 12 -40.99 8.08 -12.14
CA HIS C 12 -41.41 7.81 -10.77
C HIS C 12 -40.99 8.94 -9.83
N ALA C 13 -41.90 9.32 -8.93
CA ALA C 13 -41.58 10.09 -7.74
C ALA C 13 -42.47 9.59 -6.60
N ASN C 14 -41.94 9.66 -5.38
CA ASN C 14 -42.72 9.25 -4.21
C ASN C 14 -42.28 10.11 -3.02
N ASN C 15 -42.66 9.69 -1.82
CA ASN C 15 -42.34 10.42 -0.60
C ASN C 15 -41.07 9.81 0.00
N SER C 16 -39.92 10.19 -0.57
CA SER C 16 -38.63 9.73 -0.13
C SER C 16 -37.75 10.93 0.19
N THR C 17 -37.07 10.89 1.35
CA THR C 17 -36.18 11.95 1.78
C THR C 17 -34.71 11.56 1.71
N GLU C 18 -34.40 10.41 1.10
CA GLU C 18 -33.01 9.97 1.00
C GLU C 18 -32.19 10.96 0.17
N GLN C 19 -31.03 11.35 0.71
CA GLN C 19 -30.14 12.30 0.05
C GLN C 19 -28.83 11.62 -0.29
N VAL C 20 -28.39 11.76 -1.53
CA VAL C 20 -27.10 11.27 -1.97
C VAL C 20 -26.29 12.45 -2.48
N ASP C 21 -24.98 12.24 -2.64
CA ASP C 21 -24.11 13.23 -3.24
C ASP C 21 -23.60 12.71 -4.58
N THR C 22 -23.30 13.65 -5.47
CA THR C 22 -22.73 13.33 -6.77
C THR C 22 -21.66 14.36 -7.08
N ILE C 23 -20.83 14.07 -8.08
CA ILE C 23 -19.60 14.83 -8.26
C ILE C 23 -19.86 16.28 -8.65
N MET C 24 -21.08 16.64 -9.06
CA MET C 24 -21.40 18.04 -9.32
C MET C 24 -22.51 18.61 -8.42
N GLU C 25 -23.34 17.77 -7.81
CA GLU C 25 -24.46 18.25 -7.03
C GLU C 25 -24.45 17.59 -5.66
N LYS C 26 -24.78 18.35 -4.63
CA LYS C 26 -24.78 17.87 -3.27
C LYS C 26 -26.20 17.89 -2.71
N ASN C 27 -26.46 16.95 -1.78
CA ASN C 27 -27.75 16.85 -1.10
C ASN C 27 -28.90 16.74 -2.10
N VAL C 28 -28.78 15.77 -2.99
CA VAL C 28 -29.80 15.52 -4.01
C VAL C 28 -30.73 14.43 -3.50
N THR C 29 -32.03 14.72 -3.51
CA THR C 29 -33.02 13.76 -3.04
C THR C 29 -33.36 12.76 -4.13
N VAL C 30 -33.45 11.49 -3.75
CA VAL C 30 -33.72 10.39 -4.68
C VAL C 30 -34.88 9.56 -4.14
N THR C 31 -35.33 8.61 -4.96
CA THR C 31 -36.40 7.71 -4.56
C THR C 31 -35.86 6.51 -3.78
N HIS C 32 -34.87 5.81 -4.33
CA HIS C 32 -34.25 4.68 -3.67
C HIS C 32 -32.74 4.91 -3.59
N ALA C 33 -32.14 4.49 -2.48
CA ALA C 33 -30.70 4.61 -2.29
C ALA C 33 -30.21 3.45 -1.44
N GLN C 34 -28.95 3.07 -1.64
CA GLN C 34 -28.36 1.92 -0.96
C GLN C 34 -27.01 2.32 -0.40
N ASP C 35 -26.84 2.14 0.91
CA ASP C 35 -25.59 2.45 1.59
C ASP C 35 -24.70 1.22 1.61
N ILE C 36 -23.47 1.37 1.14
CA ILE C 36 -22.53 0.26 1.03
C ILE C 36 -21.44 0.33 2.09
N LEU C 37 -21.59 1.21 3.08
CA LEU C 37 -20.65 1.30 4.19
C LEU C 37 -21.17 0.47 5.37
N GLU C 38 -20.34 -0.45 5.86
CA GLU C 38 -20.71 -1.30 6.97
C GLU C 38 -20.44 -0.59 8.29
N LYS C 39 -21.47 -0.48 9.14
CA LYS C 39 -21.37 0.31 10.35
C LYS C 39 -21.79 -0.42 11.63
N THR C 40 -22.36 -1.62 11.54
CA THR C 40 -22.90 -2.30 12.72
C THR C 40 -22.10 -3.55 13.04
N HIS C 41 -21.94 -3.81 14.34
CA HIS C 41 -21.28 -5.00 14.84
C HIS C 41 -22.08 -5.54 16.01
N ASN C 42 -21.89 -6.83 16.31
CA ASN C 42 -22.69 -7.47 17.34
C ASN C 42 -22.18 -7.21 18.75
N GLY C 43 -21.09 -6.47 18.92
CA GLY C 43 -20.64 -6.07 20.23
C GLY C 43 -20.11 -7.18 21.10
N LYS C 44 -19.72 -8.31 20.53
CA LYS C 44 -19.24 -9.45 21.31
C LYS C 44 -18.07 -10.09 20.58
N LEU C 45 -17.25 -10.80 21.35
CA LEU C 45 -16.18 -11.62 20.77
C LEU C 45 -16.73 -12.98 20.36
N CYS C 46 -16.45 -13.39 19.14
CA CYS C 46 -17.05 -14.58 18.57
C CYS C 46 -15.97 -15.59 18.18
N ASP C 47 -16.42 -16.79 17.85
CA ASP C 47 -15.58 -17.76 17.18
C ASP C 47 -15.23 -17.26 15.78
N LEU C 48 -14.04 -17.61 15.32
CA LEU C 48 -13.58 -17.23 13.99
C LEU C 48 -13.56 -18.48 13.13
N ASN C 49 -14.50 -18.57 12.20
CA ASN C 49 -14.66 -19.73 11.33
C ASN C 49 -14.75 -21.01 12.15
N GLY C 50 -15.66 -21.02 13.11
CA GLY C 50 -15.98 -22.20 13.88
C GLY C 50 -15.00 -22.55 14.98
N VAL C 51 -13.95 -21.76 15.19
CA VAL C 51 -12.93 -22.04 16.19
C VAL C 51 -12.96 -20.95 17.23
N LYS C 52 -13.12 -21.34 18.50
CA LYS C 52 -13.19 -20.40 19.59
C LYS C 52 -11.81 -19.79 19.88
N PRO C 53 -11.75 -18.53 20.30
CA PRO C 53 -10.47 -17.93 20.68
C PRO C 53 -10.00 -18.40 22.06
N LEU C 54 -8.71 -18.20 22.30
CA LEU C 54 -8.12 -18.41 23.62
C LEU C 54 -8.20 -17.10 24.39
N ILE C 55 -8.98 -17.08 25.47
CA ILE C 55 -9.25 -15.87 26.21
C ILE C 55 -8.51 -15.96 27.53
N LEU C 56 -7.36 -15.31 27.61
CA LEU C 56 -6.65 -15.14 28.87
C LEU C 56 -7.27 -13.96 29.60
N LYS C 57 -7.82 -14.21 30.79
CA LYS C 57 -8.64 -13.21 31.45
C LYS C 57 -7.80 -12.05 31.97
N ASP C 58 -6.92 -12.34 32.93
CA ASP C 58 -6.00 -11.34 33.47
C ASP C 58 -4.57 -11.89 33.51
N CYS C 59 -4.32 -12.96 32.77
CA CYS C 59 -3.00 -13.57 32.67
C CYS C 59 -2.39 -13.20 31.33
N SER C 60 -1.09 -12.92 31.33
CA SER C 60 -0.40 -12.73 30.07
C SER C 60 -0.10 -14.07 29.43
N VAL C 61 0.37 -14.03 28.18
CA VAL C 61 0.81 -15.26 27.52
C VAL C 61 1.95 -15.90 28.30
N ALA C 62 2.90 -15.08 28.76
CA ALA C 62 4.04 -15.61 29.50
C ALA C 62 3.60 -16.25 30.82
N GLY C 63 2.71 -15.58 31.56
CA GLY C 63 2.23 -16.15 32.80
C GLY C 63 1.43 -17.42 32.60
N TRP C 64 0.70 -17.51 31.50
CA TRP C 64 -0.06 -18.72 31.19
C TRP C 64 0.86 -19.89 30.86
N LEU C 65 1.85 -19.67 30.01
CA LEU C 65 2.77 -20.73 29.62
C LEU C 65 3.56 -21.25 30.81
N LEU C 66 4.06 -20.34 31.65
CA LEU C 66 4.91 -20.73 32.76
C LEU C 66 4.12 -21.19 33.99
N GLY C 67 2.80 -21.06 33.97
CA GLY C 67 1.99 -21.48 35.10
C GLY C 67 2.15 -20.57 36.31
N ASN C 68 1.87 -19.29 36.12
CA ASN C 68 1.85 -18.34 37.23
C ASN C 68 0.77 -18.78 38.22
N PRO C 69 1.12 -19.00 39.50
CA PRO C 69 0.10 -19.45 40.46
C PRO C 69 -1.00 -18.44 40.70
N MET C 70 -0.69 -17.14 40.60
CA MET C 70 -1.70 -16.11 40.75
C MET C 70 -2.70 -16.11 39.59
N CYS C 71 -2.36 -16.74 38.48
CA CYS C 71 -3.30 -16.90 37.37
C CYS C 71 -4.23 -18.08 37.65
N ASP C 72 -5.08 -18.38 36.68
CA ASP C 72 -5.93 -19.55 36.73
C ASP C 72 -5.13 -20.81 36.38
N GLU C 73 -5.71 -21.95 36.74
CA GLU C 73 -5.09 -23.22 36.39
C GLU C 73 -5.25 -23.49 34.90
N PHE C 74 -4.52 -24.50 34.42
CA PHE C 74 -4.59 -24.88 33.01
C PHE C 74 -5.94 -25.52 32.74
N ILE C 75 -6.76 -24.86 31.93
CA ILE C 75 -8.13 -25.31 31.68
C ILE C 75 -8.25 -26.09 30.38
N ARG C 76 -7.12 -26.49 29.78
CA ARG C 76 -7.09 -27.48 28.71
C ARG C 76 -7.91 -27.02 27.50
N VAL C 77 -7.41 -25.97 26.85
CA VAL C 77 -7.91 -25.54 25.55
C VAL C 77 -7.13 -26.30 24.47
N PRO C 78 -7.78 -27.14 23.66
CA PRO C 78 -7.05 -27.92 22.65
C PRO C 78 -6.64 -27.10 21.43
N GLU C 79 -7.49 -26.17 21.01
CA GLU C 79 -7.27 -25.44 19.78
C GLU C 79 -7.93 -24.07 19.88
N TRP C 80 -7.32 -23.08 19.24
CA TRP C 80 -7.89 -21.73 19.24
C TRP C 80 -7.52 -21.04 17.93
N SER C 81 -8.31 -20.02 17.59
CA SER C 81 -8.14 -19.29 16.34
C SER C 81 -7.42 -17.96 16.51
N TYR C 82 -7.60 -17.30 17.66
CA TYR C 82 -6.84 -16.11 18.00
C TYR C 82 -6.83 -15.97 19.51
N ILE C 83 -5.93 -15.12 20.00
CA ILE C 83 -5.73 -14.93 21.43
C ILE C 83 -6.26 -13.55 21.81
N VAL C 84 -7.01 -13.49 22.90
CA VAL C 84 -7.54 -12.24 23.44
C VAL C 84 -6.81 -11.98 24.76
N GLU C 85 -6.01 -10.93 24.78
CA GLU C 85 -5.38 -10.42 26.00
C GLU C 85 -6.05 -9.13 26.41
N ARG C 86 -6.09 -8.87 27.71
CA ARG C 86 -6.48 -7.54 28.17
C ARG C 86 -5.35 -6.56 27.87
N ALA C 87 -5.69 -5.27 27.91
CA ALA C 87 -4.73 -4.23 27.55
C ALA C 87 -3.49 -4.31 28.42
N ASN C 88 -3.67 -4.41 29.73
CA ASN C 88 -2.58 -4.56 30.68
C ASN C 88 -2.90 -5.73 31.61
N PRO C 89 -2.52 -6.95 31.23
CA PRO C 89 -2.78 -8.10 32.10
C PRO C 89 -2.11 -7.93 33.45
N ALA C 90 -2.82 -8.30 34.51
CA ALA C 90 -2.31 -8.06 35.86
C ALA C 90 -1.21 -9.05 36.22
N ASN C 91 -1.38 -10.31 35.88
CA ASN C 91 -0.46 -11.38 36.28
C ASN C 91 0.36 -11.80 35.07
N ASP C 92 1.61 -11.33 35.01
CA ASP C 92 2.48 -11.66 33.89
C ASP C 92 3.69 -12.51 34.32
N LEU C 93 4.53 -11.99 35.20
CA LEU C 93 5.70 -12.72 35.69
C LEU C 93 5.80 -12.41 37.18
N CYS C 94 5.27 -13.32 38.00
CA CYS C 94 5.25 -13.08 39.45
C CYS C 94 6.65 -12.85 39.99
N TYR C 95 7.60 -13.68 39.60
CA TYR C 95 9.00 -13.40 39.90
C TYR C 95 9.56 -12.53 38.78
N PRO C 96 10.14 -11.38 39.09
CA PRO C 96 10.54 -10.43 38.04
C PRO C 96 11.60 -11.01 37.12
N GLY C 97 11.57 -10.56 35.87
CA GLY C 97 12.51 -11.03 34.87
C GLY C 97 12.00 -10.81 33.46
N SER C 98 12.27 -11.74 32.56
CA SER C 98 11.83 -11.60 31.18
C SER C 98 11.68 -12.97 30.53
N LEU C 99 10.98 -12.99 29.41
CA LEU C 99 10.89 -14.15 28.54
C LEU C 99 11.44 -13.75 27.18
N ASN C 100 12.50 -14.44 26.74
CA ASN C 100 13.20 -14.05 25.53
C ASN C 100 12.35 -14.30 24.29
N ASP C 101 12.50 -13.42 23.30
CA ASP C 101 11.76 -13.50 22.03
C ASP C 101 10.25 -13.62 22.28
N TYR C 102 9.76 -12.80 23.22
CA TYR C 102 8.38 -12.90 23.66
C TYR C 102 7.41 -12.63 22.51
N GLU C 103 7.69 -11.62 21.69
CA GLU C 103 6.75 -11.20 20.66
C GLU C 103 6.65 -12.23 19.54
N GLU C 104 7.78 -12.84 19.16
CA GLU C 104 7.72 -13.94 18.20
C GLU C 104 7.00 -15.15 18.77
N LEU C 105 7.15 -15.40 20.08
CA LEU C 105 6.44 -16.50 20.72
C LEU C 105 4.94 -16.26 20.71
N LYS C 106 4.51 -15.05 21.06
CA LYS C 106 3.09 -14.73 21.04
C LYS C 106 2.52 -14.82 19.62
N HIS C 107 3.29 -14.34 18.63
CA HIS C 107 2.82 -14.42 17.25
C HIS C 107 2.66 -15.87 16.80
N MET C 108 3.60 -16.74 17.19
CA MET C 108 3.47 -18.15 16.83
C MET C 108 2.29 -18.79 17.53
N LEU C 109 2.07 -18.45 18.81
CA LEU C 109 0.99 -19.06 19.58
C LEU C 109 -0.38 -18.46 19.29
N SER C 110 -0.45 -17.45 18.42
CA SER C 110 -1.71 -16.77 18.16
C SER C 110 -2.78 -17.70 17.62
N ARG C 111 -2.39 -18.75 16.90
CA ARG C 111 -3.34 -19.69 16.32
C ARG C 111 -2.69 -21.06 16.30
N ILE C 112 -3.23 -21.98 17.10
CA ILE C 112 -2.64 -23.29 17.29
C ILE C 112 -3.71 -24.35 17.04
N ASN C 113 -3.36 -25.37 16.25
CA ASN C 113 -4.31 -26.41 15.89
C ASN C 113 -4.42 -27.50 16.96
N HIS C 114 -3.32 -27.80 17.65
CA HIS C 114 -3.35 -28.75 18.76
C HIS C 114 -2.33 -28.34 19.81
N PHE C 115 -2.74 -28.39 21.08
CA PHE C 115 -1.94 -27.90 22.19
C PHE C 115 -2.22 -28.77 23.40
N GLU C 116 -1.18 -29.35 23.99
CA GLU C 116 -1.36 -30.23 25.13
C GLU C 116 -0.14 -30.22 26.02
N LYS C 117 -0.34 -29.96 27.30
CA LYS C 117 0.75 -29.98 28.27
C LYS C 117 1.09 -31.43 28.63
N ILE C 118 2.39 -31.75 28.61
CA ILE C 118 2.87 -33.06 29.00
C ILE C 118 4.07 -32.89 29.92
N GLN C 119 4.28 -33.87 30.79
CA GLN C 119 5.45 -33.90 31.65
C GLN C 119 6.60 -34.58 30.92
N ILE C 120 7.75 -33.91 30.89
CA ILE C 120 8.94 -34.43 30.22
C ILE C 120 10.04 -34.78 31.22
N ILE C 121 10.20 -33.98 32.28
CA ILE C 121 11.22 -34.24 33.28
C ILE C 121 10.55 -34.29 34.65
N PRO C 122 10.23 -35.48 35.18
CA PRO C 122 9.60 -35.56 36.50
C PRO C 122 10.55 -35.07 37.59
N LYS C 123 9.95 -34.64 38.71
CA LYS C 123 10.72 -34.14 39.83
C LYS C 123 11.61 -35.22 40.45
N SER C 124 11.32 -36.50 40.19
CA SER C 124 12.18 -37.57 40.65
C SER C 124 13.52 -37.62 39.91
N SER C 125 13.66 -36.86 38.83
CA SER C 125 14.90 -36.81 38.06
C SER C 125 15.97 -35.94 38.71
N TRP C 126 15.72 -35.39 39.89
CA TRP C 126 16.69 -34.52 40.57
C TRP C 126 16.95 -35.06 41.97
N PRO C 127 17.58 -36.23 42.08
CA PRO C 127 17.78 -36.83 43.41
C PRO C 127 18.81 -36.11 44.25
N ASN C 128 19.85 -35.54 43.65
CA ASN C 128 20.92 -34.89 44.37
C ASN C 128 20.71 -33.39 44.50
N HIS C 129 19.52 -32.89 44.22
CA HIS C 129 19.20 -31.48 44.32
C HIS C 129 17.88 -31.32 45.06
N GLU C 130 17.72 -30.17 45.71
CA GLU C 130 16.47 -29.88 46.41
C GLU C 130 15.42 -29.35 45.44
N THR C 131 14.24 -29.96 45.45
CA THR C 131 13.18 -29.62 44.53
C THR C 131 11.99 -28.94 45.21
N SER C 132 12.08 -28.65 46.50
CA SER C 132 10.94 -28.13 47.24
C SER C 132 11.21 -26.77 47.89
N LEU C 133 12.40 -26.21 47.74
CA LEU C 133 12.72 -24.91 48.31
C LEU C 133 12.59 -23.76 47.32
N GLY C 134 12.39 -24.05 46.03
CA GLY C 134 12.35 -23.02 45.03
C GLY C 134 11.05 -22.25 45.00
N VAL C 135 10.81 -21.44 46.04
CA VAL C 135 9.59 -20.66 46.14
C VAL C 135 9.97 -19.20 46.43
N SER C 136 9.00 -18.32 46.24
CA SER C 136 9.20 -16.90 46.47
C SER C 136 7.87 -16.27 46.89
N ALA C 137 7.95 -15.30 47.78
CA ALA C 137 6.76 -14.53 48.15
C ALA C 137 6.26 -13.67 47.01
N ALA C 138 7.07 -13.45 45.97
CA ALA C 138 6.59 -12.78 44.76
C ALA C 138 5.62 -13.63 43.98
N CYS C 139 5.53 -14.93 44.26
CA CYS C 139 4.62 -15.85 43.59
C CYS C 139 3.79 -16.58 44.64
N PRO C 140 2.89 -15.89 45.32
CA PRO C 140 2.13 -16.53 46.40
C PRO C 140 1.01 -17.41 45.89
N TYR C 141 0.72 -18.45 46.65
CA TYR C 141 -0.46 -19.29 46.43
C TYR C 141 -1.05 -19.65 47.78
N GLN C 142 -2.29 -19.22 48.02
CA GLN C 142 -2.97 -19.43 49.29
C GLN C 142 -2.14 -18.89 50.46
N GLY C 143 -1.52 -17.72 50.25
CA GLY C 143 -0.73 -17.06 51.28
C GLY C 143 0.69 -17.56 51.41
N ALA C 144 0.98 -18.79 50.99
CA ALA C 144 2.34 -19.29 51.12
C ALA C 144 3.17 -18.95 49.88
N PRO C 145 4.48 -18.75 50.04
CA PRO C 145 5.35 -18.58 48.87
C PRO C 145 5.27 -19.80 47.96
N SER C 146 5.31 -19.54 46.66
CA SER C 146 5.18 -20.58 45.65
C SER C 146 6.01 -20.16 44.43
N PHE C 147 5.75 -20.76 43.28
CA PHE C 147 6.55 -20.52 42.09
C PHE C 147 5.74 -20.90 40.87
N PHE C 148 6.28 -20.58 39.69
CA PHE C 148 5.72 -21.05 38.44
C PHE C 148 5.54 -22.57 38.49
N ARG C 149 4.38 -23.04 38.06
CA ARG C 149 4.04 -24.45 38.24
C ARG C 149 4.72 -25.36 37.22
N ASN C 150 5.06 -24.85 36.04
CA ASN C 150 5.56 -25.69 34.96
C ASN C 150 7.07 -25.79 34.92
N VAL C 151 7.79 -25.08 35.80
CA VAL C 151 9.23 -25.17 35.92
C VAL C 151 9.57 -25.32 37.40
N VAL C 152 10.76 -25.85 37.68
CA VAL C 152 11.20 -26.10 39.05
C VAL C 152 12.49 -25.34 39.29
N TRP C 153 12.51 -24.59 40.39
CA TRP C 153 13.66 -23.78 40.79
C TRP C 153 14.55 -24.65 41.70
N LEU C 154 15.62 -25.20 41.12
CA LEU C 154 16.45 -26.16 41.83
C LEU C 154 17.42 -25.45 42.77
N ILE C 155 17.60 -26.03 43.96
CA ILE C 155 18.42 -25.47 45.01
C ILE C 155 19.40 -26.53 45.50
N LYS C 156 20.52 -26.07 46.07
CA LYS C 156 21.54 -26.96 46.58
C LYS C 156 20.97 -27.87 47.66
N LYS C 157 21.61 -29.03 47.82
CA LYS C 157 21.20 -30.03 48.79
C LYS C 157 22.44 -30.53 49.52
N ASN C 158 22.37 -30.61 50.84
CA ASN C 158 23.51 -31.00 51.68
C ASN C 158 24.71 -30.10 51.41
N ASP C 159 24.44 -28.80 51.23
CA ASP C 159 25.46 -27.81 50.90
C ASP C 159 26.24 -28.18 49.65
N ALA C 160 25.59 -28.83 48.70
CA ALA C 160 26.24 -29.27 47.46
C ALA C 160 25.25 -29.16 46.31
N TYR C 161 25.77 -28.75 45.15
CA TYR C 161 24.99 -28.65 43.91
C TYR C 161 25.77 -29.39 42.83
N PRO C 162 25.56 -30.70 42.72
CA PRO C 162 26.26 -31.47 41.68
C PRO C 162 25.87 -30.99 40.29
N THR C 163 26.83 -31.10 39.36
CA THR C 163 26.58 -30.67 37.99
C THR C 163 25.46 -31.50 37.37
N ILE C 164 24.53 -30.82 36.72
CA ILE C 164 23.38 -31.47 36.09
C ILE C 164 23.73 -31.80 34.65
N LYS C 165 23.44 -33.05 34.24
CA LYS C 165 23.57 -33.47 32.84
C LYS C 165 22.35 -34.35 32.54
N ILE C 166 21.37 -33.80 31.83
CA ILE C 166 20.15 -34.52 31.54
C ILE C 166 19.71 -34.20 30.12
N SER C 167 19.25 -35.24 29.42
CA SER C 167 18.73 -35.11 28.07
C SER C 167 17.31 -35.64 28.03
N TYR C 168 16.50 -35.06 27.16
CA TYR C 168 15.16 -35.55 26.89
C TYR C 168 14.98 -35.69 25.39
N ASN C 169 14.56 -36.87 24.96
CA ASN C 169 14.32 -37.19 23.56
C ASN C 169 12.83 -37.04 23.28
N ASN C 170 12.49 -36.32 22.21
CA ASN C 170 11.09 -36.06 21.87
C ASN C 170 10.56 -37.26 21.09
N THR C 171 10.01 -38.22 21.82
CA THR C 171 9.42 -39.42 21.22
C THR C 171 7.99 -39.21 20.74
N ASN C 172 7.41 -38.03 20.97
CA ASN C 172 6.10 -37.72 20.43
C ASN C 172 6.20 -37.41 18.95
N ARG C 173 5.06 -37.39 18.27
CA ARG C 173 5.00 -37.12 16.84
C ARG C 173 4.68 -35.66 16.54
N GLU C 174 4.63 -34.81 17.57
CA GLU C 174 4.41 -33.38 17.40
C GLU C 174 5.60 -32.62 17.99
N ASP C 175 5.75 -31.38 17.54
CA ASP C 175 6.77 -30.51 18.11
C ASP C 175 6.48 -30.25 19.59
N LEU C 176 7.55 -30.08 20.36
CA LEU C 176 7.45 -29.67 21.76
C LEU C 176 7.91 -28.23 21.89
N LEU C 177 7.12 -27.42 22.60
CA LEU C 177 7.56 -26.11 23.05
C LEU C 177 8.08 -26.28 24.48
N ILE C 178 9.35 -25.94 24.70
CA ILE C 178 10.02 -26.16 25.98
C ILE C 178 10.55 -24.83 26.48
N LEU C 179 10.37 -24.58 27.78
CA LEU C 179 10.82 -23.34 28.41
C LEU C 179 11.70 -23.66 29.60
N TRP C 180 12.74 -22.85 29.79
CA TRP C 180 13.65 -22.97 30.91
C TRP C 180 14.14 -21.57 31.27
N GLY C 181 14.76 -21.46 32.44
CA GLY C 181 15.17 -20.16 32.93
C GLY C 181 16.50 -20.20 33.65
N ILE C 182 17.04 -19.00 33.86
CA ILE C 182 18.24 -18.78 34.66
C ILE C 182 17.91 -17.73 35.71
N HIS C 183 18.37 -17.95 36.94
CA HIS C 183 18.13 -17.03 38.03
C HIS C 183 19.39 -16.21 38.29
N HIS C 184 19.24 -14.88 38.29
CA HIS C 184 20.35 -13.98 38.56
C HIS C 184 20.36 -13.63 40.04
N SER C 185 21.44 -13.98 40.73
CA SER C 185 21.55 -13.75 42.16
C SER C 185 21.76 -12.27 42.46
N ASN C 186 21.55 -11.92 43.73
CA ASN C 186 21.73 -10.54 44.21
C ASN C 186 23.17 -10.24 44.60
N ASN C 187 23.86 -11.20 45.22
CA ASN C 187 25.22 -10.98 45.67
C ASN C 187 25.92 -12.33 45.78
N ALA C 188 27.23 -12.30 46.10
CA ALA C 188 28.01 -13.52 46.18
C ALA C 188 27.48 -14.45 47.26
N GLU C 189 27.15 -13.91 48.43
CA GLU C 189 26.66 -14.74 49.53
C GLU C 189 25.35 -15.41 49.19
N GLU C 190 24.42 -14.68 48.57
CA GLU C 190 23.15 -15.28 48.15
C GLU C 190 23.38 -16.36 47.11
N GLN C 191 24.38 -16.17 46.23
CA GLN C 191 24.70 -17.19 45.24
C GLN C 191 25.14 -18.48 45.90
N THR C 192 26.06 -18.39 46.86
CA THR C 192 26.54 -19.61 47.53
C THR C 192 25.51 -20.16 48.51
N ASN C 193 24.64 -19.30 49.05
CA ASN C 193 23.57 -19.78 49.92
C ASN C 193 22.57 -20.63 49.15
N LEU C 194 22.33 -20.33 47.88
CA LEU C 194 21.35 -21.06 47.10
C LEU C 194 21.96 -22.20 46.31
N TYR C 195 23.18 -22.03 45.79
CA TYR C 195 23.76 -22.98 44.86
C TYR C 195 25.15 -23.48 45.25
N LYS C 196 25.85 -22.83 46.17
CA LYS C 196 27.11 -23.30 46.74
C LYS C 196 28.26 -23.22 45.74
N ASN C 197 27.94 -22.99 44.47
CA ASN C 197 28.97 -22.84 43.45
C ASN C 197 29.10 -21.37 43.11
N PRO C 198 30.27 -20.74 43.28
CA PRO C 198 30.35 -19.30 43.06
C PRO C 198 30.19 -18.89 41.61
N ILE C 199 30.84 -19.60 40.68
CA ILE C 199 30.73 -19.31 39.25
C ILE C 199 29.97 -20.45 38.60
N THR C 200 28.87 -20.12 37.92
CA THR C 200 27.96 -21.12 37.38
C THR C 200 27.62 -20.80 35.94
N TYR C 201 26.96 -21.77 35.28
CA TYR C 201 26.60 -21.66 33.89
C TYR C 201 25.41 -22.55 33.62
N ILE C 202 24.75 -22.31 32.48
CA ILE C 202 23.72 -23.19 31.95
C ILE C 202 24.02 -23.43 30.49
N SER C 203 24.00 -24.70 30.07
CA SER C 203 24.20 -25.09 28.68
C SER C 203 22.97 -25.83 28.19
N VAL C 204 22.44 -25.43 27.05
CA VAL C 204 21.26 -26.05 26.45
C VAL C 204 21.59 -26.32 24.98
N GLY C 205 21.42 -27.56 24.56
CA GLY C 205 21.77 -27.95 23.21
C GLY C 205 20.70 -28.83 22.59
N THR C 206 20.47 -28.63 21.30
CA THR C 206 19.61 -29.47 20.48
C THR C 206 20.33 -29.63 19.14
N SER C 207 19.60 -30.08 18.11
CA SER C 207 20.18 -30.14 16.78
C SER C 207 20.46 -28.75 16.22
N THR C 208 19.76 -27.72 16.69
CA THR C 208 19.96 -26.35 16.23
C THR C 208 20.31 -25.35 17.33
N LEU C 209 19.96 -25.64 18.59
CA LEU C 209 20.22 -24.73 19.68
C LEU C 209 21.57 -25.03 20.31
N ASN C 210 22.38 -23.97 20.49
CA ASN C 210 23.69 -24.08 21.14
C ASN C 210 23.81 -22.84 22.04
N GLN C 211 23.34 -22.96 23.27
CA GLN C 211 23.18 -21.83 24.16
C GLN C 211 24.01 -22.02 25.42
N ARG C 212 24.72 -20.96 25.83
CA ARG C 212 25.40 -20.92 27.12
C ARG C 212 25.00 -19.65 27.85
N LEU C 213 24.65 -19.80 29.12
CA LEU C 213 24.21 -18.68 29.95
C LEU C 213 25.02 -18.63 31.23
N ALA C 214 25.24 -17.42 31.73
CA ALA C 214 25.86 -17.21 33.03
C ALA C 214 25.05 -16.19 33.81
N PRO C 215 24.95 -16.35 35.13
CA PRO C 215 24.22 -15.38 35.93
C PRO C 215 24.89 -14.02 35.92
N LYS C 216 24.08 -12.98 36.02
CA LYS C 216 24.54 -11.60 36.10
C LYS C 216 24.23 -11.10 37.50
N ILE C 217 25.18 -11.24 38.41
CA ILE C 217 25.01 -10.86 39.80
C ILE C 217 25.23 -9.35 39.90
N ALA C 218 24.18 -8.62 40.26
CA ALA C 218 24.24 -7.16 40.28
C ALA C 218 23.17 -6.63 41.22
N THR C 219 23.31 -5.35 41.57
CA THR C 219 22.35 -4.67 42.44
C THR C 219 21.23 -4.10 41.58
N ARG C 220 19.99 -4.47 41.89
CA ARG C 220 18.83 -4.07 41.12
C ARG C 220 17.75 -3.54 42.06
N SER C 221 16.79 -2.81 41.48
CA SER C 221 15.64 -2.32 42.23
C SER C 221 14.65 -3.45 42.50
N GLN C 222 13.87 -3.28 43.56
CA GLN C 222 12.89 -4.28 43.93
C GLN C 222 11.69 -4.25 42.98
N VAL C 223 11.31 -5.43 42.50
CA VAL C 223 10.07 -5.62 41.75
C VAL C 223 9.35 -6.81 42.37
N ASN C 224 8.09 -6.59 42.79
CA ASN C 224 7.31 -7.60 43.50
C ASN C 224 8.06 -8.10 44.75
N GLY C 225 8.80 -7.20 45.38
CA GLY C 225 9.52 -7.50 46.60
C GLY C 225 10.89 -8.15 46.42
N GLN C 226 11.31 -8.40 45.19
CA GLN C 226 12.55 -9.14 44.94
C GLN C 226 13.50 -8.32 44.07
N ARG C 227 14.78 -8.35 44.44
CA ARG C 227 15.83 -7.74 43.63
C ARG C 227 16.45 -8.72 42.65
N GLY C 228 16.18 -10.02 42.79
CA GLY C 228 16.64 -10.99 41.83
C GLY C 228 15.82 -10.94 40.55
N ARG C 229 16.31 -11.65 39.54
CA ARG C 229 15.66 -11.71 38.24
C ARG C 229 15.74 -13.11 37.68
N MET C 230 14.77 -13.46 36.83
CA MET C 230 14.78 -14.74 36.13
C MET C 230 14.51 -14.49 34.65
N ASP C 231 15.46 -14.90 33.82
CA ASP C 231 15.32 -14.80 32.36
C ASP C 231 14.93 -16.17 31.83
N PHE C 232 13.82 -16.23 31.10
CA PHE C 232 13.31 -17.47 30.55
C PHE C 232 13.52 -17.51 29.04
N PHE C 233 13.71 -18.71 28.52
CA PHE C 233 13.98 -18.93 27.11
C PHE C 233 13.13 -20.10 26.63
N TRP C 234 12.94 -20.19 25.32
CA TRP C 234 12.11 -21.23 24.75
C TRP C 234 12.70 -21.73 23.43
N THR C 235 12.39 -22.98 23.11
CA THR C 235 12.78 -23.57 21.83
C THR C 235 11.70 -24.54 21.38
N ILE C 236 11.71 -24.86 20.10
CA ILE C 236 10.82 -25.85 19.52
C ILE C 236 11.63 -27.11 19.26
N LEU C 237 11.34 -28.19 19.98
CA LEU C 237 12.06 -29.45 19.83
C LEU C 237 11.31 -30.32 18.83
N LYS C 238 11.94 -30.58 17.69
CA LYS C 238 11.32 -31.38 16.65
C LYS C 238 11.25 -32.85 17.07
N PRO C 239 10.31 -33.61 16.51
CA PRO C 239 10.24 -35.03 16.83
C PRO C 239 11.54 -35.75 16.53
N ASN C 240 11.91 -36.67 17.42
CA ASN C 240 13.12 -37.50 17.38
C ASN C 240 14.39 -36.70 17.62
N ASP C 241 14.30 -35.41 17.91
CA ASP C 241 15.43 -34.64 18.41
C ASP C 241 15.43 -34.69 19.94
N ALA C 242 16.59 -34.40 20.52
CA ALA C 242 16.73 -34.36 21.97
C ALA C 242 17.31 -33.02 22.39
N ILE C 243 16.92 -32.59 23.59
CA ILE C 243 17.44 -31.37 24.20
C ILE C 243 18.35 -31.78 25.36
N HIS C 244 19.50 -31.11 25.47
CA HIS C 244 20.52 -31.47 26.45
C HIS C 244 20.78 -30.29 27.37
N PHE C 245 20.58 -30.51 28.67
CA PHE C 245 20.78 -29.48 29.69
C PHE C 245 22.02 -29.79 30.51
N GLU C 246 22.82 -28.77 30.78
CA GLU C 246 23.92 -28.88 31.74
C GLU C 246 24.00 -27.60 32.55
N SER C 247 24.17 -27.75 33.87
CA SER C 247 24.24 -26.59 34.75
C SER C 247 24.82 -26.99 36.09
N ASN C 248 25.56 -26.07 36.71
CA ASN C 248 26.01 -26.22 38.08
C ASN C 248 25.44 -25.12 38.98
N GLY C 249 24.31 -24.54 38.59
CA GLY C 249 23.65 -23.57 39.44
C GLY C 249 22.77 -22.63 38.64
N ASN C 250 21.84 -22.00 39.36
CA ASN C 250 20.96 -20.96 38.84
C ASN C 250 20.04 -21.46 37.74
N PHE C 251 19.74 -22.75 37.71
CA PHE C 251 18.99 -23.36 36.61
C PHE C 251 17.53 -23.52 37.01
N ILE C 252 16.63 -22.95 36.21
CA ILE C 252 15.20 -23.15 36.35
C ILE C 252 14.83 -24.20 35.32
N ALA C 253 14.69 -25.45 35.77
CA ALA C 253 14.55 -26.59 34.89
C ALA C 253 13.12 -26.73 34.38
N PRO C 254 12.95 -27.27 33.18
CA PRO C 254 11.59 -27.62 32.73
C PRO C 254 11.09 -28.87 33.44
N GLU C 255 9.79 -28.87 33.73
CA GLU C 255 9.09 -30.09 34.10
C GLU C 255 8.01 -30.46 33.10
N TYR C 256 7.24 -29.49 32.65
CA TYR C 256 6.21 -29.69 31.63
C TYR C 256 6.62 -28.99 30.35
N ALA C 257 6.24 -29.59 29.22
CA ALA C 257 6.37 -28.99 27.91
C ALA C 257 5.00 -29.04 27.24
N TYR C 258 4.93 -28.58 25.99
CA TYR C 258 3.67 -28.49 25.27
C TYR C 258 3.82 -29.11 23.89
N LYS C 259 3.08 -30.18 23.63
CA LYS C 259 2.90 -30.63 22.26
C LYS C 259 2.13 -29.58 21.49
N ILE C 260 2.62 -29.20 20.32
CA ILE C 260 2.08 -28.04 19.60
C ILE C 260 2.05 -28.34 18.11
N VAL C 261 0.91 -28.12 17.48
CA VAL C 261 0.75 -28.22 16.04
C VAL C 261 0.19 -26.89 15.54
N LYS C 262 0.87 -26.29 14.57
CA LYS C 262 0.46 -25.01 14.01
C LYS C 262 0.19 -25.18 12.52
N LYS C 263 -1.00 -24.78 12.09
CA LYS C 263 -1.41 -24.87 10.69
C LYS C 263 -1.61 -23.52 10.03
N GLY C 264 -1.97 -22.48 10.80
CA GLY C 264 -2.23 -21.18 10.25
C GLY C 264 -1.72 -20.09 11.17
N ASP C 265 -1.98 -18.84 10.78
CA ASP C 265 -1.46 -17.68 11.48
C ASP C 265 -2.60 -16.75 11.86
N SER C 266 -2.34 -15.94 12.89
CA SER C 266 -3.30 -15.03 13.48
C SER C 266 -2.53 -13.93 14.19
N THR C 267 -3.20 -13.21 15.09
CA THR C 267 -2.52 -12.22 15.92
C THR C 267 -3.19 -12.18 17.28
N ILE C 268 -2.65 -11.34 18.16
CA ILE C 268 -3.23 -11.12 19.49
C ILE C 268 -4.18 -9.94 19.40
N MET C 269 -5.40 -10.11 19.91
CA MET C 269 -6.38 -9.04 19.98
C MET C 269 -6.44 -8.52 21.40
N LYS C 270 -6.38 -7.20 21.54
CA LYS C 270 -6.46 -6.53 22.84
C LYS C 270 -7.89 -6.00 23.02
N SER C 271 -8.65 -6.63 23.91
CA SER C 271 -10.04 -6.24 24.12
C SER C 271 -10.49 -6.70 25.50
N GLY C 272 -11.55 -6.06 25.98
CA GLY C 272 -12.17 -6.46 27.23
C GLY C 272 -13.60 -6.91 27.03
N VAL C 273 -13.99 -7.07 25.76
CA VAL C 273 -15.35 -7.45 25.42
C VAL C 273 -15.57 -8.93 25.72
N GLU C 274 -16.76 -9.27 26.19
CA GLU C 274 -17.07 -10.63 26.62
C GLU C 274 -17.37 -11.55 25.43
N TYR C 275 -17.00 -12.82 25.59
CA TYR C 275 -17.32 -13.85 24.61
C TYR C 275 -18.83 -13.98 24.45
N GLY C 276 -19.28 -14.26 23.22
CA GLY C 276 -20.70 -14.18 22.93
C GLY C 276 -21.37 -15.42 22.37
N HIS C 277 -20.65 -16.54 22.26
CA HIS C 277 -21.21 -17.79 21.74
C HIS C 277 -21.80 -17.59 20.34
N CYS C 278 -21.02 -16.94 19.48
CA CYS C 278 -21.41 -16.63 18.12
C CYS C 278 -20.36 -17.18 17.17
N ASN C 279 -20.57 -16.95 15.87
CA ASN C 279 -19.60 -17.31 14.85
C ASN C 279 -19.50 -16.16 13.86
N THR C 280 -18.29 -15.94 13.35
CA THR C 280 -18.04 -14.84 12.42
C THR C 280 -16.87 -15.17 11.53
N LYS C 281 -16.78 -14.43 10.42
CA LYS C 281 -15.61 -14.45 9.55
C LYS C 281 -14.72 -13.23 9.75
N CYS C 282 -15.17 -12.25 10.53
CA CYS C 282 -14.45 -11.00 10.73
C CYS C 282 -14.68 -10.51 12.15
N GLN C 283 -13.60 -10.32 12.91
CA GLN C 283 -13.66 -9.94 14.31
C GLN C 283 -12.88 -8.66 14.56
N THR C 284 -13.43 -7.78 15.38
CA THR C 284 -12.81 -6.54 15.81
C THR C 284 -12.82 -6.49 17.34
N PRO C 285 -11.96 -5.66 17.95
CA PRO C 285 -11.96 -5.59 19.42
C PRO C 285 -13.28 -5.11 20.03
N VAL C 286 -14.17 -4.50 19.24
CA VAL C 286 -15.46 -4.05 19.77
C VAL C 286 -16.62 -4.94 19.33
N GLY C 287 -16.40 -5.88 18.42
CA GLY C 287 -17.47 -6.78 18.01
C GLY C 287 -17.21 -7.35 16.64
N ALA C 288 -18.00 -8.37 16.31
CA ALA C 288 -17.88 -9.09 15.05
C ALA C 288 -18.70 -8.41 13.97
N ILE C 289 -18.32 -8.68 12.71
CA ILE C 289 -18.95 -8.09 11.54
C ILE C 289 -19.49 -9.20 10.67
N ASN C 290 -20.78 -9.11 10.33
CA ASN C 290 -21.47 -10.09 9.47
C ASN C 290 -22.00 -9.32 8.27
N SER C 291 -21.19 -9.21 7.22
CA SER C 291 -21.56 -8.38 6.09
C SER C 291 -20.85 -8.85 4.83
N SER C 292 -21.40 -8.45 3.69
CA SER C 292 -20.78 -8.65 2.39
C SER C 292 -20.33 -7.35 1.74
N MET C 293 -20.46 -6.22 2.46
CA MET C 293 -20.09 -4.94 1.90
C MET C 293 -18.57 -4.84 1.73
N PRO C 294 -18.11 -4.05 0.76
CA PRO C 294 -16.66 -3.90 0.54
C PRO C 294 -15.98 -2.92 1.48
N PHE C 295 -16.72 -2.10 2.23
CA PHE C 295 -16.12 -1.09 3.07
C PHE C 295 -16.78 -1.07 4.44
N HIS C 296 -16.02 -0.62 5.43
CA HIS C 296 -16.54 -0.47 6.79
C HIS C 296 -15.70 0.58 7.50
N ASN C 297 -16.23 1.09 8.62
CA ASN C 297 -15.57 2.13 9.40
C ASN C 297 -15.57 1.79 10.89
N ILE C 298 -15.62 0.50 11.22
CA ILE C 298 -15.83 0.11 12.61
C ILE C 298 -14.52 0.14 13.40
N HIS C 299 -13.50 -0.57 12.92
CA HIS C 299 -12.25 -0.68 13.65
C HIS C 299 -11.16 -1.12 12.69
N PRO C 300 -9.92 -0.65 12.86
CA PRO C 300 -8.83 -1.11 11.99
C PRO C 300 -8.25 -2.45 12.39
N LEU C 301 -8.30 -2.80 13.68
CA LEU C 301 -7.63 -4.00 14.19
C LEU C 301 -8.54 -5.22 14.03
N THR C 302 -8.67 -5.64 12.77
CA THR C 302 -9.57 -6.74 12.41
C THR C 302 -8.80 -8.05 12.22
N ILE C 303 -9.48 -9.15 12.48
CA ILE C 303 -8.94 -10.49 12.24
C ILE C 303 -9.97 -11.27 11.42
N GLY C 304 -9.58 -11.71 10.22
CA GLY C 304 -10.41 -12.53 9.37
C GLY C 304 -10.55 -11.91 8.00
N GLU C 305 -11.57 -12.37 7.28
CA GLU C 305 -11.93 -11.79 5.98
C GLU C 305 -12.89 -10.64 6.23
N CYS C 306 -12.41 -9.41 6.08
CA CYS C 306 -13.09 -8.21 6.50
C CYS C 306 -13.22 -7.23 5.35
N PRO C 307 -14.21 -6.34 5.41
CA PRO C 307 -14.29 -5.25 4.42
C PRO C 307 -13.13 -4.29 4.57
N LYS C 308 -12.94 -3.47 3.53
CA LYS C 308 -11.85 -2.50 3.55
C LYS C 308 -12.18 -1.34 4.49
N TYR C 309 -11.25 -1.04 5.39
CA TYR C 309 -11.45 0.00 6.39
C TYR C 309 -11.26 1.37 5.76
N VAL C 310 -12.27 2.23 5.89
CA VAL C 310 -12.25 3.57 5.34
C VAL C 310 -12.66 4.55 6.43
N LYS C 311 -12.34 5.82 6.21
CA LYS C 311 -12.84 6.91 7.05
C LYS C 311 -14.03 7.53 6.33
N SER C 312 -15.23 7.09 6.70
CA SER C 312 -16.45 7.63 6.13
C SER C 312 -17.59 7.35 7.09
N ASN C 313 -18.64 8.16 6.99
CA ASN C 313 -19.85 7.93 7.75
C ASN C 313 -21.00 7.40 6.90
N LYS C 314 -20.88 7.46 5.57
CA LYS C 314 -21.87 6.91 4.66
C LYS C 314 -21.31 6.89 3.25
N LEU C 315 -21.61 5.82 2.52
CA LEU C 315 -21.31 5.70 1.09
C LEU C 315 -22.62 5.31 0.42
N VAL C 316 -23.43 6.32 0.11
CA VAL C 316 -24.80 6.10 -0.33
C VAL C 316 -24.83 6.07 -1.86
N LEU C 317 -25.14 4.90 -2.41
CA LEU C 317 -25.31 4.75 -3.84
C LEU C 317 -26.77 4.99 -4.21
N ALA C 318 -26.99 5.89 -5.16
CA ALA C 318 -28.35 6.18 -5.64
C ALA C 318 -28.74 5.10 -6.65
N THR C 319 -29.84 4.40 -6.37
CA THR C 319 -30.37 3.39 -7.28
C THR C 319 -31.68 3.78 -7.93
N GLY C 320 -32.42 4.73 -7.34
CA GLY C 320 -33.65 5.21 -7.91
C GLY C 320 -33.47 6.53 -8.66
N LEU C 321 -34.59 7.07 -9.13
CA LEU C 321 -34.57 8.29 -9.91
C LEU C 321 -34.54 9.52 -8.99
N ARG C 322 -34.35 10.68 -9.62
CA ARG C 322 -34.35 11.95 -8.89
C ARG C 322 -35.76 12.24 -8.40
N ASN C 323 -35.92 12.39 -7.09
CA ASN C 323 -37.24 12.55 -6.49
C ASN C 323 -37.64 14.02 -6.42
N SER C 324 -38.90 14.29 -6.76
CA SER C 324 -39.47 15.63 -6.65
C SER C 324 -40.72 15.56 -5.78
N PRO C 325 -40.79 16.32 -4.67
CA PRO C 325 -41.95 16.29 -3.77
C PRO C 325 -43.20 16.88 -4.40
N GLY D 1 -30.05 16.89 -15.98
CA GLY D 1 -28.90 16.05 -16.27
C GLY D 1 -28.21 16.40 -17.57
N LEU D 2 -27.77 15.37 -18.30
CA LEU D 2 -27.12 15.57 -19.59
C LEU D 2 -28.14 15.57 -20.74
N PHE D 3 -28.87 14.48 -20.89
CA PHE D 3 -29.77 14.31 -22.03
C PHE D 3 -31.00 15.20 -21.94
N GLY D 4 -31.36 15.65 -20.74
CA GLY D 4 -32.42 16.62 -20.57
C GLY D 4 -33.82 16.05 -20.53
N ALA D 5 -34.08 15.10 -19.63
CA ALA D 5 -35.41 14.54 -19.46
C ALA D 5 -35.95 14.72 -18.04
N ILE D 6 -35.16 14.38 -17.02
CA ILE D 6 -35.62 14.53 -15.64
C ILE D 6 -35.81 16.01 -15.31
N ALA D 7 -34.85 16.85 -15.71
CA ALA D 7 -34.93 18.30 -15.49
C ALA D 7 -34.99 19.07 -16.80
N GLY D 8 -35.43 18.43 -17.89
CA GLY D 8 -35.51 19.08 -19.17
C GLY D 8 -36.90 19.59 -19.49
N PHE D 9 -37.59 18.93 -20.43
CA PHE D 9 -38.93 19.35 -20.81
C PHE D 9 -40.02 18.58 -20.09
N ILE D 10 -39.75 17.37 -19.61
CA ILE D 10 -40.71 16.63 -18.81
C ILE D 10 -40.91 17.32 -17.46
N GLU D 11 -39.79 17.62 -16.78
CA GLU D 11 -39.72 18.40 -15.54
C GLU D 11 -40.88 18.12 -14.59
N GLY D 12 -41.20 16.84 -14.42
CA GLY D 12 -42.28 16.48 -13.53
C GLY D 12 -42.06 15.19 -12.78
N GLY D 13 -42.12 15.26 -11.45
CA GLY D 13 -42.09 14.07 -10.64
C GLY D 13 -43.49 13.54 -10.40
N TRP D 14 -43.86 12.47 -11.09
CA TRP D 14 -45.22 11.94 -11.00
C TRP D 14 -45.44 11.24 -9.67
N GLN D 15 -45.94 11.99 -8.68
CA GLN D 15 -46.27 11.40 -7.39
C GLN D 15 -47.39 10.38 -7.53
N GLY D 16 -48.40 10.68 -8.34
CA GLY D 16 -49.51 9.77 -8.54
C GLY D 16 -49.13 8.48 -9.23
N MET D 17 -47.99 8.44 -9.92
CA MET D 17 -47.51 7.22 -10.55
C MET D 17 -46.71 6.44 -9.51
N VAL D 18 -47.35 5.46 -8.88
CA VAL D 18 -46.60 4.46 -8.14
C VAL D 18 -46.93 3.09 -8.72
N ASP D 19 -46.28 2.74 -9.82
CA ASP D 19 -46.31 1.38 -10.33
C ASP D 19 -45.01 0.98 -10.99
N GLY D 20 -44.00 1.83 -11.00
CA GLY D 20 -42.79 1.58 -11.77
C GLY D 20 -42.02 2.88 -11.94
N TRP D 21 -41.01 2.82 -12.82
CA TRP D 21 -40.10 3.93 -13.01
C TRP D 21 -40.44 4.77 -14.24
N TYR D 22 -40.49 4.16 -15.41
CA TYR D 22 -40.75 4.86 -16.66
C TYR D 22 -42.14 4.51 -17.16
N GLY D 23 -42.94 5.53 -17.45
CA GLY D 23 -44.30 5.30 -17.87
C GLY D 23 -44.90 6.37 -18.75
N TYR D 24 -46.23 6.40 -18.83
CA TYR D 24 -46.95 7.35 -19.66
C TYR D 24 -48.14 7.90 -18.88
N HIS D 25 -48.60 9.07 -19.30
CA HIS D 25 -49.86 9.64 -18.83
C HIS D 25 -50.74 9.91 -20.04
N HIS D 26 -51.95 9.35 -20.03
CA HIS D 26 -52.86 9.44 -21.16
C HIS D 26 -54.11 10.20 -20.75
N SER D 27 -54.66 10.98 -21.69
CA SER D 27 -55.92 11.70 -21.48
C SER D 27 -56.72 11.59 -22.78
N ASN D 28 -57.53 10.54 -22.89
CA ASN D 28 -58.47 10.39 -23.98
C ASN D 28 -59.89 10.48 -23.42
N GLU D 29 -60.88 10.22 -24.28
CA GLU D 29 -62.26 10.40 -23.88
C GLU D 29 -62.68 9.42 -22.78
N GLN D 30 -62.17 8.20 -22.83
CA GLN D 30 -62.62 7.14 -21.93
C GLN D 30 -62.13 7.32 -20.50
N GLY D 31 -61.20 8.23 -20.25
CA GLY D 31 -60.72 8.46 -18.90
C GLY D 31 -59.35 9.13 -18.91
N SER D 32 -58.60 8.89 -17.84
CA SER D 32 -57.25 9.42 -17.70
C SER D 32 -56.51 8.60 -16.66
N GLY D 33 -55.37 8.05 -17.04
CA GLY D 33 -54.62 7.20 -16.13
C GLY D 33 -53.16 7.11 -16.52
N TYR D 34 -52.42 6.29 -15.77
CA TYR D 34 -51.00 6.07 -15.98
C TYR D 34 -50.75 4.62 -16.36
N ALA D 35 -49.58 4.37 -16.96
CA ALA D 35 -49.16 3.03 -17.32
C ALA D 35 -47.67 3.04 -17.58
N ALA D 36 -46.96 2.02 -17.07
CA ALA D 36 -45.52 1.93 -17.19
C ALA D 36 -45.13 1.04 -18.37
N ASP D 37 -43.91 1.23 -18.84
CA ASP D 37 -43.32 0.38 -19.87
C ASP D 37 -42.52 -0.73 -19.19
N LYS D 38 -42.95 -1.98 -19.39
CA LYS D 38 -42.32 -3.09 -18.69
C LYS D 38 -40.86 -3.25 -19.12
N GLU D 39 -40.57 -3.11 -20.41
CA GLU D 39 -39.22 -3.37 -20.89
C GLU D 39 -38.24 -2.28 -20.47
N SER D 40 -38.67 -1.01 -20.52
CA SER D 40 -37.76 0.08 -20.20
C SER D 40 -37.38 0.08 -18.73
N THR D 41 -38.34 -0.17 -17.83
CA THR D 41 -38.03 -0.16 -16.41
C THR D 41 -37.21 -1.37 -16.00
N GLN D 42 -37.59 -2.56 -16.49
CA GLN D 42 -36.88 -3.78 -16.12
C GLN D 42 -35.43 -3.74 -16.59
N LYS D 43 -35.16 -3.04 -17.68
CA LYS D 43 -33.78 -2.85 -18.12
C LYS D 43 -33.04 -1.86 -17.23
N ALA D 44 -33.75 -1.00 -16.52
CA ALA D 44 -33.14 -0.09 -15.57
C ALA D 44 -32.96 -0.71 -14.19
N ILE D 45 -33.95 -1.51 -13.75
CA ILE D 45 -33.80 -2.24 -12.49
C ILE D 45 -32.63 -3.21 -12.58
N ASP D 46 -32.56 -3.95 -13.69
CA ASP D 46 -31.44 -4.87 -13.90
C ASP D 46 -30.13 -4.14 -14.10
N GLY D 47 -30.16 -2.88 -14.53
CA GLY D 47 -28.95 -2.11 -14.71
C GLY D 47 -28.39 -1.59 -13.39
N VAL D 48 -29.24 -0.94 -12.59
CA VAL D 48 -28.78 -0.41 -11.31
C VAL D 48 -28.47 -1.54 -10.33
N THR D 49 -29.18 -2.66 -10.43
CA THR D 49 -28.87 -3.80 -9.58
C THR D 49 -27.54 -4.43 -9.97
N ASN D 50 -27.26 -4.51 -11.27
CA ASN D 50 -25.98 -5.03 -11.72
C ASN D 50 -24.83 -4.07 -11.41
N LYS D 51 -25.10 -2.76 -11.46
CA LYS D 51 -24.07 -1.79 -11.08
C LYS D 51 -23.74 -1.90 -9.60
N VAL D 52 -24.76 -1.98 -8.74
CA VAL D 52 -24.52 -2.10 -7.31
C VAL D 52 -23.80 -3.40 -6.99
N ASN D 53 -24.20 -4.50 -7.62
CA ASN D 53 -23.56 -5.79 -7.37
C ASN D 53 -22.11 -5.80 -7.85
N SER D 54 -21.83 -5.16 -8.99
CA SER D 54 -20.47 -5.14 -9.51
C SER D 54 -19.53 -4.37 -8.57
N ILE D 55 -20.04 -3.29 -7.97
CA ILE D 55 -19.24 -2.55 -6.99
C ILE D 55 -18.94 -3.42 -5.77
N ILE D 56 -19.88 -4.28 -5.39
CA ILE D 56 -19.71 -5.11 -4.20
C ILE D 56 -18.88 -6.35 -4.53
N ASP D 57 -19.25 -7.09 -5.57
CA ASP D 57 -18.66 -8.39 -5.83
C ASP D 57 -17.23 -8.32 -6.33
N LYS D 58 -16.82 -7.21 -6.92
CA LYS D 58 -15.46 -7.12 -7.45
C LYS D 58 -14.40 -6.99 -6.37
N MET D 59 -14.79 -6.75 -5.12
CA MET D 59 -13.82 -6.53 -4.05
C MET D 59 -13.20 -7.86 -3.64
N ASN D 60 -11.90 -7.99 -3.85
CA ASN D 60 -11.17 -9.15 -3.37
C ASN D 60 -10.91 -8.99 -1.88
N THR D 61 -11.30 -9.98 -1.09
CA THR D 61 -11.11 -9.98 0.35
C THR D 61 -10.30 -11.20 0.74
N GLN D 62 -9.27 -10.98 1.56
CA GLN D 62 -8.38 -12.04 2.02
C GLN D 62 -8.34 -12.04 3.54
N PHE D 63 -8.01 -13.20 4.10
CA PHE D 63 -7.81 -13.29 5.54
C PHE D 63 -6.61 -12.45 5.96
N GLU D 64 -6.82 -11.58 6.95
CA GLU D 64 -5.75 -10.78 7.51
C GLU D 64 -5.92 -10.71 9.02
N ALA D 65 -4.79 -10.74 9.74
CA ALA D 65 -4.78 -10.62 11.20
C ALA D 65 -4.02 -9.35 11.55
N VAL D 66 -4.75 -8.31 11.92
CA VAL D 66 -4.18 -6.99 12.18
C VAL D 66 -4.04 -6.79 13.68
N GLY D 67 -2.81 -6.67 14.15
CA GLY D 67 -2.56 -6.44 15.56
C GLY D 67 -1.43 -5.45 15.80
N ARG D 68 -0.97 -5.37 17.04
CA ARG D 68 0.15 -4.51 17.43
C ARG D 68 1.16 -5.41 18.15
N GLU D 69 2.06 -6.02 17.39
CA GLU D 69 2.92 -7.08 17.89
C GLU D 69 4.37 -6.67 18.09
N PHE D 70 4.68 -5.37 17.99
CA PHE D 70 6.05 -4.88 18.16
C PHE D 70 6.18 -4.15 19.49
N ASN D 71 7.33 -4.32 20.14
CA ASN D 71 7.53 -3.77 21.48
C ASN D 71 8.14 -2.36 21.38
N ASN D 72 8.52 -1.80 22.53
CA ASN D 72 8.95 -0.41 22.60
C ASN D 72 10.36 -0.18 22.07
N LEU D 73 11.13 -1.22 21.79
CA LEU D 73 12.40 -1.08 21.10
C LEU D 73 12.29 -1.43 19.62
N GLU D 74 11.08 -1.57 19.09
CA GLU D 74 10.82 -1.79 17.67
C GLU D 74 9.83 -0.75 17.15
N ARG D 75 10.01 0.50 17.58
CA ARG D 75 9.05 1.55 17.23
C ARG D 75 9.19 1.98 15.78
N ARG D 76 10.37 1.82 15.18
CA ARG D 76 10.53 2.14 13.76
C ARG D 76 9.70 1.21 12.90
N ILE D 77 9.71 -0.09 13.20
CA ILE D 77 8.90 -1.04 12.45
C ILE D 77 7.42 -0.78 12.69
N GLU D 78 7.06 -0.44 13.92
CA GLU D 78 5.68 -0.08 14.24
C GLU D 78 5.25 1.16 13.44
N ASN D 79 6.16 2.13 13.28
CA ASN D 79 5.86 3.28 12.43
C ASN D 79 5.70 2.87 10.98
N LEU D 80 6.54 1.93 10.52
CA LEU D 80 6.40 1.43 9.15
C LEU D 80 5.03 0.78 8.94
N ASN D 81 4.57 0.01 9.92
CA ASN D 81 3.23 -0.57 9.83
C ASN D 81 2.16 0.51 9.85
N LYS D 82 2.35 1.56 10.66
CA LYS D 82 1.38 2.64 10.74
C LYS D 82 1.25 3.36 9.40
N LYS D 83 2.37 3.68 8.76
CA LYS D 83 2.33 4.31 7.45
C LYS D 83 1.67 3.40 6.43
N MET D 84 1.81 2.08 6.60
CA MET D 84 1.17 1.15 5.67
C MET D 84 -0.35 1.14 5.86
N GLU D 85 -0.81 1.06 7.11
CA GLU D 85 -2.25 1.05 7.37
C GLU D 85 -2.89 2.38 6.97
N ASP D 86 -2.26 3.49 7.33
CA ASP D 86 -2.82 4.79 7.00
C ASP D 86 -2.79 5.06 5.51
N GLY D 87 -1.78 4.54 4.81
CA GLY D 87 -1.74 4.67 3.36
C GLY D 87 -2.90 3.95 2.70
N PHE D 88 -3.18 2.72 3.13
CA PHE D 88 -4.30 1.98 2.55
C PHE D 88 -5.64 2.57 2.97
N LEU D 89 -5.72 3.12 4.17
CA LEU D 89 -6.94 3.82 4.57
C LEU D 89 -7.22 5.00 3.65
N ASP D 90 -6.19 5.78 3.34
CA ASP D 90 -6.36 6.92 2.44
C ASP D 90 -6.71 6.46 1.03
N VAL D 91 -6.09 5.37 0.57
CA VAL D 91 -6.35 4.90 -0.79
C VAL D 91 -7.79 4.45 -0.94
N TRP D 92 -8.28 3.61 -0.01
CA TRP D 92 -9.64 3.10 -0.13
C TRP D 92 -10.67 4.20 0.11
N THR D 93 -10.40 5.10 1.05
CA THR D 93 -11.35 6.17 1.33
C THR D 93 -11.57 7.06 0.11
N TYR D 94 -10.47 7.50 -0.53
CA TYR D 94 -10.58 8.35 -1.70
C TYR D 94 -11.27 7.63 -2.85
N ASN D 95 -10.90 6.37 -3.09
CA ASN D 95 -11.53 5.60 -4.17
C ASN D 95 -13.00 5.33 -3.88
N ALA D 96 -13.34 5.01 -2.63
CA ALA D 96 -14.74 4.77 -2.30
C ALA D 96 -15.58 6.03 -2.45
N GLU D 97 -15.08 7.17 -1.96
CA GLU D 97 -15.85 8.41 -2.00
C GLU D 97 -16.05 8.89 -3.43
N LEU D 98 -14.98 8.88 -4.24
CA LEU D 98 -15.09 9.36 -5.61
C LEU D 98 -15.93 8.41 -6.46
N LEU D 99 -15.83 7.10 -6.22
CA LEU D 99 -16.61 6.15 -6.99
C LEU D 99 -18.10 6.33 -6.74
N VAL D 100 -18.47 6.63 -5.50
CA VAL D 100 -19.87 6.96 -5.19
C VAL D 100 -20.27 8.24 -5.91
N LEU D 101 -19.42 9.26 -5.84
CA LEU D 101 -19.73 10.54 -6.50
C LEU D 101 -19.81 10.37 -8.02
N MET D 102 -18.86 9.63 -8.60
CA MET D 102 -18.80 9.51 -10.05
C MET D 102 -19.98 8.69 -10.59
N GLU D 103 -20.29 7.58 -9.94
CA GLU D 103 -21.31 6.68 -10.47
C GLU D 103 -22.74 7.05 -10.07
N ASN D 104 -22.90 7.97 -9.12
CA ASN D 104 -24.23 8.52 -8.90
C ASN D 104 -24.66 9.43 -10.04
N GLU D 105 -23.70 10.17 -10.62
CA GLU D 105 -24.01 10.98 -11.79
C GLU D 105 -24.29 10.10 -13.00
N ARG D 106 -23.50 9.06 -13.20
CA ARG D 106 -23.78 8.13 -14.29
C ARG D 106 -25.11 7.41 -14.07
N THR D 107 -25.50 7.20 -12.81
CA THR D 107 -26.81 6.63 -12.52
C THR D 107 -27.93 7.59 -12.89
N LEU D 108 -27.82 8.85 -12.46
CA LEU D 108 -28.90 9.80 -12.73
C LEU D 108 -28.97 10.17 -14.21
N ASP D 109 -27.82 10.22 -14.89
CA ASP D 109 -27.84 10.41 -16.34
C ASP D 109 -28.29 9.15 -17.07
N PHE D 110 -28.40 8.02 -16.38
CA PHE D 110 -28.99 6.83 -16.95
C PHE D 110 -30.52 6.92 -16.91
N HIS D 111 -31.07 7.31 -15.76
CA HIS D 111 -32.51 7.59 -15.68
C HIS D 111 -32.88 8.78 -16.55
N ASP D 112 -32.01 9.79 -16.60
CA ASP D 112 -32.26 10.95 -17.46
C ASP D 112 -32.28 10.53 -18.93
N SER D 113 -31.38 9.63 -19.33
CA SER D 113 -31.39 9.17 -20.71
C SER D 113 -32.66 8.37 -21.02
N ASN D 114 -32.98 7.39 -20.16
CA ASN D 114 -34.05 6.44 -20.47
C ASN D 114 -35.39 7.14 -20.64
N VAL D 115 -35.66 8.15 -19.81
CA VAL D 115 -36.91 8.90 -19.94
C VAL D 115 -36.99 9.58 -21.29
N LYS D 116 -35.88 10.19 -21.74
CA LYS D 116 -35.87 10.82 -23.05
C LYS D 116 -35.98 9.78 -24.17
N ASN D 117 -35.45 8.58 -23.96
CA ASN D 117 -35.58 7.53 -24.98
C ASN D 117 -37.04 7.15 -25.19
N LEU D 118 -37.81 7.07 -24.10
CA LEU D 118 -39.22 6.72 -24.22
C LEU D 118 -39.99 7.80 -24.97
N TYR D 119 -39.66 9.07 -24.73
CA TYR D 119 -40.29 10.16 -25.48
C TYR D 119 -39.97 10.07 -26.97
N ASP D 120 -38.71 9.74 -27.30
CA ASP D 120 -38.34 9.62 -28.71
C ASP D 120 -38.99 8.42 -29.37
N LYS D 121 -39.24 7.35 -28.60
CA LYS D 121 -39.96 6.20 -29.15
C LYS D 121 -41.39 6.58 -29.55
N VAL D 122 -42.07 7.35 -28.70
CA VAL D 122 -43.43 7.77 -29.01
C VAL D 122 -43.43 8.77 -30.18
N ARG D 123 -42.42 9.64 -30.24
CA ARG D 123 -42.33 10.60 -31.34
C ARG D 123 -42.21 9.88 -32.68
N LEU D 124 -41.40 8.82 -32.74
CA LEU D 124 -41.32 8.01 -33.94
C LEU D 124 -42.55 7.12 -34.11
N GLN D 125 -43.33 6.93 -33.06
CA GLN D 125 -44.53 6.09 -33.12
C GLN D 125 -45.77 6.86 -33.59
N LEU D 126 -45.78 8.18 -33.47
CA LEU D 126 -46.92 9.00 -33.85
C LEU D 126 -46.67 9.84 -35.10
N ARG D 127 -45.58 10.62 -35.09
CA ARG D 127 -45.12 11.38 -36.26
C ARG D 127 -46.18 12.44 -36.60
N ASP D 128 -46.55 12.61 -37.87
CA ASP D 128 -47.46 13.68 -38.28
C ASP D 128 -48.88 13.47 -37.78
N ASN D 129 -49.19 12.29 -37.25
CA ASN D 129 -50.51 12.05 -36.66
C ASN D 129 -50.67 12.71 -35.30
N ALA D 130 -49.63 13.36 -34.78
CA ALA D 130 -49.69 14.03 -33.48
C ALA D 130 -48.75 15.23 -33.50
N LYS D 131 -49.00 16.14 -32.55
CA LYS D 131 -48.20 17.33 -32.38
C LYS D 131 -47.22 17.14 -31.22
N GLU D 132 -46.44 18.18 -30.93
CA GLU D 132 -45.51 18.18 -29.79
C GLU D 132 -45.83 19.39 -28.93
N LEU D 133 -46.43 19.14 -27.76
CA LEU D 133 -46.83 20.24 -26.89
C LEU D 133 -45.63 20.98 -26.34
N GLY D 134 -44.66 20.25 -25.79
CA GLY D 134 -43.47 20.88 -25.24
C GLY D 134 -43.04 20.32 -23.90
N ASN D 135 -43.99 19.79 -23.12
CA ASN D 135 -43.69 19.20 -21.82
C ASN D 135 -43.67 17.68 -21.86
N GLY D 136 -43.23 17.11 -22.99
CA GLY D 136 -43.16 15.67 -23.14
C GLY D 136 -44.45 15.00 -23.56
N CYS D 137 -45.51 15.76 -23.80
CA CYS D 137 -46.80 15.21 -24.17
C CYS D 137 -47.09 15.49 -25.64
N PHE D 138 -47.89 14.62 -26.26
CA PHE D 138 -48.25 14.73 -27.66
C PHE D 138 -49.73 15.03 -27.79
N GLU D 139 -50.07 15.85 -28.79
CA GLU D 139 -51.47 16.19 -29.09
C GLU D 139 -51.88 15.44 -30.35
N PHE D 140 -52.74 14.43 -30.18
CA PHE D 140 -53.16 13.61 -31.31
C PHE D 140 -54.01 14.40 -32.29
N TYR D 141 -53.91 14.03 -33.56
CA TYR D 141 -54.73 14.60 -34.64
C TYR D 141 -55.89 13.69 -35.01
N HIS D 142 -56.23 12.73 -34.16
CA HIS D 142 -57.33 11.81 -34.43
C HIS D 142 -57.79 11.20 -33.11
N LYS D 143 -58.91 10.49 -33.17
CA LYS D 143 -59.43 9.82 -31.98
C LYS D 143 -58.59 8.59 -31.66
N CYS D 144 -58.15 8.50 -30.41
CA CYS D 144 -57.32 7.40 -29.94
C CYS D 144 -58.04 6.68 -28.81
N ASP D 145 -58.43 5.43 -29.05
CA ASP D 145 -59.16 4.65 -28.06
C ASP D 145 -58.19 4.13 -26.99
N ASN D 146 -58.69 3.26 -26.12
CA ASN D 146 -57.84 2.56 -25.16
C ASN D 146 -57.21 1.31 -25.75
N GLU D 147 -57.49 1.01 -27.01
CA GLU D 147 -56.82 -0.06 -27.76
C GLU D 147 -55.78 0.45 -28.73
N CYS D 148 -55.94 1.68 -29.22
CA CYS D 148 -54.92 2.29 -30.06
C CYS D 148 -53.72 2.74 -29.24
N MET D 149 -53.93 3.10 -27.98
CA MET D 149 -52.82 3.52 -27.15
C MET D 149 -51.97 2.33 -26.71
N GLU D 150 -52.59 1.16 -26.53
CA GLU D 150 -51.81 -0.03 -26.21
C GLU D 150 -50.97 -0.46 -27.40
N SER D 151 -51.41 -0.12 -28.60
CA SER D 151 -50.57 -0.31 -29.78
C SER D 151 -49.37 0.64 -29.77
N VAL D 152 -49.50 1.79 -29.09
CA VAL D 152 -48.38 2.71 -28.96
C VAL D 152 -47.45 2.26 -27.84
N ARG D 153 -48.00 1.79 -26.73
CA ARG D 153 -47.18 1.38 -25.59
C ARG D 153 -46.27 0.21 -25.96
N ASN D 154 -46.83 -0.82 -26.59
CA ASN D 154 -46.01 -1.93 -27.03
C ASN D 154 -45.25 -1.62 -28.33
N GLY D 155 -45.58 -0.52 -28.99
CA GLY D 155 -44.88 -0.10 -30.19
C GLY D 155 -45.22 -0.92 -31.42
N THR D 156 -46.47 -0.87 -31.86
CA THR D 156 -46.88 -1.61 -33.06
C THR D 156 -47.83 -0.80 -33.95
N TYR D 157 -48.01 0.49 -33.71
CA TYR D 157 -48.91 1.28 -34.54
C TYR D 157 -48.40 1.35 -35.98
N ASP D 158 -49.32 1.29 -36.93
CA ASP D 158 -49.00 1.30 -38.35
C ASP D 158 -49.83 2.38 -39.04
N TYR D 159 -49.29 2.91 -40.14
CA TYR D 159 -49.99 3.93 -40.90
C TYR D 159 -51.37 3.50 -41.40
N PRO D 160 -51.59 2.24 -41.83
CA PRO D 160 -52.96 1.82 -42.19
C PRO D 160 -54.03 2.20 -41.18
N GLN D 161 -53.70 2.17 -39.88
CA GLN D 161 -54.67 2.56 -38.87
C GLN D 161 -55.04 4.04 -38.99
N TYR D 162 -54.04 4.90 -39.18
CA TYR D 162 -54.29 6.34 -39.27
C TYR D 162 -53.27 6.94 -40.25
N SER D 163 -53.67 7.09 -41.50
CA SER D 163 -52.86 7.79 -42.49
C SER D 163 -53.54 9.05 -43.00
N GLU D 164 -54.76 8.95 -43.52
CA GLU D 164 -55.54 10.11 -43.94
C GLU D 164 -56.50 10.58 -42.86
N GLU D 165 -56.93 9.68 -41.98
CA GLU D 165 -57.87 10.05 -40.91
C GLU D 165 -57.27 11.11 -40.00
N ALA D 166 -55.99 10.97 -39.64
CA ALA D 166 -55.34 11.99 -38.84
C ALA D 166 -55.18 13.29 -39.61
N ARG D 167 -54.96 13.21 -40.92
CA ARG D 167 -54.78 14.42 -41.73
C ARG D 167 -56.04 15.26 -41.75
N LEU D 168 -57.22 14.64 -41.62
CA LEU D 168 -58.47 15.39 -41.60
C LEU D 168 -58.53 16.35 -40.43
N LYS D 169 -58.57 15.81 -39.21
CA LYS D 169 -58.69 16.66 -38.02
C LYS D 169 -57.51 17.60 -37.89
N ARG D 170 -56.34 17.22 -38.43
CA ARG D 170 -55.20 18.12 -38.46
C ARG D 170 -55.49 19.35 -39.28
N GLU D 171 -56.02 19.16 -40.49
CA GLU D 171 -56.33 20.28 -41.37
C GLU D 171 -57.68 20.93 -41.04
N GLU D 172 -58.56 20.24 -40.31
CA GLU D 172 -59.77 20.89 -39.82
C GLU D 172 -59.42 22.01 -38.86
N ILE D 173 -58.37 21.83 -38.06
CA ILE D 173 -57.88 22.89 -37.16
C ILE D 173 -56.91 23.72 -37.97
N SER D 174 -57.44 24.74 -38.64
CA SER D 174 -56.61 25.65 -39.44
C SER D 174 -57.11 27.08 -39.33
N GLY E 4 -40.16 5.40 -53.30
CA GLY E 4 -39.04 6.17 -53.83
C GLY E 4 -37.69 5.57 -53.50
N ASP E 5 -36.68 6.41 -53.41
CA ASP E 5 -35.33 5.98 -53.06
C ASP E 5 -35.15 5.95 -51.55
N GLN E 6 -34.24 5.08 -51.10
CA GLN E 6 -34.07 4.79 -49.70
C GLN E 6 -32.60 4.89 -49.30
N ILE E 7 -32.33 5.51 -48.15
CA ILE E 7 -31.00 5.60 -47.58
C ILE E 7 -31.07 5.13 -46.14
N CYS E 8 -30.04 4.42 -45.68
CA CYS E 8 -30.04 3.80 -44.38
C CYS E 8 -28.75 4.14 -43.63
N ILE E 9 -28.84 4.10 -42.30
CA ILE E 9 -27.71 4.31 -41.41
C ILE E 9 -27.51 3.03 -40.60
N GLY E 10 -26.26 2.56 -40.55
CA GLY E 10 -25.98 1.33 -39.82
C GLY E 10 -24.53 1.27 -39.41
N TYR E 11 -24.22 0.25 -38.60
CA TYR E 11 -22.89 0.06 -38.05
C TYR E 11 -22.33 -1.30 -38.47
N HIS E 12 -21.11 -1.58 -38.03
CA HIS E 12 -20.38 -2.75 -38.44
C HIS E 12 -20.77 -3.98 -37.62
N ALA E 13 -20.60 -5.15 -38.22
CA ALA E 13 -20.75 -6.42 -37.54
C ALA E 13 -19.85 -7.45 -38.22
N ASN E 14 -19.51 -8.51 -37.50
CA ASN E 14 -18.63 -9.54 -38.04
C ASN E 14 -18.83 -10.83 -37.26
N ASN E 15 -18.29 -11.91 -37.80
CA ASN E 15 -18.33 -13.20 -37.10
C ASN E 15 -17.34 -13.18 -35.95
N SER E 16 -17.81 -12.82 -34.76
CA SER E 16 -16.93 -12.67 -33.60
C SER E 16 -17.71 -12.98 -32.34
N THR E 17 -17.21 -13.93 -31.55
CA THR E 17 -17.80 -14.31 -30.28
C THR E 17 -17.09 -13.67 -29.09
N GLU E 18 -16.22 -12.69 -29.35
CA GLU E 18 -15.47 -12.05 -28.27
C GLU E 18 -16.42 -11.37 -27.29
N GLN E 19 -16.11 -11.48 -26.00
CA GLN E 19 -16.97 -11.01 -24.94
C GLN E 19 -16.27 -9.96 -24.08
N VAL E 20 -17.04 -8.98 -23.62
CA VAL E 20 -16.61 -8.02 -22.61
C VAL E 20 -17.73 -7.86 -21.60
N ASP E 21 -17.41 -7.24 -20.47
CA ASP E 21 -18.37 -6.92 -19.43
C ASP E 21 -18.37 -5.42 -19.18
N THR E 22 -19.52 -4.90 -18.77
CA THR E 22 -19.66 -3.50 -18.41
C THR E 22 -20.24 -3.41 -17.00
N ILE E 23 -20.26 -2.19 -16.46
CA ILE E 23 -20.73 -1.98 -15.10
C ILE E 23 -22.21 -2.33 -14.97
N MET E 24 -22.99 -2.12 -16.03
CA MET E 24 -24.42 -2.38 -15.98
C MET E 24 -24.86 -3.64 -16.71
N GLU E 25 -24.08 -4.12 -17.67
CA GLU E 25 -24.46 -5.28 -18.46
C GLU E 25 -23.37 -6.34 -18.40
N LYS E 26 -23.79 -7.58 -18.14
CA LYS E 26 -22.89 -8.73 -18.19
C LYS E 26 -22.90 -9.33 -19.59
N ASN E 27 -21.85 -10.11 -19.88
CA ASN E 27 -21.81 -11.02 -21.02
C ASN E 27 -22.28 -10.34 -22.31
N VAL E 28 -21.50 -9.35 -22.74
CA VAL E 28 -21.77 -8.58 -23.94
C VAL E 28 -20.78 -8.96 -25.02
N THR E 29 -21.30 -9.35 -26.19
CA THR E 29 -20.48 -9.70 -27.34
C THR E 29 -20.17 -8.47 -28.16
N VAL E 30 -18.91 -8.33 -28.57
CA VAL E 30 -18.45 -7.17 -29.32
C VAL E 30 -17.73 -7.64 -30.57
N THR E 31 -17.47 -6.69 -31.46
CA THR E 31 -16.73 -6.98 -32.70
C THR E 31 -15.23 -7.13 -32.43
N HIS E 32 -14.61 -6.12 -31.84
CA HIS E 32 -13.19 -6.12 -31.54
C HIS E 32 -12.97 -5.77 -30.07
N ALA E 33 -12.06 -6.49 -29.42
CA ALA E 33 -11.76 -6.27 -28.02
C ALA E 33 -10.29 -6.54 -27.76
N GLN E 34 -9.78 -5.98 -26.67
CA GLN E 34 -8.37 -6.11 -26.30
C GLN E 34 -8.25 -6.41 -24.82
N ASP E 35 -7.36 -7.34 -24.48
CA ASP E 35 -7.12 -7.75 -23.10
C ASP E 35 -5.86 -7.06 -22.58
N ILE E 36 -5.96 -6.44 -21.42
CA ILE E 36 -4.85 -5.73 -20.81
C ILE E 36 -4.25 -6.52 -19.64
N LEU E 37 -4.49 -7.82 -19.59
CA LEU E 37 -3.96 -8.69 -18.55
C LEU E 37 -2.96 -9.65 -19.17
N GLU E 38 -1.69 -9.51 -18.78
CA GLU E 38 -0.65 -10.40 -19.28
C GLU E 38 -0.69 -11.72 -18.51
N LYS E 39 -0.69 -12.84 -19.25
CA LYS E 39 -0.80 -14.16 -18.65
C LYS E 39 0.24 -15.13 -19.20
N THR E 40 1.18 -14.67 -20.03
CA THR E 40 2.10 -15.54 -20.74
C THR E 40 3.54 -15.24 -20.35
N HIS E 41 4.33 -16.30 -20.19
CA HIS E 41 5.75 -16.20 -19.88
C HIS E 41 6.50 -17.23 -20.73
N ASN E 42 7.82 -17.09 -20.78
CA ASN E 42 8.64 -17.96 -21.63
C ASN E 42 9.06 -19.26 -20.94
N GLY E 43 8.79 -19.41 -19.65
CA GLY E 43 9.17 -20.62 -18.95
C GLY E 43 10.66 -20.82 -18.77
N LYS E 44 11.45 -19.75 -18.81
CA LYS E 44 12.90 -19.84 -18.66
C LYS E 44 13.40 -18.69 -17.79
N LEU E 45 14.54 -18.90 -17.15
CA LEU E 45 15.21 -17.86 -16.39
C LEU E 45 16.16 -17.11 -17.33
N CYS E 46 15.99 -15.80 -17.42
CA CYS E 46 16.70 -15.00 -18.41
C CYS E 46 17.60 -13.97 -17.73
N ASP E 47 18.51 -13.41 -18.52
CA ASP E 47 19.31 -12.27 -18.07
C ASP E 47 18.40 -11.08 -17.79
N LEU E 48 18.76 -10.31 -16.77
CA LEU E 48 18.01 -9.11 -16.39
C LEU E 48 18.79 -7.89 -16.87
N ASN E 49 18.26 -7.23 -17.90
CA ASN E 49 18.90 -6.06 -18.49
C ASN E 49 20.33 -6.37 -18.93
N GLY E 50 20.52 -7.56 -19.50
CA GLY E 50 21.80 -7.94 -20.06
C GLY E 50 22.81 -8.51 -19.09
N VAL E 51 22.41 -8.81 -17.85
CA VAL E 51 23.31 -9.37 -16.85
C VAL E 51 22.78 -10.75 -16.45
N LYS E 52 23.63 -11.77 -16.59
CA LYS E 52 23.22 -13.12 -16.27
C LYS E 52 23.06 -13.29 -14.76
N PRO E 53 22.09 -14.10 -14.33
CA PRO E 53 21.96 -14.40 -12.90
C PRO E 53 23.00 -15.41 -12.44
N LEU E 54 23.28 -15.37 -11.13
CA LEU E 54 24.13 -16.35 -10.48
C LEU E 54 23.25 -17.53 -10.08
N ILE E 55 23.46 -18.67 -10.73
CA ILE E 55 22.62 -19.85 -10.52
C ILE E 55 23.42 -20.82 -9.66
N LEU E 56 23.16 -20.81 -8.36
CA LEU E 56 23.66 -21.85 -7.46
C LEU E 56 22.81 -23.10 -7.68
N LYS E 57 23.43 -24.15 -8.21
CA LYS E 57 22.69 -25.33 -8.66
C LYS E 57 21.91 -25.97 -7.51
N ASP E 58 22.63 -26.52 -6.53
CA ASP E 58 22.01 -27.08 -5.34
C ASP E 58 22.70 -26.59 -4.07
N CYS E 59 23.51 -25.55 -4.18
CA CYS E 59 24.28 -25.01 -3.09
C CYS E 59 23.59 -23.76 -2.53
N SER E 60 23.70 -23.58 -1.22
CA SER E 60 23.25 -22.33 -0.61
C SER E 60 24.34 -21.28 -0.74
N VAL E 61 23.98 -20.03 -0.44
CA VAL E 61 24.96 -18.94 -0.49
C VAL E 61 26.08 -19.21 0.50
N ALA E 62 25.75 -19.73 1.68
CA ALA E 62 26.77 -20.00 2.69
C ALA E 62 27.74 -21.07 2.22
N GLY E 63 27.22 -22.14 1.62
CA GLY E 63 28.10 -23.18 1.09
C GLY E 63 28.96 -22.69 -0.06
N TRP E 64 28.37 -21.86 -0.92
CA TRP E 64 29.13 -21.27 -2.02
C TRP E 64 30.24 -20.35 -1.49
N LEU E 65 29.91 -19.51 -0.50
CA LEU E 65 30.90 -18.57 0.02
C LEU E 65 32.01 -19.28 0.79
N LEU E 66 31.65 -20.26 1.62
CA LEU E 66 32.65 -20.94 2.44
C LEU E 66 33.40 -22.03 1.70
N GLY E 67 32.92 -22.46 0.54
CA GLY E 67 33.56 -23.51 -0.21
C GLY E 67 33.21 -24.90 0.28
N ASN E 68 31.91 -25.17 0.40
CA ASN E 68 31.44 -26.50 0.74
C ASN E 68 31.98 -27.48 -0.30
N PRO E 69 32.71 -28.52 0.12
CA PRO E 69 33.35 -29.41 -0.88
C PRO E 69 32.39 -30.09 -1.83
N MET E 70 31.15 -30.36 -1.40
CA MET E 70 30.19 -30.98 -2.30
C MET E 70 29.65 -30.01 -3.34
N CYS E 71 29.74 -28.71 -3.09
CA CYS E 71 29.37 -27.73 -4.09
C CYS E 71 30.45 -27.61 -5.15
N ASP E 72 30.03 -27.26 -6.37
CA ASP E 72 30.96 -27.21 -7.49
C ASP E 72 32.06 -26.19 -7.23
N GLU E 73 33.24 -26.45 -7.79
CA GLU E 73 34.37 -25.56 -7.60
C GLU E 73 34.05 -24.17 -8.15
N PHE E 74 34.54 -23.15 -7.46
CA PHE E 74 34.22 -21.76 -7.77
C PHE E 74 34.51 -21.44 -9.21
N ILE E 75 33.47 -21.06 -9.95
CA ILE E 75 33.60 -20.59 -11.33
C ILE E 75 33.49 -19.07 -11.31
N ARG E 76 34.40 -18.40 -12.03
CA ARG E 76 34.42 -16.94 -11.99
C ARG E 76 33.13 -16.38 -12.61
N VAL E 77 32.24 -15.88 -11.76
CA VAL E 77 31.09 -15.10 -12.22
C VAL E 77 31.32 -13.69 -11.71
N PRO E 78 32.01 -12.84 -12.47
CA PRO E 78 32.41 -11.52 -11.93
C PRO E 78 31.23 -10.59 -11.66
N GLU E 79 30.03 -10.90 -12.14
CA GLU E 79 28.87 -10.07 -11.87
C GLU E 79 27.62 -10.92 -12.04
N TRP E 80 26.54 -10.45 -11.42
CA TRP E 80 25.23 -11.07 -11.60
C TRP E 80 24.15 -10.06 -11.22
N SER E 81 22.94 -10.32 -11.68
CA SER E 81 21.80 -9.45 -11.42
C SER E 81 20.87 -9.98 -10.35
N TYR E 82 20.81 -11.30 -10.17
CA TYR E 82 20.07 -11.91 -9.08
C TYR E 82 20.61 -13.31 -8.85
N ILE E 83 20.29 -13.87 -7.68
CA ILE E 83 20.76 -15.18 -7.27
C ILE E 83 19.58 -16.15 -7.36
N VAL E 84 19.84 -17.34 -7.88
CA VAL E 84 18.82 -18.40 -7.97
C VAL E 84 19.25 -19.54 -7.06
N GLU E 85 18.45 -19.83 -6.05
CA GLU E 85 18.60 -20.99 -5.19
C GLU E 85 17.40 -21.89 -5.37
N ARG E 86 17.60 -23.18 -5.13
CA ARG E 86 16.47 -24.09 -5.01
C ARG E 86 15.74 -23.81 -3.70
N ALA E 87 14.52 -24.34 -3.60
CA ALA E 87 13.69 -24.05 -2.43
C ALA E 87 14.40 -24.48 -1.14
N ASN E 88 14.99 -25.68 -1.15
CA ASN E 88 15.75 -26.19 -0.02
C ASN E 88 17.10 -26.69 -0.54
N PRO E 89 18.11 -25.81 -0.61
CA PRO E 89 19.43 -26.24 -1.09
C PRO E 89 19.99 -27.39 -0.25
N ALA E 90 20.57 -28.38 -0.94
CA ALA E 90 21.04 -29.58 -0.25
C ALA E 90 22.37 -29.34 0.44
N ASN E 91 23.31 -28.70 -0.24
CA ASN E 91 24.66 -28.46 0.31
C ASN E 91 24.73 -27.03 0.81
N ASP E 92 24.53 -26.84 2.11
CA ASP E 92 24.60 -25.53 2.72
C ASP E 92 25.76 -25.40 3.71
N LEU E 93 25.79 -26.23 4.75
CA LEU E 93 26.86 -26.21 5.74
C LEU E 93 27.14 -27.66 6.10
N CYS E 94 28.15 -28.24 5.45
CA CYS E 94 28.47 -29.64 5.70
C CYS E 94 28.86 -29.85 7.16
N TYR E 95 29.68 -28.98 7.71
CA TYR E 95 29.86 -29.03 9.15
C TYR E 95 28.75 -28.21 9.82
N PRO E 96 28.00 -28.80 10.76
CA PRO E 96 26.84 -28.09 11.32
C PRO E 96 27.24 -26.84 12.08
N GLY E 97 26.32 -25.88 12.11
CA GLY E 97 26.55 -24.61 12.77
C GLY E 97 25.68 -23.51 12.22
N SER E 98 26.26 -22.33 12.00
CA SER E 98 25.49 -21.20 11.50
C SER E 98 26.44 -20.18 10.87
N LEU E 99 25.85 -19.30 10.06
CA LEU E 99 26.53 -18.13 9.52
C LEU E 99 25.78 -16.90 10.01
N ASN E 100 26.49 -16.03 10.73
CA ASN E 100 25.86 -14.89 11.38
C ASN E 100 25.38 -13.87 10.35
N ASP E 101 24.24 -13.23 10.65
CA ASP E 101 23.64 -12.22 9.78
C ASP E 101 23.47 -12.73 8.36
N TYR E 102 23.00 -13.97 8.24
CA TYR E 102 22.97 -14.66 6.96
C TYR E 102 22.04 -13.96 5.97
N GLU E 103 20.85 -13.55 6.42
CA GLU E 103 19.88 -12.99 5.50
C GLU E 103 20.30 -11.61 4.99
N GLU E 104 20.89 -10.79 5.87
CA GLU E 104 21.45 -9.52 5.42
C GLU E 104 22.59 -9.75 4.43
N LEU E 105 23.42 -10.77 4.69
CA LEU E 105 24.50 -11.10 3.75
C LEU E 105 23.94 -11.56 2.42
N LYS E 106 22.88 -12.39 2.44
CA LYS E 106 22.27 -12.85 1.19
C LYS E 106 21.67 -11.68 0.42
N HIS E 107 21.00 -10.76 1.12
CA HIS E 107 20.41 -9.60 0.47
C HIS E 107 21.49 -8.73 -0.17
N MET E 108 22.62 -8.58 0.51
CA MET E 108 23.68 -7.72 -0.01
C MET E 108 24.36 -8.33 -1.24
N LEU E 109 24.41 -9.65 -1.32
CA LEU E 109 25.04 -10.33 -2.44
C LEU E 109 24.08 -10.62 -3.59
N SER E 110 22.82 -10.17 -3.48
CA SER E 110 21.83 -10.51 -4.49
C SER E 110 22.21 -9.96 -5.86
N ARG E 111 22.72 -8.73 -5.91
CA ARG E 111 23.19 -8.11 -7.14
C ARG E 111 24.56 -7.51 -6.89
N ILE E 112 25.56 -7.96 -7.64
CA ILE E 112 26.94 -7.56 -7.44
C ILE E 112 27.54 -7.13 -8.78
N ASN E 113 28.23 -5.99 -8.78
CA ASN E 113 28.83 -5.48 -10.00
C ASN E 113 30.20 -6.13 -10.28
N HIS E 114 31.00 -6.35 -9.25
CA HIS E 114 32.28 -7.03 -9.40
C HIS E 114 32.52 -7.94 -8.21
N PHE E 115 32.86 -9.19 -8.49
CA PHE E 115 33.07 -10.20 -7.45
C PHE E 115 34.30 -11.02 -7.82
N GLU E 116 35.34 -10.94 -6.99
CA GLU E 116 36.63 -11.56 -7.30
C GLU E 116 37.18 -12.24 -6.05
N LYS E 117 37.46 -13.53 -6.13
CA LYS E 117 38.07 -14.24 -5.02
C LYS E 117 39.59 -14.10 -5.08
N ILE E 118 40.19 -13.77 -3.94
CA ILE E 118 41.63 -13.63 -3.82
C ILE E 118 42.09 -14.34 -2.56
N GLN E 119 43.36 -14.72 -2.54
CA GLN E 119 43.98 -15.32 -1.37
C GLN E 119 44.61 -14.22 -0.52
N ILE E 120 44.21 -14.14 0.75
CA ILE E 120 44.73 -13.13 1.64
C ILE E 120 45.64 -13.70 2.72
N ILE E 121 45.43 -14.95 3.13
CA ILE E 121 46.29 -15.60 4.13
C ILE E 121 46.59 -17.02 3.64
N PRO E 122 47.69 -17.25 2.94
CA PRO E 122 47.99 -18.61 2.48
C PRO E 122 48.28 -19.55 3.65
N LYS E 123 48.05 -20.84 3.41
CA LYS E 123 48.27 -21.85 4.43
C LYS E 123 49.72 -21.90 4.91
N SER E 124 50.64 -21.28 4.17
CA SER E 124 52.03 -21.19 4.62
C SER E 124 52.20 -20.21 5.77
N SER E 125 51.23 -19.33 6.02
CA SER E 125 51.33 -18.29 7.03
C SER E 125 50.98 -18.79 8.43
N TRP E 126 50.98 -20.10 8.67
CA TRP E 126 50.69 -20.67 9.98
C TRP E 126 51.81 -21.64 10.34
N PRO E 127 53.02 -21.13 10.58
CA PRO E 127 54.17 -22.03 10.80
C PRO E 127 54.13 -22.74 12.14
N ASN E 128 53.42 -22.20 13.13
CA ASN E 128 53.38 -22.79 14.46
C ASN E 128 52.11 -23.60 14.72
N HIS E 129 51.30 -23.83 13.69
CA HIS E 129 50.04 -24.54 13.86
C HIS E 129 49.85 -25.54 12.73
N GLU E 130 49.12 -26.61 13.05
CA GLU E 130 48.78 -27.62 12.05
C GLU E 130 47.67 -27.09 11.15
N THR E 131 47.87 -27.21 9.83
CA THR E 131 46.90 -26.71 8.86
C THR E 131 46.35 -27.80 7.96
N SER E 132 46.63 -29.07 8.25
CA SER E 132 46.22 -30.17 7.39
C SER E 132 45.32 -31.19 8.06
N LEU E 133 45.12 -31.11 9.37
CA LEU E 133 44.24 -32.02 10.07
C LEU E 133 42.82 -31.50 10.21
N GLY E 134 42.55 -30.29 9.74
CA GLY E 134 41.22 -29.70 9.88
C GLY E 134 40.22 -30.27 8.91
N VAL E 135 39.85 -31.53 9.09
CA VAL E 135 38.94 -32.23 8.19
C VAL E 135 37.86 -32.93 9.00
N SER E 136 36.78 -33.28 8.33
CA SER E 136 35.64 -33.91 8.99
C SER E 136 34.90 -34.80 8.00
N ALA E 137 34.40 -35.94 8.50
CA ALA E 137 33.55 -36.81 7.68
C ALA E 137 32.22 -36.15 7.32
N ALA E 138 31.84 -35.10 8.04
CA ALA E 138 30.65 -34.33 7.69
C ALA E 138 30.84 -33.50 6.42
N CYS E 139 32.08 -33.32 5.97
CA CYS E 139 32.39 -32.60 4.74
C CYS E 139 33.20 -33.50 3.82
N PRO E 140 32.57 -34.52 3.23
CA PRO E 140 33.34 -35.48 2.41
C PRO E 140 33.61 -34.94 1.02
N TYR E 141 34.85 -35.18 0.56
CA TYR E 141 35.23 -34.92 -0.83
C TYR E 141 35.86 -36.19 -1.39
N GLN E 142 35.31 -36.69 -2.50
CA GLN E 142 35.74 -37.95 -3.08
C GLN E 142 35.68 -39.07 -2.05
N GLY E 143 34.64 -39.05 -1.21
CA GLY E 143 34.49 -40.00 -0.13
C GLY E 143 35.39 -39.76 1.06
N ALA E 144 36.50 -39.03 0.89
CA ALA E 144 37.45 -38.76 1.96
C ALA E 144 37.01 -37.57 2.80
N PRO E 145 37.29 -37.60 4.10
CA PRO E 145 36.98 -36.45 4.95
C PRO E 145 37.72 -35.21 4.49
N SER E 146 37.02 -34.08 4.50
CA SER E 146 37.55 -32.82 4.00
C SER E 146 36.94 -31.70 4.82
N PHE E 147 37.00 -30.48 4.29
CA PHE E 147 36.50 -29.30 4.99
C PHE E 147 36.20 -28.23 3.96
N PHE E 148 35.64 -27.11 4.44
CA PHE E 148 35.41 -25.96 3.58
C PHE E 148 36.72 -25.53 2.91
N ARG E 149 36.62 -25.16 1.62
CA ARG E 149 37.81 -24.83 0.85
C ARG E 149 38.42 -23.51 1.31
N ASN E 150 37.58 -22.49 1.55
CA ASN E 150 38.05 -21.12 1.68
C ASN E 150 38.45 -20.74 3.10
N VAL E 151 38.34 -21.66 4.06
CA VAL E 151 38.79 -21.42 5.42
C VAL E 151 39.60 -22.63 5.88
N VAL E 152 40.43 -22.41 6.90
CA VAL E 152 41.35 -23.43 7.39
C VAL E 152 41.07 -23.66 8.87
N TRP E 153 40.98 -24.93 9.25
CA TRP E 153 40.66 -25.34 10.62
C TRP E 153 41.98 -25.66 11.31
N LEU E 154 42.53 -24.66 12.00
CA LEU E 154 43.85 -24.80 12.63
C LEU E 154 43.78 -25.71 13.84
N ILE E 155 44.79 -26.56 13.99
CA ILE E 155 44.89 -27.54 15.06
C ILE E 155 46.23 -27.37 15.74
N LYS E 156 46.30 -27.78 17.01
CA LYS E 156 47.56 -27.69 17.76
C LYS E 156 48.65 -28.48 17.06
N LYS E 157 49.88 -27.98 17.16
CA LYS E 157 51.05 -28.67 16.64
C LYS E 157 52.05 -28.88 17.78
N ASN E 158 52.62 -30.08 17.83
CA ASN E 158 53.55 -30.47 18.90
C ASN E 158 52.91 -30.31 20.27
N ASP E 159 51.61 -30.66 20.35
CA ASP E 159 50.84 -30.56 21.58
C ASP E 159 50.87 -29.15 22.16
N ALA E 160 50.78 -28.15 21.28
CA ALA E 160 50.78 -26.76 21.70
C ALA E 160 50.05 -25.92 20.66
N TYR E 161 49.37 -24.87 21.15
CA TYR E 161 48.63 -23.94 20.30
C TYR E 161 49.04 -22.53 20.69
N PRO E 162 50.15 -22.03 20.15
CA PRO E 162 50.61 -20.68 20.50
C PRO E 162 49.58 -19.63 20.09
N THR E 163 49.53 -18.56 20.87
CA THR E 163 48.57 -17.49 20.59
C THR E 163 48.87 -16.86 19.23
N ILE E 164 47.82 -16.71 18.43
CA ILE E 164 47.93 -16.17 17.08
C ILE E 164 47.74 -14.65 17.14
N LYS E 165 48.59 -13.92 16.44
CA LYS E 165 48.46 -12.47 16.29
C LYS E 165 48.82 -12.13 14.84
N ILE E 166 47.82 -12.04 13.99
CA ILE E 166 48.01 -11.78 12.57
C ILE E 166 47.10 -10.63 12.14
N SER E 167 47.56 -9.88 11.14
CA SER E 167 46.79 -8.78 10.56
C SER E 167 46.85 -8.86 9.05
N TYR E 168 45.82 -8.31 8.40
CA TYR E 168 45.80 -8.19 6.95
C TYR E 168 45.25 -6.83 6.59
N ASN E 169 46.05 -6.04 5.85
CA ASN E 169 45.68 -4.71 5.40
C ASN E 169 45.14 -4.81 3.98
N ASN E 170 43.96 -4.25 3.75
CA ASN E 170 43.29 -4.34 2.45
C ASN E 170 43.93 -3.31 1.51
N THR E 171 44.90 -3.78 0.73
CA THR E 171 45.59 -2.91 -0.22
C THR E 171 44.85 -2.78 -1.54
N ASN E 172 43.80 -3.55 -1.76
CA ASN E 172 43.06 -3.49 -3.01
C ASN E 172 42.21 -2.23 -3.08
N ARG E 173 41.73 -1.91 -4.28
CA ARG E 173 40.90 -0.74 -4.49
C ARG E 173 39.44 -0.96 -4.10
N GLU E 174 39.05 -2.19 -3.81
CA GLU E 174 37.65 -2.53 -3.60
C GLU E 174 37.43 -3.11 -2.21
N ASP E 175 36.17 -3.10 -1.77
CA ASP E 175 35.80 -3.69 -0.50
C ASP E 175 36.06 -5.19 -0.51
N LEU E 176 36.35 -5.74 0.67
CA LEU E 176 36.64 -7.15 0.84
C LEU E 176 35.59 -7.79 1.73
N LEU E 177 35.06 -8.93 1.31
CA LEU E 177 34.19 -9.76 2.12
C LEU E 177 35.05 -10.85 2.76
N ILE E 178 35.13 -10.86 4.08
CA ILE E 178 35.99 -11.77 4.82
C ILE E 178 35.13 -12.61 5.74
N LEU E 179 35.36 -13.93 5.73
CA LEU E 179 34.62 -14.86 6.57
C LEU E 179 35.58 -15.65 7.45
N TRP E 180 35.21 -15.78 8.73
CA TRP E 180 35.98 -16.56 9.69
C TRP E 180 34.99 -17.29 10.60
N GLY E 181 35.50 -18.10 11.52
CA GLY E 181 34.60 -18.88 12.35
C GLY E 181 35.25 -19.31 13.65
N ILE E 182 34.41 -19.91 14.51
CA ILE E 182 34.83 -20.49 15.77
C ILE E 182 34.23 -21.88 15.88
N HIS E 183 35.00 -22.82 16.41
CA HIS E 183 34.55 -24.20 16.56
C HIS E 183 34.19 -24.46 18.02
N HIS E 184 32.96 -24.94 18.24
CA HIS E 184 32.49 -25.32 19.57
C HIS E 184 32.76 -26.81 19.75
N SER E 185 33.67 -27.15 20.66
CA SER E 185 34.01 -28.54 20.90
C SER E 185 32.98 -29.20 21.81
N ASN E 186 33.08 -30.52 21.93
CA ASN E 186 32.04 -31.33 22.58
C ASN E 186 32.25 -31.52 24.07
N ASN E 187 33.49 -31.53 24.54
CA ASN E 187 33.77 -31.71 25.97
C ASN E 187 35.18 -31.24 26.25
N ALA E 188 35.58 -31.32 27.52
CA ALA E 188 36.90 -30.85 27.93
C ALA E 188 38.01 -31.66 27.28
N GLU E 189 37.84 -32.98 27.19
CA GLU E 189 38.87 -33.81 26.59
C GLU E 189 39.08 -33.50 25.11
N GLU E 190 37.98 -33.35 24.35
CA GLU E 190 38.10 -33.00 22.94
C GLU E 190 38.70 -31.62 22.75
N GLN E 191 38.42 -30.69 23.67
CA GLN E 191 39.00 -29.35 23.58
C GLN E 191 40.53 -29.40 23.70
N THR E 192 41.06 -30.20 24.64
CA THR E 192 42.51 -30.30 24.78
C THR E 192 43.11 -31.12 23.65
N ASN E 193 42.42 -32.17 23.20
CA ASN E 193 42.96 -33.01 22.14
C ASN E 193 43.18 -32.24 20.84
N LEU E 194 42.40 -31.18 20.63
CA LEU E 194 42.51 -30.40 19.39
C LEU E 194 43.28 -29.10 19.57
N TYR E 195 43.21 -28.47 20.74
CA TYR E 195 43.78 -27.14 20.93
C TYR E 195 44.70 -27.00 22.14
N LYS E 196 44.67 -27.95 23.08
CA LYS E 196 45.60 -28.04 24.20
C LYS E 196 45.35 -26.95 25.25
N ASN E 197 44.53 -25.95 24.90
CA ASN E 197 44.23 -24.87 25.83
C ASN E 197 42.81 -25.04 26.32
N PRO E 198 42.60 -25.26 27.62
CA PRO E 198 41.21 -25.50 28.09
C PRO E 198 40.29 -24.32 27.86
N ILE E 199 40.77 -23.09 28.08
CA ILE E 199 39.95 -21.89 28.01
C ILE E 199 40.53 -20.99 26.93
N THR E 200 39.74 -20.73 25.89
CA THR E 200 40.22 -20.05 24.70
C THR E 200 39.26 -18.94 24.28
N TYR E 201 39.74 -18.09 23.38
CA TYR E 201 38.98 -16.96 22.89
C TYR E 201 39.38 -16.66 21.45
N ILE E 202 38.59 -15.80 20.80
CA ILE E 202 38.92 -15.24 19.49
C ILE E 202 38.59 -13.76 19.53
N SER E 203 39.55 -12.93 19.11
CA SER E 203 39.35 -11.48 19.00
C SER E 203 39.53 -11.05 17.56
N VAL E 204 38.58 -10.28 17.04
CA VAL E 204 38.63 -9.77 15.68
C VAL E 204 38.41 -8.26 15.73
N GLY E 205 39.31 -7.51 15.13
CA GLY E 205 39.25 -6.06 15.17
C GLY E 205 39.49 -5.43 13.81
N THR E 206 38.68 -4.43 13.51
CA THR E 206 38.84 -3.58 12.32
C THR E 206 38.60 -2.15 12.77
N SER E 207 38.36 -1.25 11.82
CA SER E 207 37.99 0.11 12.19
C SER E 207 36.60 0.17 12.83
N THR E 208 35.75 -0.85 12.61
CA THR E 208 34.40 -0.82 13.15
C THR E 208 34.08 -2.05 13.99
N LEU E 209 34.70 -3.19 13.65
CA LEU E 209 34.39 -4.45 14.31
C LEU E 209 35.24 -4.61 15.57
N ASN E 210 34.58 -4.96 16.68
CA ASN E 210 35.24 -5.26 17.96
C ASN E 210 34.58 -6.52 18.52
N GLN E 211 35.07 -7.68 18.11
CA GLN E 211 34.42 -8.96 18.39
C GLN E 211 35.28 -9.80 19.32
N ARG E 212 34.63 -10.40 20.32
CA ARG E 212 35.28 -11.39 21.18
C ARG E 212 34.35 -12.59 21.27
N LEU E 213 34.89 -13.77 20.94
CA LEU E 213 34.14 -15.02 20.93
C LEU E 213 34.80 -16.04 21.84
N ALA E 214 33.97 -16.82 22.55
CA ALA E 214 34.47 -17.93 23.34
C ALA E 214 33.71 -19.19 22.95
N PRO E 215 34.37 -20.34 22.94
CA PRO E 215 33.68 -21.58 22.57
C PRO E 215 32.64 -21.96 23.59
N LYS E 216 31.55 -22.57 23.10
CA LYS E 216 30.48 -23.09 23.93
C LYS E 216 30.63 -24.60 23.96
N ILE E 217 31.29 -25.09 25.01
CA ILE E 217 31.59 -26.51 25.14
C ILE E 217 30.43 -27.18 25.87
N ALA E 218 29.62 -27.92 25.12
CA ALA E 218 28.38 -28.47 25.66
C ALA E 218 27.97 -29.69 24.85
N THR E 219 27.01 -30.44 25.40
CA THR E 219 26.43 -31.57 24.70
C THR E 219 25.37 -31.09 23.72
N ARG E 220 25.46 -31.54 22.47
CA ARG E 220 24.51 -31.18 21.43
C ARG E 220 24.12 -32.43 20.66
N SER E 221 23.02 -32.31 19.91
CA SER E 221 22.57 -33.40 19.06
C SER E 221 23.44 -33.51 17.81
N GLN E 222 23.43 -34.70 17.23
CA GLN E 222 24.24 -34.98 16.04
C GLN E 222 23.56 -34.43 14.79
N VAL E 223 24.30 -33.66 14.02
CA VAL E 223 23.88 -33.21 12.69
C VAL E 223 25.01 -33.56 11.73
N ASN E 224 24.67 -34.26 10.65
CA ASN E 224 25.67 -34.80 9.72
C ASN E 224 26.71 -35.63 10.46
N GLY E 225 26.27 -36.31 11.53
CA GLY E 225 27.11 -37.18 12.31
C GLY E 225 28.02 -36.49 13.30
N GLN E 226 27.88 -35.18 13.50
CA GLN E 226 28.78 -34.42 14.37
C GLN E 226 28.00 -33.65 15.43
N ARG E 227 28.42 -33.77 16.68
CA ARG E 227 27.87 -32.99 17.77
C ARG E 227 28.53 -31.63 17.91
N GLY E 228 29.68 -31.41 17.26
CA GLY E 228 30.32 -30.12 17.28
C GLY E 228 29.60 -29.12 16.38
N ARG E 229 29.94 -27.85 16.56
CA ARG E 229 29.35 -26.78 15.78
C ARG E 229 30.42 -25.77 15.40
N MET E 230 30.19 -25.09 14.29
CA MET E 230 31.03 -23.97 13.88
C MET E 230 30.15 -22.76 13.57
N ASP E 231 30.40 -21.66 14.25
CA ASP E 231 29.70 -20.40 13.99
C ASP E 231 30.61 -19.51 13.15
N PHE E 232 30.11 -19.10 11.99
CA PHE E 232 30.87 -18.29 11.06
C PHE E 232 30.38 -16.85 11.09
N PHE E 233 31.30 -15.93 10.82
CA PHE E 233 31.02 -14.51 10.87
C PHE E 233 31.65 -13.84 9.65
N TRP E 234 31.12 -12.67 9.29
CA TRP E 234 31.61 -11.95 8.13
C TRP E 234 31.68 -10.45 8.42
N THR E 235 32.50 -9.78 7.62
CA THR E 235 32.61 -8.33 7.68
C THR E 235 33.03 -7.82 6.32
N ILE E 236 32.83 -6.52 6.10
CA ILE E 236 33.30 -5.84 4.90
C ILE E 236 34.48 -4.98 5.32
N LEU E 237 35.68 -5.32 4.83
CA LEU E 237 36.88 -4.56 5.12
C LEU E 237 37.08 -3.52 4.03
N LYS E 238 36.89 -2.25 4.38
CA LYS E 238 37.01 -1.17 3.41
C LYS E 238 38.47 -0.97 3.03
N PRO E 239 38.74 -0.40 1.85
CA PRO E 239 40.13 -0.23 1.41
C PRO E 239 40.92 0.60 2.40
N ASN E 240 42.20 0.23 2.55
CA ASN E 240 43.18 0.83 3.46
C ASN E 240 42.88 0.56 4.91
N ASP E 241 41.86 -0.23 5.23
CA ASP E 241 41.61 -0.71 6.58
C ASP E 241 42.22 -2.09 6.75
N ALA E 242 42.48 -2.45 8.01
CA ALA E 242 43.07 -3.74 8.33
C ALA E 242 42.21 -4.49 9.33
N ILE E 243 42.27 -5.81 9.26
CA ILE E 243 41.56 -6.69 10.17
C ILE E 243 42.60 -7.43 11.01
N HIS E 244 42.37 -7.49 12.32
CA HIS E 244 43.34 -8.06 13.25
C HIS E 244 42.72 -9.28 13.93
N PHE E 245 43.33 -10.44 13.73
CA PHE E 245 42.88 -11.69 14.35
C PHE E 245 43.79 -12.03 15.52
N GLU E 246 43.19 -12.59 16.57
CA GLU E 246 43.96 -13.06 17.73
C GLU E 246 43.18 -14.18 18.40
N SER E 247 43.82 -15.34 18.55
CA SER E 247 43.15 -16.48 19.14
C SER E 247 44.18 -17.46 19.69
N ASN E 248 43.77 -18.20 20.73
CA ASN E 248 44.57 -19.30 21.28
C ASN E 248 43.85 -20.63 21.17
N GLY E 249 42.91 -20.75 20.25
CA GLY E 249 42.20 -22.00 20.03
C GLY E 249 40.87 -21.78 19.38
N ASN E 250 40.37 -22.86 18.76
CA ASN E 250 39.03 -22.94 18.18
C ASN E 250 38.82 -22.01 16.99
N PHE E 251 39.89 -21.54 16.36
CA PHE E 251 39.80 -20.52 15.33
C PHE E 251 39.74 -21.16 13.94
N ILE E 252 38.73 -20.78 13.17
CA ILE E 252 38.59 -21.22 11.78
C ILE E 252 39.02 -20.02 10.93
N ALA E 253 40.29 -20.00 10.57
CA ALA E 253 40.89 -18.84 9.94
C ALA E 253 40.46 -18.71 8.48
N PRO E 254 40.33 -17.48 7.98
CA PRO E 254 40.13 -17.30 6.55
C PRO E 254 41.39 -17.59 5.76
N GLU E 255 41.21 -18.07 4.55
CA GLU E 255 42.29 -18.16 3.56
C GLU E 255 42.01 -17.31 2.34
N TYR E 256 40.81 -17.44 1.76
CA TYR E 256 40.37 -16.60 0.66
C TYR E 256 39.42 -15.52 1.17
N ALA E 257 39.37 -14.41 0.43
CA ALA E 257 38.39 -13.36 0.64
C ALA E 257 37.84 -12.96 -0.73
N TYR E 258 36.88 -12.05 -0.74
CA TYR E 258 36.18 -11.67 -1.96
C TYR E 258 36.20 -10.17 -2.13
N LYS E 259 36.84 -9.70 -3.20
CA LYS E 259 36.71 -8.30 -3.60
C LYS E 259 35.33 -8.09 -4.19
N ILE E 260 34.60 -7.12 -3.66
CA ILE E 260 33.18 -6.97 -3.97
C ILE E 260 32.88 -5.49 -4.23
N VAL E 261 32.22 -5.22 -5.35
CA VAL E 261 31.69 -3.90 -5.67
C VAL E 261 30.19 -4.05 -5.87
N LYS E 262 29.41 -3.23 -5.17
CA LYS E 262 27.96 -3.27 -5.23
C LYS E 262 27.43 -1.93 -5.72
N LYS E 263 26.54 -1.97 -6.70
CA LYS E 263 25.92 -0.78 -7.27
C LYS E 263 24.43 -0.72 -7.02
N GLY E 264 23.70 -1.82 -7.27
CA GLY E 264 22.26 -1.85 -7.13
C GLY E 264 21.81 -2.97 -6.21
N ASP E 265 20.49 -3.11 -6.13
CA ASP E 265 19.86 -4.05 -5.22
C ASP E 265 18.98 -5.02 -5.99
N SER E 266 18.84 -6.22 -5.42
CA SER E 266 18.03 -7.29 -5.98
C SER E 266 17.49 -8.12 -4.82
N THR E 267 17.05 -9.33 -5.11
CA THR E 267 16.69 -10.29 -4.07
C THR E 267 17.09 -11.69 -4.54
N ILE E 268 16.83 -12.67 -3.69
CA ILE E 268 17.10 -14.07 -4.01
C ILE E 268 15.82 -14.71 -4.53
N MET E 269 15.93 -15.43 -5.64
CA MET E 269 14.81 -16.09 -6.27
C MET E 269 14.89 -17.60 -6.04
N LYS E 270 13.80 -18.18 -5.56
CA LYS E 270 13.70 -19.63 -5.38
C LYS E 270 13.02 -20.21 -6.62
N SER E 271 13.76 -21.02 -7.38
CA SER E 271 13.19 -21.61 -8.58
C SER E 271 14.06 -22.78 -9.03
N GLY E 272 13.43 -23.72 -9.74
CA GLY E 272 14.14 -24.82 -10.36
C GLY E 272 14.15 -24.72 -11.87
N VAL E 273 13.51 -23.67 -12.40
CA VAL E 273 13.46 -23.47 -13.84
C VAL E 273 14.87 -23.23 -14.37
N GLU E 274 15.12 -23.72 -15.58
CA GLU E 274 16.45 -23.71 -16.19
C GLU E 274 16.74 -22.39 -16.89
N TYR E 275 18.03 -22.07 -16.97
CA TYR E 275 18.49 -20.89 -17.70
C TYR E 275 18.30 -21.08 -19.20
N GLY E 276 17.87 -20.02 -19.88
CA GLY E 276 17.48 -20.13 -21.27
C GLY E 276 18.19 -19.22 -22.25
N HIS E 277 19.29 -18.60 -21.84
CA HIS E 277 20.12 -17.76 -22.71
C HIS E 277 19.29 -16.66 -23.37
N CYS E 278 18.41 -16.05 -22.59
CA CYS E 278 17.52 -14.99 -23.06
C CYS E 278 17.84 -13.70 -22.30
N ASN E 279 17.02 -12.68 -22.54
CA ASN E 279 17.12 -11.41 -21.83
C ASN E 279 15.72 -10.90 -21.53
N THR E 280 15.59 -10.16 -20.43
CA THR E 280 14.28 -9.68 -20.01
C THR E 280 14.48 -8.47 -19.11
N LYS E 281 13.37 -7.75 -18.88
CA LYS E 281 13.32 -6.70 -17.88
C LYS E 281 12.41 -7.06 -16.71
N CYS E 282 11.71 -8.19 -16.77
CA CYS E 282 10.85 -8.67 -15.69
C CYS E 282 10.96 -10.18 -15.63
N GLN E 283 11.34 -10.71 -14.46
CA GLN E 283 11.59 -12.13 -14.26
C GLN E 283 10.74 -12.66 -13.12
N THR E 284 10.20 -13.85 -13.30
CA THR E 284 9.40 -14.54 -12.31
C THR E 284 10.00 -15.92 -12.07
N PRO E 285 9.68 -16.57 -10.94
CA PRO E 285 10.19 -17.92 -10.69
C PRO E 285 9.69 -18.97 -11.67
N VAL E 286 8.68 -18.66 -12.49
CA VAL E 286 8.19 -19.60 -13.50
C VAL E 286 8.56 -19.20 -14.92
N GLY E 287 9.05 -17.98 -15.13
CA GLY E 287 9.47 -17.56 -16.45
C GLY E 287 9.49 -16.06 -16.58
N ALA E 288 10.21 -15.59 -17.59
CA ALA E 288 10.34 -14.16 -17.83
C ALA E 288 9.10 -13.63 -18.54
N ILE E 289 8.91 -12.32 -18.45
CA ILE E 289 7.76 -11.64 -19.03
C ILE E 289 8.26 -10.59 -20.02
N ASN E 290 7.76 -10.66 -21.25
CA ASN E 290 8.01 -9.65 -22.28
C ASN E 290 6.65 -9.03 -22.60
N SER E 291 6.38 -7.88 -22.00
CA SER E 291 5.06 -7.27 -22.13
C SER E 291 5.12 -5.79 -21.80
N SER E 292 4.09 -5.07 -22.24
CA SER E 292 3.87 -3.69 -21.86
C SER E 292 2.57 -3.51 -21.09
N MET E 293 1.86 -4.58 -20.80
CA MET E 293 0.58 -4.49 -20.12
C MET E 293 0.75 -3.97 -18.70
N PRO E 294 -0.24 -3.24 -18.17
CA PRO E 294 -0.15 -2.73 -16.80
C PRO E 294 -0.46 -3.77 -15.73
N PHE E 295 -1.03 -4.92 -16.09
CA PHE E 295 -1.43 -5.90 -15.10
C PHE E 295 -1.06 -7.30 -15.56
N HIS E 296 -0.87 -8.20 -14.60
CA HIS E 296 -0.53 -9.59 -14.88
C HIS E 296 -0.96 -10.45 -13.70
N ASN E 297 -1.01 -11.77 -13.92
CA ASN E 297 -1.46 -12.70 -12.89
C ASN E 297 -0.57 -13.93 -12.83
N ILE E 298 0.70 -13.79 -13.23
CA ILE E 298 1.56 -14.97 -13.40
C ILE E 298 2.14 -15.40 -12.05
N HIS E 299 2.85 -14.51 -11.37
CA HIS E 299 3.49 -14.84 -10.10
C HIS E 299 3.76 -13.55 -9.35
N PRO E 300 3.69 -13.56 -8.00
CA PRO E 300 3.93 -12.34 -7.23
C PRO E 300 5.41 -12.06 -6.95
N LEU E 301 6.24 -13.10 -6.96
CA LEU E 301 7.65 -12.96 -6.56
C LEU E 301 8.51 -12.57 -7.77
N THR E 302 8.19 -11.41 -8.33
CA THR E 302 8.85 -10.91 -9.52
C THR E 302 10.04 -10.04 -9.18
N ILE E 303 11.00 -9.97 -10.11
CA ILE E 303 12.18 -9.12 -10.01
C ILE E 303 12.26 -8.30 -11.29
N GLY E 304 12.25 -6.98 -11.15
CA GLY E 304 12.46 -6.07 -12.25
C GLY E 304 11.27 -5.15 -12.42
N GLU E 305 11.23 -4.50 -13.59
CA GLU E 305 10.14 -3.61 -13.98
C GLU E 305 9.01 -4.47 -14.53
N CYS E 306 7.99 -4.68 -13.72
CA CYS E 306 6.95 -5.66 -13.99
C CYS E 306 5.57 -5.04 -13.96
N PRO E 307 4.60 -5.63 -14.64
CA PRO E 307 3.21 -5.18 -14.50
C PRO E 307 2.69 -5.41 -13.10
N LYS E 308 1.69 -4.64 -12.73
CA LYS E 308 1.10 -4.76 -11.40
C LYS E 308 0.39 -6.10 -11.26
N TYR E 309 0.68 -6.81 -10.16
CA TYR E 309 0.12 -8.13 -9.94
C TYR E 309 -1.31 -8.01 -9.41
N VAL E 310 -2.23 -8.73 -10.04
CA VAL E 310 -3.64 -8.69 -9.68
C VAL E 310 -4.17 -10.11 -9.61
N LYS E 311 -5.34 -10.25 -8.98
CA LYS E 311 -6.09 -11.50 -8.97
C LYS E 311 -7.19 -11.35 -10.02
N SER E 312 -6.88 -11.73 -11.25
CA SER E 312 -7.83 -11.63 -12.35
C SER E 312 -7.51 -12.69 -13.39
N ASN E 313 -8.56 -13.19 -14.04
CA ASN E 313 -8.38 -14.10 -15.16
C ASN E 313 -8.42 -13.39 -16.50
N LYS E 314 -9.10 -12.25 -16.58
CA LYS E 314 -9.18 -11.47 -17.80
C LYS E 314 -9.58 -10.04 -17.47
N LEU E 315 -8.96 -9.08 -18.16
CA LEU E 315 -9.37 -7.68 -18.12
C LEU E 315 -9.51 -7.23 -19.58
N VAL E 316 -10.69 -7.48 -20.15
CA VAL E 316 -10.91 -7.28 -21.58
C VAL E 316 -11.59 -5.93 -21.78
N LEU E 317 -11.05 -5.13 -22.69
CA LEU E 317 -11.55 -3.80 -22.97
C LEU E 317 -12.22 -3.78 -24.33
N ALA E 318 -13.43 -3.21 -24.39
CA ALA E 318 -14.17 -3.15 -25.64
C ALA E 318 -13.60 -2.04 -26.52
N THR E 319 -13.27 -2.40 -27.76
CA THR E 319 -12.82 -1.44 -28.76
C THR E 319 -13.76 -1.31 -29.94
N GLY E 320 -14.41 -2.40 -30.36
CA GLY E 320 -15.37 -2.38 -31.45
C GLY E 320 -16.79 -2.18 -30.96
N LEU E 321 -17.73 -2.53 -31.83
CA LEU E 321 -19.15 -2.33 -31.57
C LEU E 321 -19.80 -3.63 -31.10
N ARG E 322 -20.99 -3.47 -30.51
CA ARG E 322 -21.76 -4.61 -30.03
C ARG E 322 -22.21 -5.45 -31.22
N ASN E 323 -21.70 -6.67 -31.31
CA ASN E 323 -21.92 -7.54 -32.46
C ASN E 323 -23.07 -8.50 -32.17
N SER E 324 -24.09 -8.47 -33.01
CA SER E 324 -25.24 -9.36 -32.93
C SER E 324 -25.19 -10.40 -34.05
N PRO E 325 -25.62 -11.64 -33.77
CA PRO E 325 -25.63 -12.70 -34.80
C PRO E 325 -26.85 -12.61 -35.71
N GLY F 1 -27.81 1.35 -25.91
CA GLY F 1 -27.05 2.24 -25.05
C GLY F 1 -27.84 3.43 -24.57
N LEU F 2 -27.14 4.50 -24.18
CA LEU F 2 -27.82 5.69 -23.68
C LEU F 2 -28.50 6.46 -24.81
N PHE F 3 -27.82 6.59 -25.95
CA PHE F 3 -28.31 7.44 -27.04
C PHE F 3 -29.35 6.75 -27.91
N GLY F 4 -29.64 5.47 -27.68
CA GLY F 4 -30.69 4.78 -28.38
C GLY F 4 -30.47 4.61 -29.86
N ALA F 5 -29.27 4.19 -30.27
CA ALA F 5 -28.95 3.97 -31.67
C ALA F 5 -28.52 2.54 -31.98
N ILE F 6 -27.86 1.86 -31.04
CA ILE F 6 -27.49 0.47 -31.27
C ILE F 6 -28.67 -0.46 -31.01
N ALA F 7 -29.44 -0.19 -29.96
CA ALA F 7 -30.61 -0.98 -29.61
C ALA F 7 -31.88 -0.13 -29.61
N GLY F 8 -31.93 0.88 -30.49
CA GLY F 8 -33.08 1.76 -30.56
C GLY F 8 -33.86 1.62 -31.85
N PHE F 9 -33.80 2.65 -32.70
CA PHE F 9 -34.51 2.58 -33.97
C PHE F 9 -33.82 1.64 -34.96
N ILE F 10 -32.50 1.57 -34.93
CA ILE F 10 -31.74 0.65 -35.78
C ILE F 10 -31.67 -0.69 -35.06
N GLU F 11 -32.34 -1.70 -35.61
CA GLU F 11 -32.35 -3.04 -35.06
C GLU F 11 -31.56 -4.01 -35.95
N GLY F 12 -30.43 -3.54 -36.47
CA GLY F 12 -29.66 -4.33 -37.42
C GLY F 12 -28.21 -4.52 -37.05
N GLY F 13 -27.32 -4.09 -37.94
CA GLY F 13 -25.92 -4.43 -37.88
C GLY F 13 -25.55 -5.21 -39.12
N TRP F 14 -24.80 -4.59 -40.03
CA TRP F 14 -24.64 -5.08 -41.39
C TRP F 14 -23.34 -5.89 -41.48
N GLN F 15 -23.48 -7.20 -41.67
CA GLN F 15 -22.31 -8.05 -41.85
C GLN F 15 -21.58 -7.72 -43.14
N GLY F 16 -22.33 -7.38 -44.19
CA GLY F 16 -21.74 -7.00 -45.46
C GLY F 16 -20.88 -5.75 -45.41
N MET F 17 -20.96 -4.98 -44.33
CA MET F 17 -20.10 -3.83 -44.13
C MET F 17 -18.75 -4.30 -43.60
N VAL F 18 -17.71 -4.18 -44.44
CA VAL F 18 -16.40 -4.74 -44.13
C VAL F 18 -15.26 -3.75 -44.32
N ASP F 19 -15.55 -2.50 -44.68
CA ASP F 19 -14.52 -1.46 -44.82
C ASP F 19 -14.84 -0.25 -43.96
N GLY F 20 -15.36 -0.47 -42.75
CA GLY F 20 -15.62 0.62 -41.84
C GLY F 20 -16.43 0.15 -40.65
N TRP F 21 -16.60 1.07 -39.70
CA TRP F 21 -17.42 0.85 -38.52
C TRP F 21 -18.84 1.37 -38.72
N TYR F 22 -18.99 2.65 -39.05
CA TYR F 22 -20.26 3.25 -39.38
C TYR F 22 -20.32 3.52 -40.88
N GLY F 23 -21.54 3.51 -41.42
CA GLY F 23 -21.67 3.72 -42.85
C GLY F 23 -23.11 3.89 -43.27
N TYR F 24 -23.32 3.81 -44.58
CA TYR F 24 -24.63 4.00 -45.19
C TYR F 24 -24.97 2.85 -46.12
N HIS F 25 -26.26 2.61 -46.29
CA HIS F 25 -26.79 1.69 -47.30
C HIS F 25 -27.78 2.46 -48.15
N HIS F 26 -27.56 2.48 -49.45
CA HIS F 26 -28.37 3.25 -50.39
C HIS F 26 -29.17 2.32 -51.29
N SER F 27 -30.36 2.79 -51.68
CA SER F 27 -31.26 2.01 -52.53
C SER F 27 -31.90 2.97 -53.54
N ASN F 28 -31.38 2.96 -54.77
CA ASN F 28 -31.95 3.76 -55.85
C ASN F 28 -32.18 2.89 -57.08
N GLU F 29 -32.52 3.51 -58.21
CA GLU F 29 -32.74 2.75 -59.43
C GLU F 29 -31.44 2.31 -60.10
N GLN F 30 -30.29 2.79 -59.62
CA GLN F 30 -28.99 2.40 -60.18
C GLN F 30 -28.37 1.21 -59.47
N GLY F 31 -28.93 0.77 -58.35
CA GLY F 31 -28.43 -0.40 -57.65
C GLY F 31 -28.38 -0.15 -56.16
N SER F 32 -27.65 -1.02 -55.46
CA SER F 32 -27.49 -0.93 -54.01
C SER F 32 -26.03 -1.19 -53.67
N GLY F 33 -25.64 -0.76 -52.48
CA GLY F 33 -24.27 -0.98 -52.03
C GLY F 33 -24.09 -0.44 -50.62
N TYR F 34 -22.89 -0.69 -50.09
CA TYR F 34 -22.51 -0.23 -48.76
C TYR F 34 -21.42 0.82 -48.89
N ALA F 35 -21.60 1.94 -48.19
CA ALA F 35 -20.64 3.03 -48.15
C ALA F 35 -20.23 3.32 -46.72
N ALA F 36 -18.97 3.68 -46.53
CA ALA F 36 -18.40 3.89 -45.20
C ALA F 36 -18.16 5.38 -44.97
N ASP F 37 -18.62 5.87 -43.81
CA ASP F 37 -18.31 7.24 -43.38
C ASP F 37 -16.90 7.22 -42.83
N LYS F 38 -15.93 7.49 -43.71
CA LYS F 38 -14.53 7.47 -43.32
C LYS F 38 -14.23 8.49 -42.23
N GLU F 39 -14.89 9.65 -42.28
CA GLU F 39 -14.69 10.63 -41.21
C GLU F 39 -15.21 10.09 -39.88
N SER F 40 -16.41 9.48 -39.87
CA SER F 40 -17.00 9.08 -38.60
C SER F 40 -16.22 7.95 -37.94
N THR F 41 -15.78 6.96 -38.72
CA THR F 41 -15.06 5.84 -38.15
C THR F 41 -13.65 6.23 -37.71
N GLN F 42 -13.02 7.18 -38.41
CA GLN F 42 -11.67 7.60 -38.03
C GLN F 42 -11.66 8.27 -36.67
N LYS F 43 -12.66 9.10 -36.37
CA LYS F 43 -12.75 9.70 -35.03
C LYS F 43 -12.94 8.63 -33.97
N ALA F 44 -13.75 7.61 -34.28
CA ALA F 44 -13.99 6.54 -33.33
C ALA F 44 -12.76 5.64 -33.19
N ILE F 45 -12.08 5.36 -34.31
CA ILE F 45 -10.90 4.50 -34.25
C ILE F 45 -9.81 5.13 -33.39
N ASP F 46 -9.54 6.42 -33.61
CA ASP F 46 -8.54 7.10 -32.81
C ASP F 46 -8.98 7.27 -31.36
N GLY F 47 -10.29 7.39 -31.14
CA GLY F 47 -10.79 7.57 -29.78
C GLY F 47 -10.56 6.36 -28.90
N VAL F 48 -10.85 5.16 -29.42
CA VAL F 48 -10.67 3.96 -28.60
C VAL F 48 -9.21 3.51 -28.59
N THR F 49 -8.46 3.79 -29.66
CA THR F 49 -7.03 3.53 -29.63
C THR F 49 -6.34 4.39 -28.59
N ASN F 50 -6.73 5.67 -28.50
CA ASN F 50 -6.16 6.55 -27.50
C ASN F 50 -6.57 6.13 -26.09
N LYS F 51 -7.80 5.67 -25.92
CA LYS F 51 -8.24 5.20 -24.62
C LYS F 51 -7.46 3.97 -24.18
N VAL F 52 -7.24 3.03 -25.08
CA VAL F 52 -6.46 1.84 -24.76
C VAL F 52 -5.04 2.23 -24.38
N ASN F 53 -4.42 3.14 -25.14
CA ASN F 53 -3.04 3.51 -24.88
C ASN F 53 -2.91 4.35 -23.61
N SER F 54 -3.95 5.09 -23.23
CA SER F 54 -3.88 5.87 -22.00
C SER F 54 -3.93 4.96 -20.77
N ILE F 55 -4.76 3.92 -20.81
CA ILE F 55 -4.80 2.96 -19.71
C ILE F 55 -3.48 2.21 -19.60
N ILE F 56 -2.87 1.89 -20.74
CA ILE F 56 -1.59 1.19 -20.73
C ILE F 56 -0.46 2.10 -20.25
N ASP F 57 -0.37 3.31 -20.82
CA ASP F 57 0.83 4.12 -20.68
C ASP F 57 0.89 4.94 -19.40
N LYS F 58 -0.25 5.30 -18.82
CA LYS F 58 -0.23 6.07 -17.59
C LYS F 58 0.25 5.24 -16.39
N MET F 59 0.38 3.93 -16.55
CA MET F 59 0.84 3.08 -15.45
C MET F 59 2.34 3.29 -15.24
N ASN F 60 2.71 3.69 -14.03
CA ASN F 60 4.10 3.90 -13.68
C ASN F 60 4.67 2.61 -13.09
N THR F 61 5.78 2.13 -13.68
CA THR F 61 6.43 0.91 -13.24
C THR F 61 7.85 1.24 -12.79
N GLN F 62 8.27 0.61 -11.69
CA GLN F 62 9.61 0.78 -11.16
C GLN F 62 10.26 -0.58 -10.98
N PHE F 63 11.59 -0.59 -10.95
CA PHE F 63 12.30 -1.81 -10.61
C PHE F 63 12.01 -2.17 -9.16
N GLU F 64 11.56 -3.41 -8.95
CA GLU F 64 11.38 -3.97 -7.63
C GLU F 64 11.88 -5.40 -7.62
N ALA F 65 12.34 -5.86 -6.47
CA ALA F 65 12.75 -7.25 -6.27
C ALA F 65 11.94 -7.81 -5.11
N VAL F 66 11.06 -8.76 -5.41
CA VAL F 66 10.13 -9.30 -4.43
C VAL F 66 10.57 -10.72 -4.11
N GLY F 67 10.96 -10.95 -2.86
CA GLY F 67 11.38 -12.26 -2.40
C GLY F 67 10.87 -12.55 -1.00
N ARG F 68 11.48 -13.53 -0.33
CA ARG F 68 11.12 -13.92 1.03
C ARG F 68 12.42 -14.01 1.85
N GLU F 69 12.85 -12.88 2.40
CA GLU F 69 14.18 -12.74 2.96
C GLU F 69 14.19 -12.66 4.49
N PHE F 70 13.11 -13.06 5.15
CA PHE F 70 13.04 -13.07 6.61
C PHE F 70 12.95 -14.51 7.11
N ASN F 71 13.68 -14.80 8.19
CA ASN F 71 13.81 -16.16 8.70
C ASN F 71 12.64 -16.50 9.62
N ASN F 72 12.72 -17.64 10.31
CA ASN F 72 11.61 -18.13 11.11
C ASN F 72 11.45 -17.40 12.43
N LEU F 73 12.40 -16.55 12.82
CA LEU F 73 12.26 -15.71 14.00
C LEU F 73 11.98 -14.25 13.64
N GLU F 74 11.53 -14.00 12.41
CA GLU F 74 11.11 -12.68 11.96
C GLU F 74 9.73 -12.76 11.32
N ARG F 75 8.86 -13.62 11.86
CA ARG F 75 7.54 -13.84 11.28
C ARG F 75 6.67 -12.59 11.32
N ARG F 76 6.80 -11.79 12.38
CA ARG F 76 6.00 -10.57 12.47
C ARG F 76 6.31 -9.62 11.32
N ILE F 77 7.60 -9.46 11.00
CA ILE F 77 7.98 -8.66 9.84
C ILE F 77 7.52 -9.31 8.56
N GLU F 78 7.66 -10.64 8.48
CA GLU F 78 7.16 -11.38 7.31
C GLU F 78 5.66 -11.18 7.15
N ASN F 79 4.91 -11.21 8.25
CA ASN F 79 3.48 -10.93 8.18
C ASN F 79 3.22 -9.50 7.73
N LEU F 80 4.07 -8.56 8.12
CA LEU F 80 3.93 -7.18 7.66
C LEU F 80 4.07 -7.08 6.15
N ASN F 81 5.04 -7.81 5.58
CA ASN F 81 5.18 -7.82 4.13
C ASN F 81 3.97 -8.49 3.47
N LYS F 82 3.45 -9.56 4.08
CA LYS F 82 2.28 -10.23 3.52
C LYS F 82 1.08 -9.28 3.47
N LYS F 83 0.85 -8.54 4.56
CA LYS F 83 -0.26 -7.60 4.56
C LYS F 83 -0.07 -6.51 3.50
N MET F 84 1.18 -6.11 3.26
CA MET F 84 1.44 -5.09 2.24
C MET F 84 1.15 -5.63 0.84
N GLU F 85 1.66 -6.82 0.52
CA GLU F 85 1.45 -7.38 -0.81
C GLU F 85 -0.02 -7.65 -1.07
N ASP F 86 -0.73 -8.19 -0.07
CA ASP F 86 -2.16 -8.43 -0.21
C ASP F 86 -2.92 -7.11 -0.36
N GLY F 87 -2.51 -6.07 0.36
CA GLY F 87 -3.19 -4.79 0.23
C GLY F 87 -3.07 -4.20 -1.15
N PHE F 88 -1.86 -4.23 -1.73
CA PHE F 88 -1.68 -3.69 -3.08
C PHE F 88 -2.40 -4.53 -4.12
N LEU F 89 -2.41 -5.85 -3.95
CA LEU F 89 -3.14 -6.71 -4.88
C LEU F 89 -4.64 -6.40 -4.83
N ASP F 90 -5.18 -6.20 -3.63
CA ASP F 90 -6.59 -5.83 -3.52
C ASP F 90 -6.87 -4.48 -4.15
N VAL F 91 -5.98 -3.51 -3.94
CA VAL F 91 -6.16 -2.18 -4.53
C VAL F 91 -6.08 -2.27 -6.05
N TRP F 92 -5.07 -2.96 -6.57
CA TRP F 92 -4.89 -3.03 -8.01
C TRP F 92 -6.00 -3.86 -8.67
N THR F 93 -6.39 -4.97 -8.06
CA THR F 93 -7.44 -5.79 -8.63
C THR F 93 -8.75 -5.02 -8.70
N TYR F 94 -9.16 -4.42 -7.59
CA TYR F 94 -10.46 -3.73 -7.52
C TYR F 94 -10.51 -2.57 -8.51
N ASN F 95 -9.46 -1.76 -8.55
CA ASN F 95 -9.44 -0.61 -9.44
C ASN F 95 -9.33 -1.04 -10.90
N ALA F 96 -8.57 -2.10 -11.18
CA ALA F 96 -8.44 -2.55 -12.56
C ALA F 96 -9.72 -3.18 -13.07
N GLU F 97 -10.41 -3.97 -12.24
CA GLU F 97 -11.67 -4.55 -12.65
C GLU F 97 -12.73 -3.47 -12.88
N LEU F 98 -12.82 -2.50 -11.96
CA LEU F 98 -13.84 -1.46 -12.09
C LEU F 98 -13.50 -0.47 -13.20
N LEU F 99 -12.21 -0.26 -13.48
CA LEU F 99 -11.84 0.57 -14.61
C LEU F 99 -12.34 -0.03 -15.91
N VAL F 100 -12.19 -1.35 -16.07
CA VAL F 100 -12.64 -2.02 -17.27
C VAL F 100 -14.16 -1.92 -17.41
N LEU F 101 -14.88 -2.15 -16.31
CA LEU F 101 -16.34 -2.11 -16.36
C LEU F 101 -16.85 -0.72 -16.71
N MET F 102 -16.30 0.32 -16.06
CA MET F 102 -16.78 1.67 -16.28
C MET F 102 -16.46 2.16 -17.68
N GLU F 103 -15.25 1.87 -18.18
CA GLU F 103 -14.87 2.39 -19.49
C GLU F 103 -15.45 1.55 -20.63
N ASN F 104 -15.74 0.27 -20.40
CA ASN F 104 -16.47 -0.50 -21.40
C ASN F 104 -17.85 0.09 -21.61
N GLU F 105 -18.49 0.57 -20.54
CA GLU F 105 -19.78 1.22 -20.66
C GLU F 105 -19.66 2.52 -21.47
N ARG F 106 -18.60 3.29 -21.24
CA ARG F 106 -18.40 4.50 -22.03
C ARG F 106 -18.17 4.19 -23.50
N THR F 107 -17.39 3.13 -23.78
CA THR F 107 -17.11 2.76 -25.16
C THR F 107 -18.37 2.34 -25.90
N LEU F 108 -19.21 1.51 -25.26
CA LEU F 108 -20.42 1.03 -25.92
C LEU F 108 -21.44 2.14 -26.14
N ASP F 109 -21.36 3.23 -25.38
CA ASP F 109 -22.19 4.40 -25.64
C ASP F 109 -21.49 5.43 -26.51
N PHE F 110 -20.18 5.30 -26.70
CA PHE F 110 -19.49 6.14 -27.67
C PHE F 110 -19.90 5.76 -29.10
N HIS F 111 -19.93 4.46 -29.39
CA HIS F 111 -20.41 3.99 -30.68
C HIS F 111 -21.90 4.28 -30.85
N ASP F 112 -22.67 4.15 -29.77
CA ASP F 112 -24.10 4.48 -29.83
C ASP F 112 -24.30 5.94 -30.18
N SER F 113 -23.52 6.83 -29.58
CA SER F 113 -23.61 8.25 -29.90
C SER F 113 -23.19 8.54 -31.33
N ASN F 114 -22.13 7.87 -31.80
CA ASN F 114 -21.63 8.14 -33.15
C ASN F 114 -22.67 7.78 -34.20
N VAL F 115 -23.37 6.65 -34.03
CA VAL F 115 -24.42 6.28 -34.97
C VAL F 115 -25.54 7.30 -34.96
N LYS F 116 -25.96 7.73 -33.77
CA LYS F 116 -26.99 8.77 -33.69
C LYS F 116 -26.51 10.07 -34.31
N ASN F 117 -25.26 10.48 -34.01
CA ASN F 117 -24.75 11.71 -34.60
C ASN F 117 -24.66 11.63 -36.12
N LEU F 118 -24.57 10.43 -36.68
CA LEU F 118 -24.59 10.27 -38.13
C LEU F 118 -26.00 10.18 -38.69
N TYR F 119 -26.94 9.63 -37.92
CA TYR F 119 -28.34 9.61 -38.34
C TYR F 119 -28.90 11.03 -38.40
N ASP F 120 -28.54 11.88 -37.44
CA ASP F 120 -29.00 13.26 -37.47
C ASP F 120 -28.28 14.08 -38.53
N LYS F 121 -27.02 13.74 -38.84
CA LYS F 121 -26.33 14.43 -39.92
C LYS F 121 -27.05 14.24 -41.25
N VAL F 122 -27.53 13.03 -41.51
CA VAL F 122 -28.32 12.77 -42.71
C VAL F 122 -29.67 13.48 -42.62
N ARG F 123 -30.32 13.41 -41.45
CA ARG F 123 -31.68 13.94 -41.32
C ARG F 123 -31.71 15.45 -41.58
N LEU F 124 -30.80 16.20 -40.94
CA LEU F 124 -30.85 17.65 -41.02
C LEU F 124 -30.61 18.17 -42.42
N GLN F 125 -29.98 17.38 -43.29
CA GLN F 125 -29.85 17.77 -44.68
C GLN F 125 -31.15 17.55 -45.45
N LEU F 126 -31.87 16.47 -45.13
CA LEU F 126 -33.03 16.10 -45.92
C LEU F 126 -34.29 16.85 -45.48
N ARG F 127 -34.50 16.97 -44.17
CA ARG F 127 -35.61 17.75 -43.58
C ARG F 127 -36.92 17.15 -44.10
N ASP F 128 -37.85 17.96 -44.61
CA ASP F 128 -39.10 17.45 -45.16
C ASP F 128 -38.98 17.03 -46.63
N ASN F 129 -37.80 17.21 -47.23
CA ASN F 129 -37.56 16.71 -48.58
C ASN F 129 -37.57 15.19 -48.64
N ALA F 130 -37.40 14.52 -47.51
CA ALA F 130 -37.48 13.06 -47.40
C ALA F 130 -38.40 12.69 -46.26
N LYS F 131 -38.65 11.38 -46.09
CA LYS F 131 -39.55 10.88 -45.07
C LYS F 131 -38.83 9.81 -44.24
N GLU F 132 -39.01 9.88 -42.92
CA GLU F 132 -38.42 8.90 -42.03
C GLU F 132 -39.30 7.66 -41.97
N LEU F 133 -38.67 6.49 -41.95
CA LEU F 133 -39.39 5.23 -41.86
C LEU F 133 -39.62 4.78 -40.42
N GLY F 134 -38.67 5.07 -39.53
CA GLY F 134 -38.75 4.62 -38.14
C GLY F 134 -37.79 3.51 -37.79
N ASN F 135 -37.00 3.02 -38.74
CA ASN F 135 -36.03 1.96 -38.51
C ASN F 135 -34.63 2.38 -38.92
N GLY F 136 -34.31 3.67 -38.75
CA GLY F 136 -33.02 4.17 -39.17
C GLY F 136 -32.85 4.35 -40.65
N CYS F 137 -33.96 4.46 -41.39
CA CYS F 137 -33.92 4.61 -42.84
C CYS F 137 -34.78 5.80 -43.25
N PHE F 138 -34.42 6.40 -44.38
CA PHE F 138 -35.13 7.56 -44.92
C PHE F 138 -35.69 7.22 -46.29
N GLU F 139 -36.95 7.59 -46.51
CA GLU F 139 -37.59 7.46 -47.81
C GLU F 139 -37.70 8.84 -48.44
N PHE F 140 -37.00 9.04 -49.56
CA PHE F 140 -36.99 10.34 -50.21
C PHE F 140 -38.31 10.61 -50.91
N TYR F 141 -38.58 11.90 -51.09
CA TYR F 141 -39.68 12.37 -51.95
C TYR F 141 -39.18 12.81 -53.32
N HIS F 142 -38.16 12.13 -53.85
CA HIS F 142 -37.59 12.47 -55.16
C HIS F 142 -36.58 11.40 -55.56
N LYS F 143 -36.13 11.49 -56.80
CA LYS F 143 -35.09 10.61 -57.30
C LYS F 143 -33.72 11.05 -56.76
N CYS F 144 -32.87 10.07 -56.47
CA CYS F 144 -31.52 10.34 -55.98
C CYS F 144 -30.51 9.65 -56.89
N ASP F 145 -29.58 10.42 -57.42
CA ASP F 145 -28.49 9.87 -58.22
C ASP F 145 -27.47 9.18 -57.33
N ASN F 146 -26.52 8.49 -57.98
CA ASN F 146 -25.34 8.04 -57.26
C ASN F 146 -24.44 9.22 -56.87
N GLU F 147 -24.63 10.37 -57.51
CA GLU F 147 -23.97 11.60 -57.06
C GLU F 147 -24.71 12.23 -55.88
N CYS F 148 -26.04 12.22 -55.92
CA CYS F 148 -26.81 12.71 -54.78
C CYS F 148 -26.67 11.79 -53.58
N MET F 149 -26.55 10.48 -53.82
CA MET F 149 -26.26 9.56 -52.73
C MET F 149 -24.90 9.85 -52.10
N GLU F 150 -23.89 10.11 -52.92
CA GLU F 150 -22.59 10.51 -52.40
C GLU F 150 -22.63 11.90 -51.78
N SER F 151 -23.62 12.72 -52.15
CA SER F 151 -23.73 14.06 -51.57
C SER F 151 -24.22 14.00 -50.13
N VAL F 152 -25.14 13.08 -49.83
CA VAL F 152 -25.65 12.96 -48.47
C VAL F 152 -24.57 12.46 -47.52
N ARG F 153 -23.77 11.49 -47.97
CA ARG F 153 -22.61 11.06 -47.19
C ARG F 153 -21.61 12.19 -47.01
N ASN F 154 -21.39 12.96 -48.08
CA ASN F 154 -20.39 14.03 -48.05
C ASN F 154 -20.78 15.13 -47.06
N GLY F 155 -22.06 15.44 -46.97
CA GLY F 155 -22.51 16.61 -46.24
C GLY F 155 -22.74 17.84 -47.10
N THR F 156 -22.78 17.68 -48.42
CA THR F 156 -22.98 18.77 -49.36
C THR F 156 -24.32 18.67 -50.07
N TYR F 157 -25.36 18.27 -49.33
CA TYR F 157 -26.68 18.10 -49.92
C TYR F 157 -27.28 19.45 -50.29
N ASP F 158 -28.10 19.45 -51.34
CA ASP F 158 -28.72 20.65 -51.90
C ASP F 158 -30.22 20.54 -51.70
N TYR F 159 -30.72 21.18 -50.64
CA TYR F 159 -32.16 21.15 -50.36
C TYR F 159 -33.01 21.84 -51.41
N PRO F 160 -32.69 23.07 -51.87
CA PRO F 160 -33.62 23.76 -52.78
C PRO F 160 -33.89 23.02 -54.09
N GLN F 161 -32.92 22.28 -54.62
CA GLN F 161 -33.09 21.65 -55.92
C GLN F 161 -34.29 20.71 -55.94
N TYR F 162 -34.34 19.79 -54.99
CA TYR F 162 -35.40 18.78 -54.95
C TYR F 162 -36.56 19.19 -54.04
N SER F 163 -36.52 20.39 -53.47
CA SER F 163 -37.59 20.83 -52.59
C SER F 163 -38.89 21.04 -53.36
N GLU F 164 -38.82 21.76 -54.48
CA GLU F 164 -40.02 21.96 -55.31
C GLU F 164 -40.47 20.66 -55.93
N GLU F 165 -39.53 19.75 -56.23
CA GLU F 165 -39.90 18.43 -56.73
C GLU F 165 -40.57 17.60 -55.64
N ALA F 166 -40.12 17.74 -54.39
CA ALA F 166 -40.64 16.92 -53.30
C ALA F 166 -42.13 17.19 -53.05
N ARG F 167 -42.59 18.41 -53.34
CA ARG F 167 -44.00 18.74 -53.12
C ARG F 167 -44.91 18.01 -54.10
N LEU F 168 -44.38 17.55 -55.24
CA LEU F 168 -45.19 16.82 -56.21
C LEU F 168 -45.61 15.44 -55.72
N LYS F 169 -45.04 14.97 -54.61
CA LYS F 169 -45.40 13.69 -54.02
C LYS F 169 -45.81 13.77 -52.57
N ARG F 170 -45.64 14.93 -51.92
CA ARG F 170 -46.00 15.08 -50.52
C ARG F 170 -47.51 15.32 -50.36
N GLU F 171 -48.01 16.40 -50.94
CA GLU F 171 -49.42 16.73 -50.87
C GLU F 171 -50.24 16.11 -52.00
N GLU F 172 -49.60 15.81 -53.13
CA GLU F 172 -50.31 15.18 -54.24
C GLU F 172 -50.70 13.74 -53.90
N ILE F 173 -49.78 12.97 -53.34
CA ILE F 173 -50.02 11.57 -53.02
C ILE F 173 -50.74 11.53 -51.68
N SER F 174 -52.07 11.42 -51.71
CA SER F 174 -52.86 11.36 -50.49
C SER F 174 -53.49 9.99 -50.30
C1 GAL G . 57.66 12.27 22.25
C2 GAL G . 57.03 10.89 22.32
C3 GAL G . 55.68 10.93 23.07
C4 GAL G . 55.72 11.81 24.32
C5 GAL G . 56.58 13.08 24.16
C6 GAL G . 56.85 13.74 25.48
O1 GAL G . 58.91 12.19 21.66
O2 GAL G . 56.88 10.44 21.00
O3 GAL G . 55.36 9.61 23.44
O4 GAL G . 56.16 11.02 25.39
O5 GAL G . 57.81 12.79 23.56
O6 GAL G . 57.80 14.77 25.31
C1 NAG G . 54.57 8.81 22.50
C2 NAG G . 53.07 9.15 22.59
C3 NAG G . 52.31 8.08 21.80
C4 NAG G . 52.88 7.89 20.39
C5 NAG G . 54.42 7.95 20.35
C6 NAG G . 54.99 8.09 18.95
C7 NAG G . 51.90 10.25 24.47
C8 NAG G . 51.57 10.13 25.93
N2 NAG G . 52.64 9.24 23.96
O3 NAG G . 50.95 8.45 21.68
O4 NAG G . 52.41 6.65 19.93
O5 NAG G . 54.90 9.02 21.14
O6 NAG G . 54.52 7.04 18.15
O7 NAG G . 51.53 11.20 23.80
C1 GAL G . 50.10 7.85 22.68
C2 GAL G . 48.74 8.53 22.52
C3 GAL G . 47.70 7.93 23.45
C4 GAL G . 47.66 6.41 23.29
C5 GAL G . 49.09 5.90 23.50
C6 GAL G . 49.19 4.39 23.48
O2 GAL G . 48.91 9.90 22.78
O3 GAL G . 46.50 8.56 23.10
O4 GAL G . 47.15 6.12 22.01
O5 GAL G . 49.94 6.46 22.51
O6 GAL G . 49.13 3.91 22.15
C1 SIA G . 44.58 9.87 23.61
C2 SIA G . 45.73 8.97 24.25
C3 SIA G . 46.43 9.70 25.40
C4 SIA G . 45.44 10.08 26.50
C5 SIA G . 44.88 8.79 27.12
C6 SIA G . 44.29 7.88 26.00
C7 SIA G . 44.13 6.42 26.49
C8 SIA G . 43.64 5.53 25.33
C9 SIA G . 42.93 4.30 25.87
C10 SIA G . 43.58 8.34 29.20
C11 SIA G . 42.38 8.79 30.04
N5 SIA G . 43.80 9.06 28.07
O1A SIA G . 44.98 11.04 23.36
O1B SIA G . 43.45 9.36 23.41
O4 SIA G . 46.03 10.86 27.55
O6 SIA G . 45.13 7.78 24.85
O7 SIA G . 45.33 5.94 27.08
O8 SIA G . 42.80 6.29 24.47
O9 SIA G . 42.80 3.33 24.83
O10 SIA G . 44.27 7.39 29.55
C1 GLC H . 15.27 -11.27 66.54
C2 GLC H . 15.53 -9.82 66.18
C3 GLC H . 15.58 -9.59 64.68
C4 GLC H . 16.14 -10.74 63.85
C5 GLC H . 16.01 -12.12 64.50
C6 GLC H . 16.99 -13.12 63.89
O1 GLC H . 15.37 -11.44 67.93
O2 GLC H . 14.49 -9.03 66.70
O3 GLC H . 16.38 -8.44 64.45
O4 GLC H . 15.40 -10.81 62.64
O5 GLC H . 16.25 -12.06 65.90
O6 GLC H . 16.60 -13.39 62.56
C1 GAL H . 15.89 -9.92 61.61
C2 GAL H . 15.40 -10.50 60.29
C3 GAL H . 15.52 -9.52 59.12
C4 GAL H . 15.03 -8.12 59.50
C5 GAL H . 15.74 -7.69 60.78
C6 GAL H . 15.31 -6.31 61.22
O2 GAL H . 16.14 -11.67 60.04
O3 GAL H . 14.79 -10.08 58.06
O4 GAL H . 13.63 -8.17 59.64
O5 GAL H . 15.41 -8.61 61.81
O6 GAL H . 16.36 -5.69 61.93
C1 NAG H . 15.35 -9.78 56.77
C2 NAG H . 14.55 -10.59 55.74
C3 NAG H . 14.91 -10.20 54.30
C4 NAG H . 14.90 -8.69 54.12
C5 NAG H . 15.77 -8.05 55.21
C6 NAG H . 15.84 -6.54 55.13
C7 NAG H . 13.90 -12.78 56.67
C8 NAG H . 14.29 -14.23 56.76
N2 NAG H . 14.74 -12.00 55.95
O3 NAG H . 13.95 -10.80 53.47
O4 NAG H . 15.37 -8.40 52.83
O5 NAG H . 15.26 -8.40 56.47
O6 NAG H . 14.60 -5.99 55.51
O7 NAG H . 12.91 -12.34 57.23
C1 GAL H . 14.60 -11.66 52.51
C2 GAL H . 13.48 -12.25 51.65
C3 GAL H . 14.02 -13.06 50.47
C4 GAL H . 15.14 -12.31 49.72
C5 GAL H . 16.15 -11.75 50.73
C6 GAL H . 17.21 -10.91 50.07
O2 GAL H . 12.66 -13.05 52.46
O3 GAL H . 12.89 -13.31 49.66
O4 GAL H . 14.54 -11.29 48.94
O5 GAL H . 15.50 -10.95 51.70
O6 GAL H . 18.17 -10.53 51.02
C1 SIA H . 11.57 -14.62 48.15
C2 SIA H . 12.84 -14.63 49.11
C3 SIA H . 12.76 -15.79 50.11
C4 SIA H . 12.69 -17.15 49.42
C5 SIA H . 13.96 -17.35 48.60
C6 SIA H . 14.16 -16.15 47.64
C7 SIA H . 15.56 -16.13 46.99
C8 SIA H . 15.75 -14.83 46.18
C9 SIA H . 16.95 -14.96 45.27
C10 SIA H . 14.98 -19.38 47.58
C11 SIA H . 14.72 -20.55 46.64
N5 SIA H . 13.93 -18.55 47.76
O1A SIA H . 10.49 -14.73 48.79
O1B SIA H . 11.75 -14.49 46.91
O4 SIA H . 12.57 -18.25 50.33
O6 SIA H . 14.04 -14.89 48.29
O7 SIA H . 16.56 -16.31 47.98
O8 SIA H . 14.56 -14.55 45.45
O9 SIA H . 17.16 -13.72 44.59
O10 SIA H . 16.08 -19.22 48.11
C1 NAG I . 15.70 -40.13 19.90
C2 NAG I . 17.07 -40.00 19.22
C3 NAG I . 16.98 -40.53 17.79
C4 NAG I . 16.42 -41.95 17.75
C5 NAG I . 15.13 -42.04 18.56
C6 NAG I . 14.63 -43.45 18.69
C7 NAG I . 18.68 -38.19 19.67
C8 NAG I . 18.97 -36.73 19.44
N2 NAG I . 17.53 -38.64 19.14
O3 NAG I . 18.26 -40.45 17.21
O4 NAG I . 16.18 -42.23 16.39
O5 NAG I . 15.31 -41.48 19.85
O6 NAG I . 13.76 -43.58 19.79
O7 NAG I . 19.44 -38.89 20.32
C1 NAG I . 17.08 -43.22 15.89
C2 NAG I . 16.51 -43.73 14.55
C3 NAG I . 17.48 -44.67 13.86
C4 NAG I . 18.88 -44.07 13.79
C5 NAG I . 19.30 -43.63 15.20
C6 NAG I . 20.69 -43.04 15.27
C7 NAG I . 14.07 -43.75 14.86
C8 NAG I . 12.87 -44.64 15.10
N2 NAG I . 15.25 -44.39 14.77
O3 NAG I . 16.97 -44.96 12.58
O4 NAG I . 19.74 -45.05 13.26
O5 NAG I . 18.37 -42.69 15.68
O6 NAG I . 20.94 -42.22 14.15
O7 NAG I . 13.95 -42.53 14.77
C1 GLC J . 42.60 -51.12 18.73
C2 GLC J . 41.28 -51.76 19.11
C3 GLC J . 40.11 -50.90 18.64
C4 GLC J . 40.30 -49.41 18.97
C5 GLC J . 41.73 -48.94 18.78
C6 GLC J . 41.94 -47.58 19.42
O1 GLC J . 43.67 -51.92 19.18
O2 GLC J . 41.18 -53.04 18.52
O3 GLC J . 38.93 -51.37 19.25
O4 GLC J . 39.46 -48.66 18.13
O5 GLC J . 42.67 -49.84 19.33
O6 GLC J . 43.32 -47.26 19.43
C1 GAL J . 38.36 -48.08 18.86
C2 GAL J . 37.75 -46.99 17.97
C3 GAL J . 36.41 -46.49 18.52
C4 GAL J . 35.48 -47.62 18.95
C5 GAL J . 36.27 -48.57 19.86
C6 GAL J . 35.43 -49.73 20.32
O2 GAL J . 38.68 -45.94 17.88
O3 GAL J . 35.85 -45.69 17.50
O4 GAL J . 35.00 -48.26 17.80
O5 GAL J . 37.39 -49.06 19.16
O6 GAL J . 35.94 -50.22 21.54
C1 NAG J . 35.11 -44.57 18.01
C2 NAG J . 35.12 -43.48 16.93
C3 NAG J . 34.22 -42.30 17.29
C4 NAG J . 32.84 -42.81 17.70
C5 NAG J . 32.99 -43.86 18.81
C6 NAG J . 31.66 -44.42 19.27
C7 NAG J . 37.03 -43.00 15.44
C8 NAG J . 38.45 -42.51 15.40
N2 NAG J . 36.47 -43.03 16.67
O3 NAG J . 34.12 -41.50 16.14
O4 NAG J . 32.10 -41.69 18.14
O5 NAG J . 33.79 -44.92 18.32
O6 NAG J . 30.90 -44.82 18.16
O7 NAG J . 36.43 -43.33 14.43
C1 GAL J . 34.62 -40.17 16.37
C2 GAL J . 34.43 -39.40 15.07
C3 GAL J . 34.86 -37.95 15.23
C4 GAL J . 34.20 -37.30 16.45
C5 GAL J . 34.35 -38.21 17.68
C6 GAL J . 33.55 -37.71 18.86
O2 GAL J . 35.15 -40.05 14.06
O3 GAL J . 34.48 -37.35 14.02
O4 GAL J . 32.84 -37.05 16.14
O5 GAL J . 33.92 -39.53 17.41
O6 GAL J . 34.40 -37.22 19.86
C1 SIA J . 34.79 -35.91 12.14
C2 SIA J . 35.44 -36.42 13.48
C3 SIA J . 36.87 -36.94 13.26
C4 SIA J . 37.78 -35.85 12.68
C5 SIA J . 37.90 -34.73 13.72
C6 SIA J . 36.49 -34.22 14.11
C7 SIA J . 36.51 -33.39 15.41
C8 SIA J . 35.09 -33.00 15.87
C9 SIA J . 35.13 -31.73 16.69
C10 SIA J . 39.55 -32.88 14.01
C11 SIA J . 40.25 -31.71 13.32
N5 SIA J . 38.67 -33.59 13.24
O1A SIA J . 34.94 -36.74 11.20
O1B SIA J . 34.21 -34.80 12.12
O4 SIA J . 39.11 -36.32 12.38
O6 SIA J . 35.58 -35.28 14.41
O7 SIA J . 37.23 -34.08 16.43
O8 SIA J . 34.22 -32.89 14.74
O9 SIA J . 34.01 -31.68 17.57
O10 SIA J . 39.78 -33.14 15.19
C1 NAG K . 13.36 6.09 45.46
C2 NAG K . 13.28 4.57 45.77
C3 NAG K . 11.87 4.18 46.20
C4 NAG K . 11.40 5.07 47.36
C5 NAG K . 11.51 6.52 46.90
C6 NAG K . 11.02 7.49 47.96
C7 NAG K . 14.46 2.70 44.65
C8 NAG K . 15.05 2.35 45.99
N2 NAG K . 13.64 3.77 44.62
O3 NAG K . 11.87 2.82 46.56
O4 NAG K . 10.07 4.69 47.65
O5 NAG K . 12.84 6.80 46.57
O6 NAG K . 9.78 7.08 48.46
O7 NAG K . 14.72 2.04 43.66
C1 NAG L . 46.82 0.01 5.70
C2 NAG L . 46.75 0.85 6.98
C3 NAG L . 46.67 2.33 6.64
C4 NAG L . 47.81 2.74 5.72
C5 NAG L . 47.79 1.84 4.49
C6 NAG L . 48.94 2.11 3.54
C7 NAG L . 45.72 0.12 9.09
C8 NAG L . 44.40 -0.14 9.77
N2 NAG L . 45.62 0.53 7.81
O3 NAG L . 46.67 3.07 7.83
O4 NAG L . 47.62 4.09 5.39
O5 NAG L . 47.87 0.49 4.89
O6 NAG L . 50.06 1.37 3.95
O7 NAG L . 46.78 -0.02 9.67
#